data_4D0L
#
_entry.id   4D0L
#
_cell.length_a   102.795
_cell.length_b   146.925
_cell.length_c   188.335
_cell.angle_alpha   90.00
_cell.angle_beta   90.00
_cell.angle_gamma   90.00
#
_symmetry.space_group_name_H-M   'P 21 21 21'
#
loop_
_entity.id
_entity.type
_entity.pdbx_description
1 polymer 'PHOSPHATIDYLINOSITOL 4-KINASE BETA'
2 polymer 'RAS-RELATED PROTEIN RAB-11A'
3 non-polymer 'N-(5-(4-CHLORO-3-(2-HYDROXY-ETHYLSULFAMOYL)- PHENYLTHIAZOLE-2-YL)-ACETAMIDE'
4 non-polymer "5'-GUANOSINE-DIPHOSPHATE-MONOTHIOPHOSPHATE"
5 non-polymer 'MAGNESIUM ION'
6 water water
#
loop_
_entity_poly.entity_id
_entity_poly.type
_entity_poly.pdbx_seq_one_letter_code
_entity_poly.pdbx_strand_id
1 'polypeptide(L)'
;GSQNNSAKQSWLLRLFESKLFDISMAISYLYNSKEPGVQAYIGNRLFCFRNEDVDFYLPQLLNMYIHMDEDVGDAIKPYI
VHRCRQSINFSLQCALLLGAYSSDMHISTQRHSRGTKLRKLILSDELKPAHRKRELPSLSPAPDTGLSPSKRTHQRSKSD
ATASISLSSNLKRTAANPKVENEDEPVRLAPEREFIKSLMAIGKRLATLPTKEQKTQRLISELSLLNHKLPARVWLPTAG
FDHHVVRVPHTQAVVLNSKDKAPYLIYVEVLECENFDTTSVPARIPENRRDPEDPSAVALKEPWQEKVRRIREGSPYGHL
PNWRLLSVIVKCGDDLRQELLAFQVLKQLQSIWEQERVPLWIKPYKILVISADSGMIEPVVNAVSIHQVKKQSQLSLLDY
FLQEHGSYTTEAFLSAQRNFVQSCAGYCLVCYLLQVKDRHNGNILLDAEGHIIHIDFGFILSSSPRNLGFETSAFKLTTE
FVDVMGGLDGDMFNYYKMLMLQGLIAARKHMDKVVQIVEIMQQGSQLPCFHGSSTIRNLKERFHMSMTEEQLQLLVEQMV
DGSMRS
;
A,C,E
2 'polypeptide(L)'
;GSHMGTRDDEYDYLFKVVLIGDSGVGKSNLLSRFTRNEFNLESKSTIGVEFATRSIQVDGKTIKAQIWDTAGLERYRAIT
SAYYRGAVGALLVYDIAKHLTYENVERWLKELRDHADSNIVIMLVGNKSDLRHLRAVPTDEARAFAEKNGLSFIETSALD
STNVEAAFQTILTEIYRIVSQKQMSDRRENDMSPSNNVVPIHVPPTTENKPKVQCCQNI
;
B,D,F
#
# COMPACT_ATOMS: atom_id res chain seq x y z
N SER A 10 -9.20 8.78 7.77
CA SER A 10 -8.33 7.92 8.65
C SER A 10 -7.13 7.28 7.93
N TRP A 11 -7.09 7.26 6.59
CA TRP A 11 -6.03 6.54 5.84
C TRP A 11 -4.64 7.18 6.00
N LEU A 12 -4.62 8.50 6.16
CA LEU A 12 -3.38 9.21 6.39
C LEU A 12 -2.87 8.89 7.78
N LEU A 13 -3.67 9.18 8.80
CA LEU A 13 -3.32 8.84 10.18
C LEU A 13 -2.92 7.37 10.34
N ARG A 14 -3.49 6.51 9.49
CA ARG A 14 -3.13 5.11 9.49
C ARG A 14 -1.68 4.97 9.18
N LEU A 15 -1.27 5.61 8.09
CA LEU A 15 0.12 5.56 7.65
C LEU A 15 1.06 6.09 8.73
N PHE A 16 0.75 7.28 9.25
CA PHE A 16 1.56 7.93 10.29
C PHE A 16 1.74 7.04 11.54
N GLU A 17 0.76 6.17 11.78
CA GLU A 17 0.86 5.27 12.93
C GLU A 17 1.43 3.92 12.55
N SER A 18 1.73 3.73 11.27
CA SER A 18 2.29 2.47 10.79
C SER A 18 3.81 2.45 10.98
N LYS A 19 4.38 1.28 10.71
CA LYS A 19 5.82 1.07 10.84
C LYS A 19 6.59 1.90 9.81
N LEU A 20 5.96 2.12 8.67
CA LEU A 20 6.52 2.92 7.61
C LEU A 20 6.89 4.33 8.04
N PHE A 21 6.35 4.83 9.15
CA PHE A 21 6.60 6.20 9.52
C PHE A 21 7.97 6.26 10.14
N ASP A 22 8.88 6.94 9.47
CA ASP A 22 10.17 7.28 10.01
C ASP A 22 10.42 8.78 9.85
N ILE A 23 11.46 9.27 10.50
CA ILE A 23 11.80 10.69 10.47
C ILE A 23 11.81 11.26 9.02
N SER A 24 12.20 10.44 8.03
CA SER A 24 12.19 10.89 6.62
C SER A 24 10.79 11.25 6.20
N MET A 25 9.89 10.28 6.32
CA MET A 25 8.48 10.49 5.96
C MET A 25 7.96 11.69 6.71
N ALA A 26 8.28 11.77 7.99
CA ALA A 26 7.84 12.91 8.82
C ALA A 26 8.23 14.23 8.16
N ILE A 27 9.49 14.35 7.81
CA ILE A 27 10.00 15.58 7.26
C ILE A 27 9.35 15.89 5.94
N SER A 28 9.12 14.85 5.15
CA SER A 28 8.53 14.99 3.82
C SER A 28 7.15 15.61 3.90
N TYR A 29 6.33 15.07 4.80
CA TYR A 29 4.95 15.55 4.99
C TYR A 29 4.97 16.93 5.55
N LEU A 30 5.84 17.15 6.50
CA LEU A 30 6.02 18.45 7.08
C LEU A 30 6.35 19.47 5.99
N TYR A 31 7.18 19.05 5.04
CA TYR A 31 7.65 19.94 3.99
C TYR A 31 6.56 20.23 3.00
N ASN A 32 5.72 19.24 2.74
CA ASN A 32 4.75 19.31 1.62
C ASN A 32 3.34 19.68 2.02
N SER A 33 2.81 19.03 3.06
CA SER A 33 1.45 19.25 3.52
C SER A 33 1.18 20.71 3.83
N LYS A 34 0.04 21.20 3.35
CA LYS A 34 -0.41 22.57 3.63
C LYS A 34 -1.43 22.56 4.78
N GLU A 35 -1.72 21.38 5.32
CA GLU A 35 -2.69 21.21 6.39
C GLU A 35 -2.07 21.53 7.74
N PRO A 36 -2.58 22.56 8.43
CA PRO A 36 -1.96 22.87 9.72
C PRO A 36 -2.12 21.76 10.76
N GLY A 37 -3.13 20.91 10.59
CA GLY A 37 -3.37 19.82 11.53
C GLY A 37 -2.31 18.74 11.44
N VAL A 38 -1.78 18.60 10.24
CA VAL A 38 -0.75 17.63 9.99
C VAL A 38 0.58 18.16 10.51
N GLN A 39 0.83 19.42 10.18
CA GLN A 39 2.02 20.10 10.64
C GLN A 39 2.15 19.94 12.16
N ALA A 40 1.09 20.26 12.88
CA ALA A 40 1.08 20.13 14.35
C ALA A 40 1.22 18.69 14.81
N TYR A 41 0.53 17.78 14.15
CA TYR A 41 0.64 16.37 14.48
C TYR A 41 2.08 15.88 14.34
N ILE A 42 2.79 16.36 13.32
CA ILE A 42 4.16 15.89 13.08
C ILE A 42 5.10 16.58 14.03
N GLY A 43 4.92 17.90 14.18
CA GLY A 43 5.63 18.64 15.22
C GLY A 43 5.66 17.89 16.55
N ASN A 44 4.53 17.29 16.92
CA ASN A 44 4.47 16.50 18.16
C ASN A 44 5.15 15.17 18.02
N ARG A 45 5.06 14.53 16.86
CA ARG A 45 5.64 13.17 16.70
C ARG A 45 7.15 13.16 16.69
N LEU A 46 7.78 14.30 16.43
CA LEU A 46 9.24 14.38 16.46
C LEU A 46 9.79 13.90 17.80
N PHE A 47 9.09 14.24 18.87
CA PHE A 47 9.55 13.87 20.21
C PHE A 47 9.66 12.36 20.33
N CYS A 48 8.81 11.65 19.62
CA CYS A 48 8.82 10.20 19.72
C CYS A 48 10.07 9.55 19.07
N PHE A 49 10.72 10.22 18.10
CA PHE A 49 11.86 9.62 17.36
C PHE A 49 13.17 9.66 18.13
N ARG A 50 14.12 8.79 17.74
CA ARG A 50 15.44 8.78 18.36
C ARG A 50 16.25 10.00 17.96
N ASN A 51 16.87 10.62 18.95
CA ASN A 51 17.68 11.83 18.74
C ASN A 51 18.66 11.77 17.58
N GLU A 52 19.32 10.62 17.45
CA GLU A 52 20.38 10.43 16.46
C GLU A 52 19.75 10.54 15.07
N ASP A 53 18.56 9.97 14.93
CA ASP A 53 17.93 9.88 13.61
C ASP A 53 17.51 11.28 13.17
N VAL A 54 16.98 12.05 14.12
CA VAL A 54 16.48 13.39 13.82
C VAL A 54 17.62 14.35 13.62
N ASP A 55 18.67 14.14 14.42
CA ASP A 55 19.90 14.95 14.35
C ASP A 55 20.43 15.12 12.93
N PHE A 56 20.45 14.01 12.19
CA PHE A 56 20.94 13.99 10.84
C PHE A 56 20.23 15.01 9.98
N TYR A 57 18.99 15.35 10.36
CA TYR A 57 18.16 16.26 9.57
C TYR A 57 18.07 17.68 10.10
N LEU A 58 18.90 18.00 11.10
CA LEU A 58 18.81 19.31 11.71
C LEU A 58 18.93 20.44 10.70
N PRO A 59 19.78 20.29 9.67
CA PRO A 59 19.89 21.41 8.73
C PRO A 59 18.60 21.63 7.95
N GLN A 60 17.90 20.55 7.68
CA GLN A 60 16.67 20.62 6.92
C GLN A 60 15.62 21.26 7.78
N LEU A 61 15.41 20.72 8.98
CA LEU A 61 14.44 21.30 9.92
C LEU A 61 14.66 22.80 10.07
N LEU A 62 15.88 23.20 10.37
CA LEU A 62 16.17 24.62 10.57
C LEU A 62 16.03 25.47 9.30
N ASN A 63 16.30 24.87 8.14
CA ASN A 63 16.14 25.62 6.91
C ASN A 63 14.66 25.91 6.68
N MET A 64 13.84 24.87 6.81
CA MET A 64 12.40 24.99 6.76
C MET A 64 11.89 26.08 7.73
N TYR A 65 12.30 25.97 8.99
CA TYR A 65 11.97 26.97 10.02
C TYR A 65 12.20 28.40 9.54
N ILE A 66 13.37 28.63 8.96
CA ILE A 66 13.74 29.95 8.50
C ILE A 66 12.90 30.39 7.30
N HIS A 67 12.82 29.55 6.29
CA HIS A 67 12.37 30.01 4.98
C HIS A 67 10.95 29.66 4.63
N MET A 68 10.28 28.93 5.50
CA MET A 68 8.93 28.45 5.23
C MET A 68 7.89 29.21 6.03
N ASP A 69 6.62 28.96 5.72
CA ASP A 69 5.50 29.58 6.43
C ASP A 69 5.57 29.41 7.93
N GLU A 70 5.07 30.43 8.62
CA GLU A 70 5.14 30.48 10.06
C GLU A 70 4.55 29.22 10.69
N ASP A 71 3.42 28.75 10.17
CA ASP A 71 2.81 27.50 10.64
C ASP A 71 3.84 26.37 10.75
N VAL A 72 4.71 26.27 9.74
CA VAL A 72 5.69 25.17 9.67
C VAL A 72 6.76 25.35 10.75
N GLY A 73 7.33 26.54 10.79
CA GLY A 73 8.22 26.93 11.87
C GLY A 73 7.65 26.62 13.26
N ASP A 74 6.41 27.07 13.53
CA ASP A 74 5.83 26.91 14.88
C ASP A 74 5.63 25.45 15.30
N ALA A 75 5.49 24.56 14.33
CA ALA A 75 5.33 23.13 14.59
C ALA A 75 6.66 22.47 14.96
N ILE A 76 7.72 23.01 14.37
CA ILE A 76 9.09 22.53 14.60
C ILE A 76 9.68 23.02 15.92
N LYS A 77 9.38 24.26 16.28
CA LYS A 77 10.08 24.97 17.36
C LYS A 77 10.12 24.24 18.70
N PRO A 78 8.96 23.80 19.18
CA PRO A 78 8.92 23.16 20.51
C PRO A 78 9.93 22.04 20.69
N TYR A 79 10.02 21.18 19.68
CA TYR A 79 10.97 20.07 19.69
C TYR A 79 12.39 20.57 19.76
N ILE A 80 12.66 21.60 18.97
CA ILE A 80 14.00 22.15 18.90
C ILE A 80 14.39 22.68 20.25
N VAL A 81 13.53 23.54 20.78
CA VAL A 81 13.76 24.12 22.11
C VAL A 81 13.98 22.99 23.13
N HIS A 82 13.14 21.97 23.09
CA HIS A 82 13.33 20.81 23.95
C HIS A 82 14.74 20.20 23.84
N ARG A 83 15.21 19.97 22.62
CA ARG A 83 16.54 19.37 22.43
C ARG A 83 17.62 20.32 22.95
N CYS A 84 17.47 21.60 22.59
CA CYS A 84 18.38 22.65 23.02
C CYS A 84 18.56 22.70 24.52
N ARG A 85 17.49 22.39 25.25
CA ARG A 85 17.53 22.43 26.71
C ARG A 85 18.26 21.24 27.33
N GLN A 86 18.42 20.15 26.57
CA GLN A 86 19.00 18.96 27.15
C GLN A 86 20.43 18.70 26.64
N SER A 87 20.92 19.56 25.75
CA SER A 87 22.24 19.38 25.18
C SER A 87 22.76 20.73 24.70
N ILE A 88 23.90 21.17 25.27
CA ILE A 88 24.43 22.47 24.81
C ILE A 88 25.08 22.30 23.48
N ASN A 89 25.60 21.09 23.21
CA ASN A 89 26.09 20.78 21.89
C ASN A 89 25.01 21.09 20.88
N PHE A 90 23.84 20.48 21.10
CA PHE A 90 22.67 20.73 20.25
C PHE A 90 22.37 22.22 20.12
N SER A 91 22.34 22.93 21.25
CA SER A 91 22.10 24.36 21.26
C SER A 91 23.07 25.06 20.30
N LEU A 92 24.34 24.69 20.44
CA LEU A 92 25.39 25.34 19.67
C LEU A 92 25.12 25.20 18.18
N GLN A 93 24.87 23.98 17.74
CA GLN A 93 24.70 23.71 16.32
C GLN A 93 23.48 24.42 15.77
N CYS A 94 22.41 24.45 16.57
CA CYS A 94 21.25 25.25 16.22
C CYS A 94 21.64 26.68 16.03
N ALA A 95 22.28 27.27 17.04
CA ALA A 95 22.61 28.70 16.94
C ALA A 95 23.51 28.96 15.71
N LEU A 96 24.52 28.13 15.52
CA LEU A 96 25.41 28.29 14.38
C LEU A 96 24.71 28.15 13.02
N LEU A 97 23.88 27.11 12.90
CA LEU A 97 23.09 26.89 11.67
C LEU A 97 22.03 27.97 11.38
N LEU A 98 21.29 28.35 12.41
CA LEU A 98 20.33 29.44 12.28
C LEU A 98 20.97 30.68 11.68
N GLY A 99 22.13 31.04 12.19
CA GLY A 99 22.82 32.25 11.71
C GLY A 99 23.30 32.08 10.28
N ALA A 100 23.96 30.96 10.03
CA ALA A 100 24.54 30.65 8.73
C ALA A 100 23.52 30.63 7.60
N TYR A 101 22.33 30.11 7.88
CA TYR A 101 21.30 29.92 6.84
C TYR A 101 20.30 31.09 6.65
N SER A 102 20.65 32.30 7.11
CA SER A 102 19.84 33.49 6.85
C SER A 102 20.68 34.74 6.65
N SER A 103 20.95 35.10 5.39
CA SER A 103 21.72 36.34 5.08
C SER A 103 21.47 36.94 3.71
N ARG A 114 13.32 35.82 11.40
CA ARG A 114 12.80 34.50 11.77
C ARG A 114 13.83 33.64 12.49
N GLY A 115 15.02 33.55 11.90
CA GLY A 115 16.10 32.81 12.52
C GLY A 115 16.53 33.53 13.78
N THR A 116 16.76 34.82 13.63
CA THR A 116 17.45 35.65 14.60
C THR A 116 16.79 35.67 15.98
N LYS A 117 15.47 35.81 16.04
CA LYS A 117 14.83 35.80 17.34
C LYS A 117 15.17 34.59 18.20
N LEU A 118 15.20 33.40 17.60
CA LEU A 118 15.39 32.15 18.35
C LEU A 118 16.87 31.92 18.66
N ARG A 119 17.72 32.30 17.72
CA ARG A 119 19.16 32.20 17.89
C ARG A 119 19.60 32.94 19.14
N LYS A 120 19.14 34.19 19.23
CA LYS A 120 19.42 35.04 20.40
C LYS A 120 18.93 34.41 21.66
N LEU A 121 17.76 33.79 21.58
CA LEU A 121 17.18 33.11 22.72
C LEU A 121 18.00 31.86 23.13
N ILE A 122 18.56 31.16 22.15
CA ILE A 122 19.38 29.96 22.43
C ILE A 122 20.73 30.37 23.00
N LEU A 123 21.35 31.37 22.40
CA LEU A 123 22.62 31.89 22.90
C LEU A 123 22.47 32.45 24.32
N SER A 124 21.30 33.01 24.63
CA SER A 124 20.95 33.39 26.02
C SER A 124 20.68 32.15 26.87
N ARG A 188 27.71 31.23 29.71
CA ARG A 188 26.78 30.15 29.35
C ARG A 188 27.30 29.20 28.24
N LEU A 189 27.53 29.77 27.07
CA LEU A 189 28.26 29.15 25.97
C LEU A 189 29.52 29.96 25.63
N ALA A 190 29.79 30.99 26.43
CA ALA A 190 30.86 31.93 26.13
C ALA A 190 32.22 31.26 25.94
N PRO A 191 32.56 30.30 26.84
CA PRO A 191 33.85 29.61 26.67
C PRO A 191 34.05 29.04 25.27
N GLU A 192 33.05 28.30 24.80
CA GLU A 192 33.11 27.67 23.48
C GLU A 192 33.14 28.72 22.36
N ARG A 193 32.23 29.67 22.43
CA ARG A 193 32.14 30.68 21.40
C ARG A 193 33.39 31.54 21.29
N GLU A 194 34.06 31.75 22.42
CA GLU A 194 35.30 32.52 22.45
C GLU A 194 36.46 31.64 21.94
N PHE A 195 36.45 30.38 22.34
CA PHE A 195 37.40 29.39 21.80
C PHE A 195 37.34 29.40 20.28
N ILE A 196 36.14 29.38 19.72
CA ILE A 196 35.97 29.30 18.28
C ILE A 196 36.35 30.61 17.61
N LYS A 197 35.93 31.71 18.23
CA LYS A 197 36.27 33.04 17.74
C LYS A 197 37.78 33.18 17.65
N SER A 198 38.48 32.74 18.71
CA SER A 198 39.92 32.85 18.72
C SER A 198 40.54 32.00 17.60
N LEU A 199 40.09 30.76 17.45
CA LEU A 199 40.57 29.91 16.34
C LEU A 199 40.34 30.59 14.98
N MET A 200 39.15 31.14 14.82
CA MET A 200 38.84 31.88 13.60
C MET A 200 39.76 33.07 13.45
N ALA A 201 39.94 33.80 14.56
CA ALA A 201 40.73 35.03 14.58
C ALA A 201 42.18 34.77 14.19
N ILE A 202 42.77 33.75 14.78
CA ILE A 202 44.10 33.26 14.40
C ILE A 202 44.24 33.12 12.90
N GLY A 203 43.37 32.33 12.30
CA GLY A 203 43.44 32.04 10.87
C GLY A 203 43.45 33.29 10.01
N LYS A 204 42.65 34.29 10.39
CA LYS A 204 42.54 35.53 9.60
C LYS A 204 43.84 36.35 9.62
N ARG A 205 44.57 36.23 10.74
CA ARG A 205 45.83 36.95 10.91
C ARG A 205 46.93 36.44 10.00
N LEU A 206 46.97 35.13 9.75
CA LEU A 206 48.01 34.53 8.89
C LEU A 206 48.04 35.06 7.44
N ALA A 207 47.04 35.85 7.04
CA ALA A 207 46.96 36.42 5.69
C ALA A 207 48.15 37.28 5.34
N THR A 208 48.72 37.95 6.32
CA THR A 208 49.89 38.79 6.12
C THR A 208 51.19 38.00 5.91
N LEU A 209 51.22 36.70 6.18
CA LEU A 209 52.43 35.91 5.93
C LEU A 209 52.37 35.10 4.63
N PRO A 210 53.13 35.51 3.62
CA PRO A 210 52.95 35.01 2.27
C PRO A 210 53.44 33.60 2.01
N THR A 211 54.12 32.98 2.96
CA THR A 211 54.52 31.62 2.72
C THR A 211 53.90 30.65 3.72
N LYS A 212 53.66 29.43 3.24
CA LYS A 212 53.11 28.34 4.04
C LYS A 212 53.89 28.21 5.36
N GLU A 213 55.20 28.04 5.21
CA GLU A 213 56.10 27.87 6.32
C GLU A 213 56.09 29.02 7.37
N GLN A 214 56.04 30.27 6.90
CA GLN A 214 55.95 31.42 7.80
C GLN A 214 54.63 31.40 8.57
N LYS A 215 53.56 31.05 7.85
CA LYS A 215 52.22 30.95 8.43
C LYS A 215 52.23 29.90 9.52
N THR A 216 52.75 28.72 9.18
CA THR A 216 52.86 27.63 10.17
C THR A 216 53.57 28.10 11.43
N GLN A 217 54.68 28.81 11.30
CA GLN A 217 55.38 29.33 12.47
C GLN A 217 54.50 30.20 13.35
N ARG A 218 53.77 31.12 12.73
CA ARG A 218 52.91 32.02 13.53
C ARG A 218 51.74 31.27 14.14
N LEU A 219 51.25 30.27 13.41
CA LEU A 219 50.13 29.47 13.89
C LEU A 219 50.53 28.80 15.17
N ILE A 220 51.65 28.09 15.10
CA ILE A 220 52.17 27.31 16.22
C ILE A 220 52.33 28.18 17.43
N SER A 221 52.96 29.34 17.24
CA SER A 221 53.15 30.25 18.34
C SER A 221 51.78 30.61 18.94
N GLU A 222 50.86 31.03 18.07
CA GLU A 222 49.57 31.57 18.52
C GLU A 222 48.63 30.52 19.12
N LEU A 223 48.72 29.28 18.66
CA LEU A 223 48.01 28.17 19.28
C LEU A 223 48.43 27.87 20.72
N SER A 224 49.71 28.07 21.04
CA SER A 224 50.23 27.80 22.37
C SER A 224 49.55 28.66 23.43
N LEU A 225 49.09 29.86 23.03
CA LEU A 225 48.42 30.79 23.93
C LEU A 225 47.05 30.29 24.37
N LEU A 226 46.45 29.43 23.54
CA LEU A 226 45.15 28.84 23.87
C LEU A 226 45.21 27.91 25.08
N ASN A 227 46.36 27.27 25.28
CA ASN A 227 46.51 26.35 26.40
C ASN A 227 46.46 27.08 27.73
N HIS A 228 46.77 28.37 27.70
CA HIS A 228 46.67 29.21 28.89
C HIS A 228 45.25 29.24 29.42
N LYS A 229 44.27 28.93 28.57
CA LYS A 229 42.86 28.95 28.96
C LYS A 229 42.24 27.56 29.12
N LEU A 230 43.05 26.52 29.07
CA LEU A 230 42.56 25.16 29.08
C LEU A 230 43.01 24.43 30.33
N PRO A 231 42.20 23.47 30.81
CA PRO A 231 40.95 23.00 30.21
C PRO A 231 39.76 23.88 30.58
N ALA A 232 38.72 23.83 29.76
CA ALA A 232 37.52 24.67 29.96
C ALA A 232 36.22 23.96 29.51
N ARG A 233 35.08 24.65 29.67
CA ARG A 233 33.79 24.15 29.18
C ARG A 233 33.72 24.35 27.64
N VAL A 234 34.55 23.55 26.95
CA VAL A 234 34.75 23.68 25.52
C VAL A 234 34.93 22.29 24.89
N TRP A 235 34.40 22.12 23.69
CA TRP A 235 34.43 20.85 22.98
C TRP A 235 34.45 21.06 21.47
N LEU A 236 34.76 19.98 20.78
CA LEU A 236 34.75 19.91 19.35
C LEU A 236 33.48 19.16 18.92
N PRO A 237 32.47 19.91 18.40
CA PRO A 237 31.24 19.30 17.90
C PRO A 237 31.43 18.17 16.89
N THR A 238 32.56 18.17 16.17
CA THR A 238 32.88 17.17 15.18
C THR A 238 33.27 15.79 15.78
N ALA A 239 33.35 15.70 17.10
CA ALA A 239 33.78 14.46 17.74
C ALA A 239 32.66 13.45 17.92
N GLY A 240 32.98 12.19 17.69
CA GLY A 240 31.99 11.12 17.89
C GLY A 240 31.34 11.00 19.27
N PHE A 241 31.93 11.66 20.27
CA PHE A 241 31.58 11.40 21.67
C PHE A 241 31.55 12.68 22.47
N ASP A 242 31.15 12.58 23.72
CA ASP A 242 31.14 13.72 24.62
C ASP A 242 32.49 13.83 25.22
N HIS A 243 32.92 15.06 25.48
CA HIS A 243 34.27 15.27 25.97
C HIS A 243 34.52 16.69 26.47
N HIS A 244 35.67 16.85 27.10
CA HIS A 244 36.25 18.15 27.39
C HIS A 244 37.60 18.25 26.67
N VAL A 245 37.85 19.42 26.09
CA VAL A 245 39.18 19.77 25.54
C VAL A 245 40.12 20.21 26.65
N VAL A 246 41.28 19.59 26.68
CA VAL A 246 42.27 19.85 27.74
C VAL A 246 43.52 20.59 27.24
N ARG A 247 43.98 20.27 26.03
CA ARG A 247 45.29 20.67 25.56
C ARG A 247 45.45 20.71 24.03
N VAL A 248 46.20 21.68 23.54
CA VAL A 248 46.51 21.79 22.12
C VAL A 248 48.02 21.59 21.89
N PRO A 249 48.44 20.46 21.30
CA PRO A 249 49.84 20.22 20.96
C PRO A 249 50.27 21.08 19.78
N HIS A 250 50.42 22.38 20.08
CA HIS A 250 50.66 23.42 19.08
C HIS A 250 51.82 23.14 18.12
N THR A 251 52.89 22.51 18.60
CA THR A 251 54.03 22.21 17.71
C THR A 251 53.61 21.31 16.55
N GLN A 252 52.50 20.59 16.71
CA GLN A 252 52.07 19.64 15.69
C GLN A 252 51.17 20.23 14.59
N ALA A 253 50.61 21.41 14.86
CA ALA A 253 49.72 22.07 13.91
C ALA A 253 50.46 22.54 12.65
N VAL A 254 49.75 22.53 11.53
CA VAL A 254 50.33 22.89 10.25
C VAL A 254 49.32 23.61 9.38
N VAL A 255 49.82 24.52 8.54
CA VAL A 255 49.00 25.28 7.61
C VAL A 255 49.11 24.62 6.27
N LEU A 256 47.99 24.56 5.55
CA LEU A 256 47.84 23.66 4.40
C LEU A 256 48.14 24.26 3.04
N ASN A 257 48.05 25.57 2.89
CA ASN A 257 48.50 26.26 1.66
C ASN A 257 48.99 27.68 1.91
N SER A 258 49.45 28.33 0.85
CA SER A 258 50.01 29.67 0.92
C SER A 258 48.97 30.71 0.65
N LYS A 259 47.70 30.30 0.54
CA LYS A 259 46.62 31.22 0.18
C LYS A 259 46.29 32.27 1.26
N ASP A 260 45.56 33.32 0.83
CA ASP A 260 45.26 34.50 1.68
C ASP A 260 44.44 34.10 2.90
N LYS A 261 43.47 33.21 2.66
CA LYS A 261 42.64 32.69 3.74
C LYS A 261 42.85 31.17 3.85
N ALA A 262 44.11 30.81 4.08
CA ALA A 262 44.56 29.43 4.11
C ALA A 262 43.90 28.71 5.24
N PRO A 263 43.49 27.47 5.01
CA PRO A 263 43.00 26.64 6.08
C PRO A 263 44.18 26.04 6.83
N TYR A 264 43.94 25.63 8.08
CA TYR A 264 45.00 25.05 8.86
C TYR A 264 44.52 23.90 9.68
N LEU A 265 45.38 22.90 9.80
CA LEU A 265 45.03 21.64 10.46
C LEU A 265 45.59 21.66 11.86
N ILE A 266 44.81 21.24 12.84
CA ILE A 266 45.32 21.16 14.22
C ILE A 266 44.96 19.86 14.89
N TYR A 267 45.81 19.46 15.85
CA TYR A 267 45.49 18.33 16.72
C TYR A 267 45.06 18.84 18.09
N VAL A 268 44.04 18.19 18.65
CA VAL A 268 43.43 18.59 19.92
C VAL A 268 43.35 17.40 20.87
N GLU A 269 43.70 17.64 22.13
CA GLU A 269 43.60 16.62 23.17
C GLU A 269 42.31 16.80 23.96
N VAL A 270 41.70 15.67 24.30
CA VAL A 270 40.43 15.65 25.02
C VAL A 270 40.36 14.51 26.02
N LEU A 271 39.53 14.73 27.03
CA LEU A 271 39.13 13.68 27.95
C LEU A 271 37.67 13.30 27.82
N GLU A 272 37.43 12.04 27.46
CA GLU A 272 36.07 11.57 27.16
C GLU A 272 35.11 11.69 28.35
N CYS A 273 33.85 11.97 28.03
CA CYS A 273 32.78 11.96 29.00
C CYS A 273 31.82 10.82 28.67
N GLU A 274 30.96 10.48 29.63
CA GLU A 274 29.74 9.73 29.31
C GLU A 274 28.60 10.73 29.11
N ASN A 275 28.59 11.79 29.90
CA ASN A 275 27.72 12.92 29.62
C ASN A 275 28.39 14.26 29.94
N PHE A 276 28.48 15.12 28.94
CA PHE A 276 29.01 16.46 29.10
C PHE A 276 28.28 17.39 30.04
N ASP A 277 26.97 17.36 29.96
CA ASP A 277 26.16 18.41 30.52
C ASP A 277 26.12 18.40 32.03
N THR A 278 26.54 17.29 32.64
CA THR A 278 26.46 17.11 34.08
C THR A 278 27.81 16.83 34.72
N THR A 279 28.93 17.07 34.03
CA THR A 279 30.24 16.58 34.56
C THR A 279 31.39 17.58 34.53
N SER A 280 32.44 17.23 35.27
CA SER A 280 33.79 17.78 35.19
C SER A 280 33.96 19.30 34.99
N VAL A 281 34.37 19.64 33.76
CA VAL A 281 35.58 20.43 33.48
C VAL A 281 36.81 19.97 34.31
N PRO A 282 37.66 19.08 33.72
CA PRO A 282 38.82 18.54 34.47
C PRO A 282 39.80 19.63 34.95
N ALA A 283 40.75 19.26 35.81
CA ALA A 283 41.67 20.24 36.38
C ALA A 283 42.95 20.32 35.56
N ARG A 284 43.54 21.51 35.53
CA ARG A 284 44.77 21.76 34.78
C ARG A 284 45.90 20.89 35.34
N ILE A 285 46.78 20.43 34.45
CA ILE A 285 48.00 19.74 34.82
C ILE A 285 49.17 20.51 34.17
N PRO A 286 50.11 21.01 35.00
CA PRO A 286 50.88 22.14 34.50
C PRO A 286 51.89 21.95 33.36
N GLU A 287 52.36 20.72 33.07
CA GLU A 287 53.17 20.48 31.84
C GLU A 287 54.70 20.64 31.90
N ASN A 288 55.35 20.29 30.79
CA ASN A 288 56.66 20.84 30.42
C ASN A 288 56.62 21.33 28.96
N PRO A 295 61.13 17.03 21.19
CA PRO A 295 61.04 15.56 21.21
C PRO A 295 59.62 15.03 20.84
N SER A 296 58.67 15.30 21.73
CA SER A 296 57.28 15.21 21.39
C SER A 296 57.01 16.45 20.56
N ALA A 297 57.86 17.48 20.68
CA ALA A 297 57.62 18.75 20.00
C ALA A 297 57.90 18.69 18.50
N VAL A 298 58.76 17.77 18.07
CA VAL A 298 59.15 17.75 16.66
C VAL A 298 58.00 17.19 15.78
N ALA A 299 57.79 17.80 14.62
CA ALA A 299 56.67 17.44 13.75
C ALA A 299 57.15 16.85 12.43
N LEU A 300 56.74 15.63 12.09
CA LEU A 300 57.08 15.10 10.73
C LEU A 300 56.03 14.18 10.12
N LYS A 301 56.20 13.96 8.83
CA LYS A 301 55.37 13.03 8.08
C LYS A 301 55.48 11.62 8.69
N GLU A 302 54.40 11.18 9.34
CA GLU A 302 54.34 9.88 10.02
C GLU A 302 52.88 9.41 10.11
N PRO A 303 52.62 8.09 10.11
CA PRO A 303 51.28 7.53 10.34
C PRO A 303 50.54 8.06 11.57
N TRP A 304 49.23 7.85 11.60
CA TRP A 304 48.37 8.45 12.61
C TRP A 304 48.68 7.90 14.01
N GLN A 305 48.85 6.58 14.12
CA GLN A 305 49.10 5.95 15.43
C GLN A 305 50.48 6.28 16.01
N GLU A 306 51.44 6.50 15.13
CA GLU A 306 52.77 6.96 15.55
C GLU A 306 52.69 8.40 16.06
N LYS A 307 51.80 9.19 15.48
CA LYS A 307 51.64 10.58 15.91
C LYS A 307 50.89 10.68 17.24
N VAL A 308 49.93 9.79 17.45
CA VAL A 308 49.21 9.76 18.71
C VAL A 308 50.17 9.36 19.84
N ARG A 309 50.98 8.34 19.58
CA ARG A 309 52.02 7.88 20.52
C ARG A 309 52.86 9.05 21.02
N ARG A 310 53.48 9.75 20.07
CA ARG A 310 54.39 10.86 20.34
C ARG A 310 53.73 11.98 21.13
N ILE A 311 52.52 12.34 20.75
CA ILE A 311 51.82 13.43 21.42
C ILE A 311 51.40 13.01 22.82
N ARG A 312 50.91 11.79 22.93
CA ARG A 312 50.39 11.26 24.19
C ARG A 312 51.50 11.23 25.21
N GLU A 313 52.60 10.60 24.81
CA GLU A 313 53.80 10.42 25.64
C GLU A 313 54.36 11.75 26.15
N GLY A 314 54.30 12.80 25.33
CA GLY A 314 54.70 14.13 25.76
C GLY A 314 53.66 14.85 26.61
N SER A 315 52.41 14.40 26.60
CA SER A 315 51.33 15.18 27.21
C SER A 315 51.15 14.96 28.70
N PRO A 316 50.90 16.04 29.44
CA PRO A 316 50.50 15.92 30.86
C PRO A 316 49.38 14.91 31.11
N TYR A 317 48.37 14.95 30.24
CA TYR A 317 47.16 14.14 30.41
C TYR A 317 47.26 12.73 29.78
N GLY A 318 48.37 12.46 29.10
CA GLY A 318 48.49 11.27 28.23
C GLY A 318 48.32 9.94 28.94
N HIS A 319 48.68 9.90 30.21
CA HIS A 319 48.57 8.68 31.05
C HIS A 319 47.14 8.20 31.29
N LEU A 320 46.18 9.13 31.31
CA LEU A 320 44.79 8.80 31.62
C LEU A 320 44.18 7.89 30.56
N PRO A 321 43.32 6.96 30.98
CA PRO A 321 42.62 6.07 30.03
C PRO A 321 41.54 6.80 29.26
N ASN A 322 41.15 7.91 29.87
CA ASN A 322 40.11 8.82 29.47
C ASN A 322 40.49 9.65 28.22
N TRP A 323 41.76 9.55 27.81
CA TRP A 323 42.40 10.51 26.90
C TRP A 323 42.29 10.05 25.47
N ARG A 324 41.91 10.99 24.59
CA ARG A 324 41.84 10.74 23.16
C ARG A 324 42.28 11.97 22.36
N LEU A 325 42.74 11.71 21.14
CA LEU A 325 43.22 12.74 20.23
C LEU A 325 42.29 13.01 19.05
N LEU A 326 41.93 14.27 18.85
CA LEU A 326 41.11 14.68 17.73
C LEU A 326 41.88 15.57 16.76
N SER A 327 41.22 15.92 15.66
CA SER A 327 41.82 16.74 14.61
C SER A 327 40.71 17.52 13.91
N VAL A 328 40.94 18.78 13.59
CA VAL A 328 40.02 19.54 12.73
C VAL A 328 40.80 20.46 11.84
N ILE A 329 40.27 20.68 10.64
CA ILE A 329 40.78 21.70 9.74
C ILE A 329 39.94 22.94 10.01
N VAL A 330 40.60 24.07 10.13
CA VAL A 330 39.88 25.29 10.42
C VAL A 330 39.84 26.15 9.18
N LYS A 331 38.65 26.42 8.68
CA LYS A 331 38.50 27.27 7.52
C LYS A 331 37.90 28.59 7.98
N CYS A 332 38.72 29.63 8.04
CA CYS A 332 38.28 30.91 8.60
C CYS A 332 37.52 31.75 7.54
N GLY A 333 37.83 31.55 6.27
CA GLY A 333 37.18 32.34 5.23
C GLY A 333 36.46 31.58 4.13
N ASP A 334 36.09 30.33 4.36
CA ASP A 334 35.41 29.51 3.33
C ASP A 334 34.01 29.03 3.77
N ASP A 335 33.05 29.13 2.86
CA ASP A 335 31.68 28.68 3.11
C ASP A 335 31.71 27.17 3.09
N LEU A 336 31.02 26.53 4.03
CA LEU A 336 31.01 25.07 4.12
C LEU A 336 29.62 24.47 3.97
N ARG A 337 28.71 25.24 3.42
CA ARG A 337 27.33 24.80 3.38
C ARG A 337 27.09 23.79 2.29
N GLN A 338 27.72 23.96 1.13
CA GLN A 338 27.68 22.91 0.12
C GLN A 338 28.41 21.68 0.63
N GLU A 339 29.48 21.93 1.37
CA GLU A 339 30.29 20.86 1.87
C GLU A 339 29.41 20.01 2.80
N LEU A 340 28.63 20.71 3.64
CA LEU A 340 27.65 20.03 4.51
C LEU A 340 26.58 19.26 3.72
N LEU A 341 26.04 19.88 2.70
CA LEU A 341 25.05 19.22 1.88
C LEU A 341 25.61 17.94 1.27
N ALA A 342 26.84 18.02 0.74
CA ALA A 342 27.44 16.85 0.11
C ALA A 342 27.61 15.72 1.11
N PHE A 343 27.90 16.10 2.34
CA PHE A 343 28.16 15.15 3.40
C PHE A 343 26.95 14.27 3.61
N GLN A 344 25.78 14.93 3.72
CA GLN A 344 24.49 14.27 3.90
C GLN A 344 24.19 13.32 2.74
N VAL A 345 24.46 13.79 1.53
CA VAL A 345 24.23 12.97 0.36
C VAL A 345 25.15 11.76 0.40
N LEU A 346 26.41 11.97 0.80
CA LEU A 346 27.37 10.85 0.82
C LEU A 346 26.95 9.86 1.87
N LYS A 347 26.46 10.40 2.98
CA LYS A 347 26.08 9.58 4.10
C LYS A 347 24.86 8.75 3.74
N GLN A 348 23.90 9.36 3.07
CA GLN A 348 22.76 8.61 2.59
C GLN A 348 23.14 7.51 1.59
N LEU A 349 23.94 7.85 0.58
CA LEU A 349 24.31 6.87 -0.42
C LEU A 349 25.03 5.69 0.24
N GLN A 350 25.77 6.00 1.28
CA GLN A 350 26.52 5.00 2.00
C GLN A 350 25.56 4.03 2.67
N SER A 351 24.52 4.54 3.33
CA SER A 351 23.51 3.66 3.95
C SER A 351 22.76 2.88 2.93
N ILE A 352 22.41 3.55 1.84
CA ILE A 352 21.73 2.89 0.76
C ILE A 352 22.60 1.71 0.35
N TRP A 353 23.89 1.94 0.12
CA TRP A 353 24.71 0.84 -0.38
C TRP A 353 24.97 -0.25 0.66
N GLU A 354 24.94 0.08 1.95
CA GLU A 354 25.04 -0.95 3.00
C GLU A 354 23.78 -1.78 3.05
N GLN A 355 22.63 -1.11 2.99
CA GLN A 355 21.33 -1.78 3.06
C GLN A 355 21.09 -2.75 1.90
N GLU A 356 21.20 -2.28 0.66
CA GLU A 356 21.38 -3.20 -0.48
C GLU A 356 22.72 -3.77 -0.20
N ARG A 357 23.23 -4.72 -0.95
CA ARG A 357 24.50 -5.24 -0.43
C ARG A 357 25.63 -5.09 -1.42
N VAL A 358 25.99 -3.84 -1.65
CA VAL A 358 26.94 -3.45 -2.65
C VAL A 358 28.16 -2.90 -1.95
N PRO A 359 29.31 -3.54 -2.15
CA PRO A 359 30.46 -3.18 -1.36
C PRO A 359 31.26 -2.03 -1.97
N LEU A 360 30.56 -1.03 -2.51
CA LEU A 360 31.22 0.26 -2.82
C LEU A 360 31.76 0.87 -1.55
N TRP A 361 32.74 1.76 -1.66
CA TRP A 361 33.35 2.41 -0.49
C TRP A 361 33.48 3.89 -0.71
N ILE A 362 33.01 4.66 0.27
CA ILE A 362 33.21 6.10 0.32
C ILE A 362 33.39 6.58 1.76
N LYS A 363 33.85 7.81 1.92
CA LYS A 363 34.15 8.34 3.24
C LYS A 363 33.61 9.76 3.34
N PRO A 364 32.45 9.89 3.96
CA PRO A 364 31.95 11.18 4.36
C PRO A 364 32.81 11.69 5.46
N TYR A 365 33.21 12.95 5.36
CA TYR A 365 33.96 13.56 6.45
C TYR A 365 33.12 14.66 7.05
N LYS A 366 33.11 14.68 8.38
CA LYS A 366 32.25 15.63 9.11
C LYS A 366 32.52 17.10 8.85
N ILE A 367 31.45 17.89 8.92
CA ILE A 367 31.48 19.30 8.60
C ILE A 367 30.89 20.03 9.78
N LEU A 368 31.46 21.18 10.12
CA LEU A 368 30.79 22.01 11.10
C LEU A 368 30.68 23.40 10.50
N VAL A 369 29.47 23.80 10.17
CA VAL A 369 29.21 25.15 9.71
C VAL A 369 29.24 26.09 10.89
N ILE A 370 30.00 27.16 10.79
CA ILE A 370 30.07 28.12 11.88
C ILE A 370 29.45 29.45 11.50
N SER A 371 29.68 29.89 10.26
CA SER A 371 29.01 31.07 9.70
C SER A 371 28.83 30.80 8.21
N ALA A 372 28.21 31.75 7.50
CA ALA A 372 28.15 31.61 6.03
C ALA A 372 29.53 31.68 5.40
N ASP A 373 30.48 32.22 6.18
CA ASP A 373 31.86 32.53 5.86
C ASP A 373 32.79 31.39 6.23
N SER A 374 32.52 30.69 7.33
CA SER A 374 33.54 29.92 8.08
C SER A 374 32.99 28.63 8.67
N GLY A 375 33.90 27.68 8.91
CA GLY A 375 33.55 26.40 9.49
C GLY A 375 34.76 25.52 9.77
N MET A 376 34.50 24.25 10.09
CA MET A 376 35.55 23.25 10.29
C MET A 376 35.25 21.94 9.55
N ILE A 377 36.32 21.20 9.27
CA ILE A 377 36.22 19.89 8.69
C ILE A 377 37.04 18.89 9.50
N GLU A 378 36.48 17.72 9.80
CA GLU A 378 37.27 16.63 10.39
C GLU A 378 38.00 15.86 9.31
N PRO A 379 39.33 15.89 9.31
CA PRO A 379 40.06 15.30 8.19
C PRO A 379 40.20 13.80 8.34
N VAL A 380 40.31 13.12 7.21
CA VAL A 380 40.69 11.72 7.16
C VAL A 380 42.18 11.71 7.37
N VAL A 381 42.65 10.96 8.34
CA VAL A 381 44.09 10.74 8.53
C VAL A 381 44.64 9.54 7.74
N ASN A 382 45.96 9.45 7.65
CA ASN A 382 46.63 8.42 6.85
C ASN A 382 46.17 8.51 5.44
N ALA A 383 46.16 9.73 4.96
CA ALA A 383 45.79 10.00 3.61
C ALA A 383 46.51 11.24 3.17
N VAL A 384 46.91 11.25 1.91
CA VAL A 384 47.55 12.40 1.33
C VAL A 384 47.12 12.50 -0.11
N SER A 385 47.17 13.72 -0.63
CA SER A 385 46.68 14.01 -1.96
C SER A 385 47.43 13.16 -2.98
N ILE A 386 46.72 12.74 -4.03
CA ILE A 386 47.39 12.00 -5.09
C ILE A 386 48.53 12.83 -5.64
N HIS A 387 48.29 14.12 -5.82
CA HIS A 387 49.27 14.98 -6.45
C HIS A 387 50.56 15.02 -5.67
N GLN A 388 50.44 15.13 -4.35
CA GLN A 388 51.64 15.26 -3.55
C GLN A 388 52.32 13.89 -3.37
N VAL A 389 51.52 12.82 -3.37
CA VAL A 389 52.07 11.46 -3.42
C VAL A 389 53.00 11.28 -4.62
N LYS A 390 52.69 11.93 -5.73
CA LYS A 390 53.51 11.85 -6.93
C LYS A 390 54.67 12.83 -6.93
N LYS A 391 54.57 13.92 -6.15
CA LYS A 391 55.63 14.91 -6.08
C LYS A 391 56.68 14.56 -5.04
N GLN A 392 56.29 13.96 -3.93
CA GLN A 392 57.30 13.49 -3.02
C GLN A 392 57.91 12.15 -3.45
N SER A 393 57.12 11.22 -3.97
CA SER A 393 57.68 9.91 -4.39
C SER A 393 58.48 9.96 -5.70
N GLN A 394 58.03 10.83 -6.60
CA GLN A 394 58.50 10.84 -7.95
C GLN A 394 58.10 9.56 -8.70
N LEU A 395 57.13 8.81 -8.19
CA LEU A 395 56.67 7.56 -8.80
C LEU A 395 55.37 7.73 -9.57
N SER A 396 55.05 6.71 -10.38
CA SER A 396 53.70 6.53 -10.92
C SER A 396 52.84 5.89 -9.83
N LEU A 397 51.55 6.18 -9.85
CA LEU A 397 50.63 5.72 -8.82
C LEU A 397 50.79 4.21 -8.50
N LEU A 398 50.85 3.42 -9.56
CA LEU A 398 51.07 1.99 -9.45
C LEU A 398 52.40 1.69 -8.77
N ASP A 399 53.47 2.34 -9.24
CA ASP A 399 54.79 2.18 -8.63
C ASP A 399 54.74 2.50 -7.14
N TYR A 400 54.00 3.55 -6.79
CA TYR A 400 53.84 3.89 -5.39
C TYR A 400 53.06 2.81 -4.64
N PHE A 401 51.99 2.28 -5.26
CA PHE A 401 51.28 1.13 -4.66
C PHE A 401 52.22 -0.04 -4.38
N LEU A 402 53.01 -0.37 -5.39
CA LEU A 402 53.96 -1.47 -5.30
C LEU A 402 55.01 -1.20 -4.22
N GLN A 403 55.51 0.04 -4.13
CA GLN A 403 56.42 0.41 -3.05
C GLN A 403 55.77 0.28 -1.69
N GLU A 404 54.56 0.80 -1.55
CA GLU A 404 53.96 0.98 -0.22
C GLU A 404 53.23 -0.23 0.29
N HIS A 405 52.87 -1.14 -0.62
CA HIS A 405 52.11 -2.34 -0.22
C HIS A 405 52.79 -3.65 -0.53
N GLY A 406 53.39 -3.72 -1.71
CA GLY A 406 54.18 -4.88 -2.07
C GLY A 406 53.97 -5.22 -3.53
N SER A 407 54.61 -6.31 -3.96
CA SER A 407 54.48 -6.73 -5.35
C SER A 407 53.07 -7.21 -5.58
N TYR A 408 52.66 -7.25 -6.82
CA TYR A 408 51.27 -7.68 -7.03
C TYR A 408 51.01 -9.13 -6.61
N THR A 409 52.03 -9.88 -6.22
CA THR A 409 51.82 -11.21 -5.64
C THR A 409 51.56 -11.18 -4.12
N THR A 410 51.56 -10.00 -3.51
CA THR A 410 51.31 -9.94 -2.08
C THR A 410 49.83 -9.71 -1.69
N GLU A 411 49.47 -10.13 -0.47
CA GLU A 411 48.11 -9.90 0.04
C GLU A 411 47.88 -8.39 0.17
N ALA A 412 48.80 -7.71 0.84
CA ALA A 412 48.68 -6.27 1.04
C ALA A 412 48.39 -5.52 -0.26
N PHE A 413 48.95 -5.97 -1.37
CA PHE A 413 48.72 -5.30 -2.65
C PHE A 413 47.31 -5.60 -3.12
N LEU A 414 46.94 -6.88 -3.13
CA LEU A 414 45.64 -7.27 -3.66
C LEU A 414 44.49 -6.66 -2.85
N SER A 415 44.69 -6.59 -1.54
CA SER A 415 43.76 -5.86 -0.68
C SER A 415 43.66 -4.35 -1.01
N ALA A 416 44.80 -3.70 -1.21
CA ALA A 416 44.79 -2.27 -1.53
C ALA A 416 44.14 -2.00 -2.88
N GLN A 417 44.40 -2.90 -3.81
CA GLN A 417 43.83 -2.80 -5.15
C GLN A 417 42.33 -2.88 -5.07
N ARG A 418 41.84 -3.83 -4.29
CA ARG A 418 40.41 -3.97 -4.10
C ARG A 418 39.79 -2.68 -3.51
N ASN A 419 40.41 -2.14 -2.46
CA ASN A 419 39.96 -0.88 -1.88
C ASN A 419 40.01 0.26 -2.88
N PHE A 420 41.03 0.25 -3.72
CA PHE A 420 41.09 1.22 -4.79
C PHE A 420 39.85 1.05 -5.67
N VAL A 421 39.63 -0.17 -6.16
CA VAL A 421 38.55 -0.42 -7.14
C VAL A 421 37.19 -0.08 -6.55
N GLN A 422 36.98 -0.50 -5.31
CA GLN A 422 35.73 -0.22 -4.64
C GLN A 422 35.58 1.26 -4.30
N SER A 423 36.66 1.96 -3.94
CA SER A 423 36.51 3.40 -3.64
C SER A 423 36.35 4.23 -4.92
N CYS A 424 36.92 3.75 -6.02
CA CYS A 424 36.77 4.43 -7.31
C CYS A 424 35.35 4.36 -7.83
N ALA A 425 34.77 3.17 -7.77
CA ALA A 425 33.40 2.98 -8.25
C ALA A 425 32.42 3.81 -7.42
N GLY A 426 32.60 3.74 -6.11
CA GLY A 426 31.85 4.57 -5.21
C GLY A 426 31.89 6.01 -5.64
N TYR A 427 33.11 6.54 -5.77
CA TYR A 427 33.23 7.98 -5.98
C TYR A 427 32.84 8.41 -7.38
N CYS A 428 32.98 7.49 -8.33
CA CYS A 428 32.51 7.77 -9.67
C CYS A 428 31.01 8.10 -9.58
N LEU A 429 30.30 7.24 -8.86
CA LEU A 429 28.84 7.30 -8.74
C LEU A 429 28.44 8.56 -8.04
N VAL A 430 29.17 8.89 -7.00
CA VAL A 430 28.90 10.14 -6.32
C VAL A 430 29.12 11.33 -7.24
N CYS A 431 30.22 11.30 -7.97
CA CYS A 431 30.51 12.39 -8.89
C CYS A 431 29.44 12.53 -9.95
N TYR A 432 28.99 11.41 -10.51
CA TYR A 432 27.96 11.47 -11.55
C TYR A 432 26.65 12.00 -10.98
N LEU A 433 26.12 11.35 -9.95
CA LEU A 433 24.85 11.77 -9.36
C LEU A 433 24.85 13.25 -8.88
N LEU A 434 25.89 13.68 -8.20
CA LEU A 434 25.95 15.08 -7.76
C LEU A 434 26.55 16.02 -8.80
N GLN A 435 26.94 15.50 -9.95
CA GLN A 435 27.66 16.31 -10.93
C GLN A 435 28.77 17.09 -10.27
N VAL A 436 29.68 16.34 -9.65
CA VAL A 436 30.85 16.94 -9.02
C VAL A 436 31.85 17.33 -10.11
N LYS A 437 32.33 18.56 -10.04
CA LYS A 437 33.24 19.12 -11.03
C LYS A 437 34.53 19.52 -10.34
N ASP A 438 35.42 20.18 -11.06
CA ASP A 438 36.71 20.60 -10.51
C ASP A 438 37.46 19.38 -9.97
N ARG A 439 37.48 18.32 -10.76
CA ARG A 439 38.10 17.10 -10.30
C ARG A 439 39.53 17.01 -10.77
N HIS A 440 40.46 17.01 -9.82
CA HIS A 440 41.90 16.86 -10.10
C HIS A 440 42.64 16.24 -8.90
N ASN A 441 43.93 15.94 -9.04
CA ASN A 441 44.62 15.15 -8.02
C ASN A 441 44.93 15.89 -6.71
N GLY A 442 44.79 17.21 -6.73
CA GLY A 442 44.71 18.00 -5.49
C GLY A 442 43.47 17.73 -4.67
N ASN A 443 42.42 17.25 -5.34
CA ASN A 443 41.11 16.96 -4.71
C ASN A 443 40.82 15.48 -4.43
N ILE A 444 41.78 14.62 -4.70
CA ILE A 444 41.64 13.22 -4.41
C ILE A 444 42.73 12.76 -3.46
N LEU A 445 42.30 12.22 -2.33
CA LEU A 445 43.22 11.72 -1.32
C LEU A 445 43.40 10.23 -1.49
N LEU A 446 44.57 9.73 -1.10
CA LEU A 446 44.83 8.31 -1.06
C LEU A 446 45.14 7.90 0.35
N ASP A 447 44.35 6.98 0.91
CA ASP A 447 44.56 6.55 2.29
C ASP A 447 45.53 5.37 2.32
N ALA A 448 45.98 5.01 3.52
CA ALA A 448 47.05 4.03 3.66
C ALA A 448 46.65 2.62 3.29
N GLU A 449 45.34 2.37 3.12
CA GLU A 449 44.86 1.03 2.75
C GLU A 449 44.53 0.93 1.25
N GLY A 450 44.58 2.06 0.55
CA GLY A 450 44.36 2.08 -0.89
C GLY A 450 43.05 2.71 -1.37
N HIS A 451 42.19 3.10 -0.44
CA HIS A 451 41.00 3.82 -0.84
C HIS A 451 41.40 5.20 -1.30
N ILE A 452 40.70 5.70 -2.31
CA ILE A 452 40.75 7.11 -2.62
C ILE A 452 39.60 7.81 -1.91
N ILE A 453 39.74 9.13 -1.75
CA ILE A 453 38.73 9.95 -1.11
C ILE A 453 38.63 11.30 -1.81
N HIS A 454 37.50 11.61 -2.44
CA HIS A 454 37.35 12.92 -3.08
C HIS A 454 37.08 14.01 -2.03
N ILE A 455 37.49 15.26 -2.29
CA ILE A 455 37.32 16.31 -1.25
C ILE A 455 36.77 17.71 -1.54
N ASP A 456 37.00 18.36 -2.65
CA ASP A 456 36.56 19.76 -2.64
C ASP A 456 35.19 19.91 -3.31
N PHE A 457 34.13 19.92 -2.51
CA PHE A 457 32.76 19.95 -3.07
C PHE A 457 32.15 21.35 -3.28
N GLY A 458 32.98 22.34 -3.59
CA GLY A 458 32.51 23.51 -4.33
C GLY A 458 32.27 22.91 -5.69
N PHE A 459 31.45 23.51 -6.49
CA PHE A 459 31.20 22.96 -7.85
C PHE A 459 30.51 21.60 -7.87
N ILE A 460 29.24 21.59 -7.47
CA ILE A 460 28.38 20.42 -7.56
C ILE A 460 27.01 20.84 -8.10
N LEU A 461 26.30 19.87 -8.66
CA LEU A 461 24.94 20.10 -9.16
C LEU A 461 24.93 21.16 -10.23
N SER A 462 24.12 22.19 -10.05
CA SER A 462 23.94 23.22 -11.06
C SER A 462 25.18 24.12 -11.25
N SER A 463 26.08 24.14 -10.28
CA SER A 463 27.24 25.01 -10.33
C SER A 463 28.21 24.61 -11.45
N SER A 464 28.59 25.61 -12.25
CA SER A 464 29.55 25.48 -13.35
C SER A 464 30.52 26.66 -13.36
N SER A 473 36.83 20.19 -14.04
CA SER A 473 36.54 19.09 -14.95
C SER A 473 35.78 18.01 -14.21
N ALA A 474 35.10 17.19 -14.99
CA ALA A 474 34.33 16.06 -14.44
C ALA A 474 35.24 14.89 -14.06
N PHE A 475 34.67 13.92 -13.35
CA PHE A 475 35.40 12.74 -12.87
C PHE A 475 36.04 11.99 -14.03
N LYS A 476 37.33 11.71 -13.87
CA LYS A 476 38.11 11.12 -14.94
C LYS A 476 38.65 9.79 -14.53
N LEU A 477 38.77 8.91 -15.50
CA LEU A 477 39.49 7.67 -15.29
C LEU A 477 40.76 7.68 -16.14
N THR A 478 41.82 8.18 -15.53
CA THR A 478 43.10 8.28 -16.21
C THR A 478 43.72 6.90 -16.35
N THR A 479 44.65 6.73 -17.29
CA THR A 479 45.26 5.39 -17.49
C THR A 479 46.11 5.01 -16.28
N GLU A 480 46.59 6.01 -15.55
CA GLU A 480 47.27 5.77 -14.29
C GLU A 480 46.38 5.01 -13.27
N PHE A 481 45.10 5.37 -13.23
CA PHE A 481 44.13 4.68 -12.38
C PHE A 481 43.79 3.31 -12.91
N VAL A 482 43.65 3.22 -14.22
CA VAL A 482 43.32 1.96 -14.85
C VAL A 482 44.46 0.96 -14.67
N ASP A 483 45.68 1.48 -14.60
CA ASP A 483 46.89 0.67 -14.42
C ASP A 483 46.89 -0.01 -13.06
N VAL A 484 46.60 0.79 -12.04
CA VAL A 484 46.51 0.29 -10.68
C VAL A 484 45.44 -0.80 -10.61
N MET A 485 44.39 -0.69 -11.42
CA MET A 485 43.32 -1.69 -11.43
C MET A 485 43.67 -2.95 -12.21
N GLY A 486 44.85 -2.95 -12.83
CA GLY A 486 45.30 -4.09 -13.62
C GLY A 486 44.93 -4.07 -15.09
N GLY A 487 44.40 -2.96 -15.60
CA GLY A 487 44.20 -2.80 -17.04
C GLY A 487 42.82 -3.10 -17.56
N LEU A 488 42.54 -2.65 -18.78
CA LEU A 488 41.18 -2.67 -19.35
C LEU A 488 40.67 -4.06 -19.50
N ASP A 489 41.58 -5.00 -19.75
CA ASP A 489 41.18 -6.39 -19.93
C ASP A 489 41.03 -7.09 -18.58
N GLY A 490 41.46 -6.41 -17.51
CA GLY A 490 41.50 -6.97 -16.17
C GLY A 490 40.15 -7.35 -15.59
N ASP A 491 40.17 -8.37 -14.75
CA ASP A 491 38.98 -8.80 -13.99
C ASP A 491 38.55 -7.74 -12.98
N MET A 492 39.53 -7.15 -12.29
CA MET A 492 39.20 -6.14 -11.30
C MET A 492 38.60 -4.92 -11.95
N PHE A 493 38.98 -4.67 -13.20
CA PHE A 493 38.42 -3.53 -13.91
C PHE A 493 36.98 -3.82 -14.33
N ASN A 494 36.74 -4.99 -14.91
CA ASN A 494 35.37 -5.42 -15.15
C ASN A 494 34.56 -5.33 -13.87
N TYR A 495 35.16 -5.67 -12.74
CA TYR A 495 34.44 -5.65 -11.47
C TYR A 495 34.06 -4.23 -11.10
N TYR A 496 34.95 -3.29 -11.40
CA TYR A 496 34.65 -1.88 -11.20
C TYR A 496 33.38 -1.46 -11.91
N LYS A 497 33.21 -1.95 -13.13
CA LYS A 497 31.99 -1.66 -13.89
C LYS A 497 30.81 -2.32 -13.27
N MET A 498 31.03 -3.51 -12.74
CA MET A 498 29.98 -4.32 -12.13
C MET A 498 29.45 -3.61 -10.89
N LEU A 499 30.38 -3.01 -10.17
CA LEU A 499 30.04 -2.32 -8.96
C LEU A 499 29.24 -1.12 -9.28
N MET A 500 29.62 -0.43 -10.34
CA MET A 500 28.96 0.81 -10.72
C MET A 500 27.50 0.54 -11.06
N LEU A 501 27.25 -0.47 -11.85
CA LEU A 501 25.90 -0.91 -12.15
C LEU A 501 25.13 -1.27 -10.89
N GLN A 502 25.72 -2.13 -10.08
CA GLN A 502 25.10 -2.53 -8.82
C GLN A 502 24.71 -1.34 -7.97
N GLY A 503 25.62 -0.39 -7.82
CA GLY A 503 25.38 0.78 -6.95
C GLY A 503 24.35 1.76 -7.49
N LEU A 504 24.19 1.73 -8.80
CA LEU A 504 23.23 2.57 -9.48
C LEU A 504 21.87 1.96 -9.28
N ILE A 505 21.78 0.65 -9.47
CA ILE A 505 20.50 -0.04 -9.27
C ILE A 505 20.03 0.15 -7.85
N ALA A 506 20.98 0.16 -6.92
CA ALA A 506 20.67 0.34 -5.52
C ALA A 506 20.16 1.73 -5.28
N ALA A 507 20.85 2.69 -5.86
CA ALA A 507 20.50 4.11 -5.67
C ALA A 507 19.09 4.42 -6.14
N ARG A 508 18.74 3.90 -7.31
CA ARG A 508 17.42 4.10 -7.85
C ARG A 508 16.32 3.62 -6.91
N LYS A 509 16.57 2.53 -6.23
CA LYS A 509 15.58 1.97 -5.30
C LYS A 509 15.34 2.85 -4.08
N HIS A 510 16.16 3.88 -3.88
CA HIS A 510 16.04 4.70 -2.68
C HIS A 510 16.21 6.17 -3.02
N MET A 511 15.97 6.46 -4.28
CA MET A 511 16.14 7.77 -4.82
C MET A 511 15.53 8.90 -4.01
N ASP A 512 14.34 8.71 -3.46
CA ASP A 512 13.60 9.82 -2.83
C ASP A 512 14.33 10.35 -1.59
N LYS A 513 14.96 9.44 -0.87
CA LYS A 513 15.75 9.77 0.30
C LYS A 513 16.90 10.70 -0.05
N VAL A 514 17.46 10.52 -1.25
CA VAL A 514 18.60 11.34 -1.66
C VAL A 514 18.09 12.71 -2.06
N VAL A 515 17.13 12.70 -2.98
CA VAL A 515 16.56 13.93 -3.52
C VAL A 515 15.97 14.81 -2.41
N GLN A 516 15.33 14.17 -1.43
CA GLN A 516 14.78 14.89 -0.27
C GLN A 516 15.79 15.86 0.32
N ILE A 517 16.99 15.35 0.56
CA ILE A 517 18.03 16.10 1.23
C ILE A 517 18.39 17.39 0.50
N VAL A 518 18.50 17.27 -0.81
CA VAL A 518 18.92 18.40 -1.62
C VAL A 518 17.76 19.32 -1.75
N GLU A 519 16.59 18.77 -1.98
CA GLU A 519 15.48 19.62 -2.38
C GLU A 519 15.01 20.55 -1.25
N ILE A 520 15.03 20.06 -0.02
CA ILE A 520 14.69 20.90 1.13
C ILE A 520 15.72 22.01 1.38
N MET A 521 16.98 21.69 1.16
CA MET A 521 18.05 22.67 1.30
C MET A 521 18.02 23.78 0.29
N GLN A 522 17.43 23.53 -0.86
CA GLN A 522 17.39 24.50 -1.96
C GLN A 522 16.53 25.72 -1.63
N GLN A 523 15.67 25.56 -0.63
CA GLN A 523 14.59 26.48 -0.36
C GLN A 523 14.80 27.94 -0.46
N GLY A 524 15.57 28.52 0.43
CA GLY A 524 15.74 29.96 0.37
C GLY A 524 17.16 30.24 0.02
N SER A 525 17.72 29.39 -0.82
CA SER A 525 19.14 29.25 -0.85
C SER A 525 19.67 30.05 -2.00
N GLN A 526 20.78 30.71 -1.79
CA GLN A 526 21.47 31.42 -2.86
C GLN A 526 22.81 30.79 -3.16
N LEU A 527 22.96 29.57 -2.67
CA LEU A 527 24.17 28.80 -2.93
C LEU A 527 24.33 28.48 -4.42
N PRO A 528 25.56 28.56 -4.91
CA PRO A 528 25.84 28.38 -6.32
C PRO A 528 25.38 27.07 -6.89
N CYS A 529 25.26 26.05 -6.04
CA CYS A 529 24.82 24.75 -6.52
C CYS A 529 23.35 24.78 -6.90
N PHE A 530 22.61 25.79 -6.48
CA PHE A 530 21.23 25.91 -6.92
C PHE A 530 21.03 27.01 -7.95
N HIS A 531 22.09 27.47 -8.59
CA HIS A 531 21.94 28.61 -9.47
C HIS A 531 21.02 28.31 -10.64
N GLY A 532 20.96 27.07 -11.09
CA GLY A 532 20.20 26.77 -12.27
C GLY A 532 18.71 26.76 -12.04
N SER A 533 17.99 26.62 -13.13
CA SER A 533 16.54 26.47 -13.12
C SER A 533 15.99 25.03 -12.90
N SER A 534 16.81 24.01 -13.13
CA SER A 534 16.30 22.63 -13.12
C SER A 534 17.15 21.71 -12.31
N THR A 535 17.54 22.16 -11.13
CA THR A 535 18.50 21.44 -10.32
C THR A 535 17.98 20.08 -9.86
N ILE A 536 16.83 20.09 -9.23
CA ILE A 536 16.22 18.86 -8.73
C ILE A 536 15.72 17.98 -9.88
N ARG A 537 15.21 18.58 -10.93
CA ARG A 537 14.70 17.83 -12.06
C ARG A 537 15.84 17.11 -12.74
N ASN A 538 16.96 17.80 -12.88
CA ASN A 538 18.12 17.17 -13.48
C ASN A 538 18.65 16.07 -12.59
N LEU A 539 18.63 16.31 -11.29
CA LEU A 539 19.11 15.31 -10.34
C LEU A 539 18.34 14.00 -10.50
N LYS A 540 17.02 14.09 -10.61
CA LYS A 540 16.16 12.92 -10.76
C LYS A 540 16.36 12.19 -12.07
N GLU A 541 16.57 12.95 -13.13
CA GLU A 541 16.81 12.40 -14.46
C GLU A 541 18.06 11.51 -14.42
N ARG A 542 19.00 11.88 -13.57
CA ARG A 542 20.28 11.19 -13.49
C ARG A 542 20.16 9.84 -12.81
N PHE A 543 19.04 9.61 -12.13
CA PHE A 543 18.77 8.28 -11.62
C PHE A 543 18.20 7.34 -12.68
N HIS A 544 17.76 7.89 -13.80
CA HIS A 544 17.20 7.09 -14.88
C HIS A 544 16.15 6.05 -14.45
N MET A 545 15.15 6.49 -13.69
CA MET A 545 14.12 5.60 -13.12
C MET A 545 13.31 4.80 -14.15
N SER A 546 13.18 5.32 -15.35
CA SER A 546 12.44 4.64 -16.42
C SER A 546 13.24 3.48 -17.01
N MET A 547 14.55 3.46 -16.84
CA MET A 547 15.39 2.52 -17.58
C MET A 547 15.25 1.08 -17.14
N THR A 548 15.36 0.18 -18.10
CA THR A 548 15.50 -1.21 -17.83
C THR A 548 16.96 -1.48 -17.50
N GLU A 549 17.24 -2.58 -16.83
CA GLU A 549 18.60 -2.88 -16.38
C GLU A 549 19.59 -3.00 -17.51
N GLU A 550 19.15 -3.60 -18.61
CA GLU A 550 19.95 -3.65 -19.83
C GLU A 550 20.34 -2.25 -20.28
N GLN A 551 19.40 -1.30 -20.13
CA GLN A 551 19.65 0.10 -20.45
C GLN A 551 20.69 0.72 -19.55
N LEU A 552 20.69 0.29 -18.29
CA LEU A 552 21.58 0.89 -17.28
C LEU A 552 22.98 0.38 -17.50
N GLN A 553 23.05 -0.90 -17.87
CA GLN A 553 24.33 -1.50 -18.24
C GLN A 553 25.01 -0.68 -19.31
N LEU A 554 24.22 -0.29 -20.29
CA LEU A 554 24.70 0.50 -21.39
C LEU A 554 25.14 1.87 -20.94
N LEU A 555 24.36 2.44 -20.04
CA LEU A 555 24.67 3.78 -19.52
C LEU A 555 25.97 3.76 -18.74
N VAL A 556 26.20 2.67 -18.00
CA VAL A 556 27.47 2.52 -17.27
C VAL A 556 28.66 2.47 -18.24
N GLU A 557 28.52 1.70 -19.31
CA GLU A 557 29.57 1.61 -20.30
C GLU A 557 29.86 2.97 -20.89
N GLN A 558 28.81 3.69 -21.25
CA GLN A 558 28.96 4.99 -21.85
C GLN A 558 29.66 5.92 -20.89
N MET A 559 29.22 5.85 -19.66
CA MET A 559 29.85 6.60 -18.59
C MET A 559 31.33 6.30 -18.52
N VAL A 560 31.70 5.02 -18.53
CA VAL A 560 33.10 4.66 -18.37
C VAL A 560 33.92 5.09 -19.59
N ASP A 561 33.43 4.77 -20.78
CA ASP A 561 34.06 5.24 -22.02
C ASP A 561 34.28 6.72 -21.97
N GLY A 562 33.26 7.44 -21.50
CA GLY A 562 33.38 8.87 -21.33
C GLY A 562 34.47 9.28 -20.37
N SER A 563 34.67 8.49 -19.32
CA SER A 563 35.57 8.90 -18.24
C SER A 563 37.01 8.81 -18.69
N MET A 564 37.23 8.06 -19.77
CA MET A 564 38.56 7.84 -20.28
C MET A 564 38.99 8.77 -21.40
N ARG A 565 38.06 9.21 -22.23
CA ARG A 565 38.41 10.12 -23.35
C ARG A 565 39.12 11.40 -22.87
N SER A 566 38.73 11.86 -21.68
CA SER A 566 39.20 13.11 -21.05
C SER A 566 38.17 14.19 -21.35
N ASP B 9 -37.01 3.63 17.58
CA ASP B 9 -38.41 4.05 17.84
C ASP B 9 -38.48 5.42 18.51
N GLU B 10 -39.00 5.50 19.74
CA GLU B 10 -39.42 6.76 20.39
C GLU B 10 -38.35 7.34 21.31
N TYR B 11 -38.11 8.64 21.27
CA TYR B 11 -37.28 9.28 22.31
C TYR B 11 -38.17 9.99 23.32
N ASP B 12 -37.63 10.16 24.51
CA ASP B 12 -38.30 10.90 25.56
C ASP B 12 -37.95 12.34 25.48
N TYR B 13 -36.81 12.64 24.87
CA TYR B 13 -36.35 13.99 24.76
C TYR B 13 -35.53 14.22 23.52
N LEU B 14 -35.58 15.45 23.02
CA LEU B 14 -34.78 15.89 21.90
C LEU B 14 -33.99 17.11 22.35
N PHE B 15 -32.70 16.91 22.59
CA PHE B 15 -31.85 17.97 23.11
C PHE B 15 -31.06 18.59 21.98
N LYS B 16 -31.23 19.89 21.78
CA LYS B 16 -30.50 20.61 20.75
C LYS B 16 -29.24 21.17 21.39
N VAL B 17 -28.10 20.77 20.83
CA VAL B 17 -26.80 21.19 21.32
C VAL B 17 -25.98 21.79 20.21
N VAL B 18 -25.24 22.85 20.53
CA VAL B 18 -24.38 23.50 19.56
C VAL B 18 -22.94 23.29 19.94
N LEU B 19 -22.06 23.18 18.94
CA LEU B 19 -20.60 23.20 19.17
C LEU B 19 -20.04 24.52 18.68
N ILE B 20 -19.41 25.27 19.57
CA ILE B 20 -18.81 26.54 19.20
C ILE B 20 -17.35 26.60 19.63
N GLY B 21 -16.60 27.49 19.00
CA GLY B 21 -15.18 27.68 19.34
C GLY B 21 -14.43 28.29 18.18
N ASP B 22 -13.17 28.66 18.43
CA ASP B 22 -12.35 29.23 17.35
C ASP B 22 -12.20 28.22 16.22
N SER B 23 -11.93 28.76 15.04
CA SER B 23 -11.73 27.92 13.87
C SER B 23 -10.47 27.08 14.03
N GLY B 24 -10.57 25.78 13.82
CA GLY B 24 -9.40 24.91 13.87
C GLY B 24 -9.30 24.03 15.10
N VAL B 25 -10.13 24.29 16.11
CA VAL B 25 -9.96 23.60 17.40
C VAL B 25 -10.40 22.13 17.41
N GLY B 26 -11.25 21.72 16.46
CA GLY B 26 -11.61 20.29 16.30
C GLY B 26 -13.08 19.93 16.46
N LYS B 27 -13.93 20.94 16.36
CA LYS B 27 -15.35 20.75 16.55
C LYS B 27 -15.88 19.70 15.60
N SER B 28 -15.50 19.79 14.34
CA SER B 28 -16.09 18.93 13.34
C SER B 28 -15.66 17.48 13.57
N ASN B 29 -14.46 17.30 14.13
CA ASN B 29 -13.97 15.96 14.44
C ASN B 29 -14.49 15.40 15.76
N LEU B 30 -14.70 16.27 16.75
CA LEU B 30 -15.45 15.86 17.94
C LEU B 30 -16.77 15.24 17.50
N LEU B 31 -17.46 15.96 16.63
CA LEU B 31 -18.74 15.51 16.10
C LEU B 31 -18.64 14.23 15.27
N SER B 32 -17.63 14.12 14.44
CA SER B 32 -17.53 12.97 13.57
C SER B 32 -17.08 11.79 14.39
N ARG B 33 -16.27 12.06 15.40
CA ARG B 33 -15.84 11.01 16.32
C ARG B 33 -17.05 10.49 17.05
N PHE B 34 -17.78 11.40 17.68
CA PHE B 34 -18.92 11.07 18.51
C PHE B 34 -20.06 10.42 17.76
N THR B 35 -20.32 10.82 16.52
CA THR B 35 -21.48 10.27 15.82
C THR B 35 -21.20 9.20 14.81
N ARG B 36 -20.01 9.12 14.24
CA ARG B 36 -19.74 7.99 13.33
C ARG B 36 -18.37 7.34 13.62
N ASN B 37 -17.78 7.69 14.77
CA ASN B 37 -16.49 7.18 15.16
C ASN B 37 -15.47 7.31 14.02
N GLU B 38 -15.34 8.53 13.51
CA GLU B 38 -14.40 8.83 12.44
C GLU B 38 -13.65 10.11 12.76
N PHE B 39 -12.43 10.20 12.28
CA PHE B 39 -11.56 11.34 12.51
C PHE B 39 -10.79 11.63 11.25
N ASN B 40 -10.39 12.88 11.08
CA ASN B 40 -9.47 13.19 9.99
C ASN B 40 -8.50 14.36 10.22
N LEU B 41 -7.25 14.12 9.85
CA LEU B 41 -6.21 15.14 9.89
C LEU B 41 -6.41 16.21 8.85
N GLU B 42 -6.76 15.80 7.64
CA GLU B 42 -7.07 16.73 6.56
C GLU B 42 -8.42 17.29 6.83
N SER B 43 -8.58 18.56 6.55
CA SER B 43 -9.77 19.27 6.99
C SER B 43 -10.37 20.17 5.93
N LYS B 44 -11.68 20.33 5.99
CA LYS B 44 -12.37 21.31 5.18
C LYS B 44 -13.02 22.26 6.17
N SER B 45 -12.75 23.55 6.06
CA SER B 45 -13.46 24.51 6.91
C SER B 45 -14.96 24.27 6.81
N THR B 46 -15.62 24.37 7.97
CA THR B 46 -17.06 24.16 8.07
C THR B 46 -17.66 25.40 7.52
N ILE B 47 -18.49 25.26 6.49
CA ILE B 47 -19.14 26.42 5.88
C ILE B 47 -20.54 26.61 6.49
N GLY B 48 -20.64 27.55 7.42
CA GLY B 48 -21.92 27.87 8.05
C GLY B 48 -22.24 26.92 9.19
N VAL B 49 -22.84 25.78 8.87
CA VAL B 49 -23.31 24.85 9.89
C VAL B 49 -23.32 23.43 9.36
N GLU B 50 -23.09 22.46 10.24
CA GLU B 50 -23.28 21.05 9.88
C GLU B 50 -24.08 20.30 10.96
N PHE B 51 -24.83 19.30 10.52
CA PHE B 51 -25.80 18.62 11.38
C PHE B 51 -25.46 17.17 11.59
N ALA B 52 -25.52 16.74 12.84
CA ALA B 52 -25.44 15.32 13.14
C ALA B 52 -26.20 14.98 14.42
N THR B 53 -26.58 13.72 14.51
CA THR B 53 -27.46 13.27 15.55
C THR B 53 -27.03 11.95 16.16
N ARG B 54 -27.26 11.82 17.46
CA ARG B 54 -27.01 10.56 18.14
C ARG B 54 -27.85 10.45 19.41
N SER B 55 -28.34 9.23 19.64
CA SER B 55 -29.21 8.95 20.78
C SER B 55 -28.48 8.25 21.90
N ILE B 56 -28.72 8.66 23.14
CA ILE B 56 -28.17 7.95 24.31
C ILE B 56 -29.22 7.77 25.38
N GLN B 57 -28.91 6.96 26.40
CA GLN B 57 -29.82 6.83 27.57
C GLN B 57 -29.19 7.33 28.84
N VAL B 58 -29.91 8.20 29.54
CA VAL B 58 -29.51 8.62 30.88
C VAL B 58 -30.67 8.46 31.89
N ASP B 59 -30.35 7.83 33.02
CA ASP B 59 -31.29 7.55 34.12
C ASP B 59 -32.58 6.92 33.57
N GLY B 60 -32.41 6.03 32.58
CA GLY B 60 -33.49 5.22 32.00
C GLY B 60 -34.28 5.80 30.82
N LYS B 61 -33.86 6.95 30.30
CA LYS B 61 -34.65 7.65 29.28
C LYS B 61 -33.86 7.83 27.99
N THR B 62 -34.49 7.52 26.85
CA THR B 62 -33.83 7.67 25.56
C THR B 62 -33.86 9.16 25.17
N ILE B 63 -32.68 9.78 25.13
CA ILE B 63 -32.51 11.17 24.69
C ILE B 63 -31.82 11.23 23.34
N LYS B 64 -32.50 11.75 22.32
CA LYS B 64 -31.87 12.00 21.03
C LYS B 64 -31.27 13.38 21.02
N ALA B 65 -29.97 13.44 20.76
CA ALA B 65 -29.27 14.72 20.76
C ALA B 65 -29.16 15.17 19.31
N GLN B 66 -29.46 16.44 19.08
CA GLN B 66 -29.28 17.05 17.77
C GLN B 66 -28.17 18.07 17.88
N ILE B 67 -27.03 17.74 17.26
CA ILE B 67 -25.84 18.56 17.39
C ILE B 67 -25.61 19.41 16.14
N TRP B 68 -25.36 20.69 16.40
CA TRP B 68 -25.08 21.62 15.32
C TRP B 68 -23.64 22.07 15.46
N ASP B 69 -22.87 21.70 14.45
CA ASP B 69 -21.46 22.03 14.35
C ASP B 69 -21.36 23.38 13.62
N THR B 70 -21.08 24.43 14.37
CA THR B 70 -21.18 25.80 13.84
C THR B 70 -20.14 26.42 12.89
N ALA B 71 -18.86 26.17 13.03
CA ALA B 71 -17.87 26.98 12.25
C ALA B 71 -17.37 28.21 13.02
N GLY B 72 -16.06 28.18 13.26
CA GLY B 72 -15.38 29.23 14.02
C GLY B 72 -15.00 30.45 13.22
N LEU B 73 -14.91 30.30 11.90
CA LEU B 73 -14.59 31.42 11.02
C LEU B 73 -15.68 32.49 11.09
N GLU B 74 -15.26 33.74 10.99
CA GLU B 74 -16.15 34.88 11.24
C GLU B 74 -17.07 35.19 10.05
N ARG B 75 -16.57 34.96 8.83
CA ARG B 75 -17.38 35.01 7.60
C ARG B 75 -18.80 34.50 7.82
N TYR B 76 -18.92 33.45 8.63
CA TYR B 76 -20.20 32.74 8.85
C TYR B 76 -20.86 33.01 10.21
N ARG B 77 -20.33 33.95 10.99
CA ARG B 77 -20.78 34.05 12.39
C ARG B 77 -22.16 34.73 12.55
N ALA B 78 -22.62 35.43 11.53
CA ALA B 78 -23.99 35.91 11.46
C ALA B 78 -25.00 34.76 11.40
N ILE B 79 -24.62 33.68 10.70
CA ILE B 79 -25.57 32.58 10.40
C ILE B 79 -25.48 31.40 11.37
N THR B 80 -24.36 31.29 12.07
CA THR B 80 -24.23 30.30 13.16
C THR B 80 -25.12 30.73 14.31
N SER B 81 -25.05 32.01 14.67
CA SER B 81 -25.83 32.57 15.79
C SER B 81 -27.34 32.36 15.63
N ALA B 82 -27.79 32.24 14.39
CA ALA B 82 -29.17 31.85 14.12
C ALA B 82 -29.55 30.55 14.87
N TYR B 83 -28.63 29.59 14.85
CA TYR B 83 -28.86 28.26 15.40
C TYR B 83 -28.68 28.14 16.91
N TYR B 84 -28.19 29.19 17.55
CA TYR B 84 -28.08 29.19 19.02
C TYR B 84 -29.48 29.15 19.66
N ARG B 85 -30.47 29.59 18.88
CA ARG B 85 -31.87 29.66 19.30
C ARG B 85 -32.40 28.37 19.92
N GLY B 86 -32.80 28.46 21.19
CA GLY B 86 -33.44 27.34 21.89
C GLY B 86 -32.60 26.08 22.06
N ALA B 87 -31.29 26.22 22.03
CA ALA B 87 -30.41 25.08 22.27
C ALA B 87 -30.25 24.94 23.78
N VAL B 88 -30.34 23.70 24.25
CA VAL B 88 -30.25 23.42 25.70
C VAL B 88 -28.83 23.32 26.21
N GLY B 89 -27.91 22.96 25.30
CA GLY B 89 -26.50 22.75 25.66
C GLY B 89 -25.52 23.25 24.62
N ALA B 90 -24.34 23.66 25.08
CA ALA B 90 -23.26 24.11 24.19
C ALA B 90 -21.90 23.62 24.66
N LEU B 91 -21.20 22.92 23.75
CA LEU B 91 -19.81 22.57 23.97
C LEU B 91 -18.95 23.70 23.42
N LEU B 92 -18.26 24.37 24.34
CA LEU B 92 -17.41 25.50 23.99
C LEU B 92 -16.00 24.93 23.89
N VAL B 93 -15.42 24.93 22.70
CA VAL B 93 -14.18 24.20 22.51
C VAL B 93 -12.98 25.10 22.21
N TYR B 94 -11.85 24.73 22.80
CA TYR B 94 -10.58 25.34 22.49
C TYR B 94 -9.51 24.25 22.24
N ASP B 95 -8.45 24.60 21.52
CA ASP B 95 -7.30 23.73 21.25
C ASP B 95 -6.26 23.91 22.36
N ILE B 96 -6.04 22.86 23.13
CA ILE B 96 -5.02 22.85 24.18
C ILE B 96 -3.62 23.29 23.76
N ALA B 97 -3.29 23.04 22.49
CA ALA B 97 -1.97 23.31 21.96
C ALA B 97 -1.87 24.68 21.30
N LYS B 98 -2.94 25.46 21.29
CA LYS B 98 -2.88 26.82 20.72
C LYS B 98 -3.50 27.84 21.66
N HIS B 99 -2.65 28.50 22.44
CA HIS B 99 -3.10 29.38 23.54
C HIS B 99 -4.17 30.42 23.16
N LEU B 100 -4.02 31.05 22.00
CA LEU B 100 -4.96 32.09 21.57
C LEU B 100 -6.41 31.63 21.59
N THR B 101 -6.60 30.38 21.22
CA THR B 101 -7.92 29.77 21.17
C THR B 101 -8.59 29.70 22.57
N TYR B 102 -7.75 29.53 23.60
CA TYR B 102 -8.19 29.57 24.99
C TYR B 102 -8.48 31.01 25.41
N GLU B 103 -7.69 31.95 24.89
CA GLU B 103 -7.85 33.35 25.24
C GLU B 103 -9.24 33.84 24.81
N ASN B 104 -9.70 33.37 23.65
CA ASN B 104 -11.00 33.80 23.10
C ASN B 104 -12.25 33.13 23.70
N VAL B 105 -12.07 32.26 24.68
CA VAL B 105 -13.24 31.62 25.28
C VAL B 105 -14.15 32.62 26.01
N GLU B 106 -13.58 33.74 26.45
CA GLU B 106 -14.36 34.78 27.11
C GLU B 106 -15.25 35.48 26.13
N ARG B 107 -14.74 35.73 24.92
CA ARG B 107 -15.57 36.40 23.92
C ARG B 107 -16.61 35.43 23.35
N TRP B 108 -16.31 34.14 23.41
CA TRP B 108 -17.25 33.13 22.93
C TRP B 108 -18.39 32.88 23.89
N LEU B 109 -18.26 33.29 25.14
CA LEU B 109 -19.38 33.15 26.09
C LEU B 109 -20.26 34.41 26.13
N LYS B 110 -19.67 35.56 25.83
CA LYS B 110 -20.47 36.76 25.65
C LYS B 110 -21.37 36.53 24.41
N GLU B 111 -20.80 35.92 23.38
CA GLU B 111 -21.58 35.44 22.22
C GLU B 111 -22.81 34.58 22.56
N LEU B 112 -22.91 34.05 23.77
CA LEU B 112 -24.12 33.34 24.18
C LEU B 112 -25.07 34.18 24.99
N ARG B 113 -24.53 35.19 25.65
CA ARG B 113 -25.37 36.11 26.38
C ARG B 113 -25.80 37.24 25.47
N ASP B 114 -25.68 37.07 24.14
CA ASP B 114 -26.38 37.95 23.18
C ASP B 114 -27.36 37.21 22.24
N HIS B 115 -27.05 35.98 21.81
CA HIS B 115 -27.87 35.30 20.77
C HIS B 115 -28.48 33.96 21.22
N ALA B 116 -28.43 33.63 22.52
CA ALA B 116 -28.85 32.31 22.98
C ALA B 116 -29.49 32.32 24.35
N ASP B 117 -30.23 31.25 24.64
CA ASP B 117 -30.95 31.11 25.91
C ASP B 117 -30.02 31.45 27.09
N SER B 118 -30.51 32.29 28.00
CA SER B 118 -29.74 32.78 29.14
C SER B 118 -29.63 31.73 30.25
N ASN B 119 -30.28 30.59 30.06
CA ASN B 119 -30.26 29.53 31.02
C ASN B 119 -29.81 28.22 30.36
N ILE B 120 -28.64 28.28 29.70
CA ILE B 120 -28.10 27.14 28.94
C ILE B 120 -26.92 26.47 29.66
N VAL B 121 -26.84 25.15 29.50
CA VAL B 121 -25.76 24.34 30.07
C VAL B 121 -24.50 24.34 29.18
N ILE B 122 -23.35 24.73 29.76
CA ILE B 122 -22.10 24.81 29.02
C ILE B 122 -21.00 23.89 29.57
N MET B 123 -20.35 23.19 28.65
CA MET B 123 -19.11 22.49 28.93
C MET B 123 -17.97 23.11 28.13
N LEU B 124 -16.90 23.45 28.85
CA LEU B 124 -15.65 23.87 28.26
C LEU B 124 -14.84 22.65 27.85
N VAL B 125 -14.29 22.66 26.65
CA VAL B 125 -13.56 21.50 26.15
C VAL B 125 -12.20 21.91 25.66
N GLY B 126 -11.17 21.34 26.28
CA GLY B 126 -9.81 21.41 25.79
C GLY B 126 -9.57 20.20 24.90
N ASN B 127 -9.45 20.47 23.60
CA ASN B 127 -9.29 19.41 22.62
C ASN B 127 -7.83 19.29 22.18
N LYS B 128 -7.51 18.13 21.60
CA LYS B 128 -6.17 17.78 21.12
C LYS B 128 -5.25 17.45 22.29
N SER B 129 -5.73 16.66 23.22
CA SER B 129 -4.94 16.31 24.39
C SER B 129 -3.81 15.36 24.00
N ASP B 130 -3.95 14.72 22.83
CA ASP B 130 -2.89 13.86 22.28
C ASP B 130 -1.60 14.61 21.96
N LEU B 131 -1.67 15.91 21.65
CA LEU B 131 -0.46 16.75 21.42
C LEU B 131 0.18 17.20 22.74
N ARG B 132 0.59 16.21 23.55
CA ARG B 132 1.15 16.45 24.89
C ARG B 132 2.25 17.48 24.88
N HIS B 133 3.21 17.27 23.97
CA HIS B 133 4.43 18.05 23.91
C HIS B 133 4.22 19.46 23.37
N LEU B 134 3.06 19.75 22.79
CA LEU B 134 2.80 21.11 22.27
C LEU B 134 1.86 21.88 23.18
N ARG B 135 1.54 21.31 24.33
CA ARG B 135 0.56 21.93 25.22
C ARG B 135 0.88 23.38 25.59
N ALA B 136 -0.09 24.27 25.36
CA ALA B 136 0.07 25.72 25.63
C ALA B 136 -0.93 26.24 26.69
N VAL B 137 -1.79 25.35 27.20
CA VAL B 137 -2.79 25.71 28.21
C VAL B 137 -2.78 24.61 29.26
N PRO B 138 -2.31 24.94 30.47
CA PRO B 138 -2.24 23.91 31.50
C PRO B 138 -3.62 23.49 31.98
N THR B 139 -3.81 22.20 32.22
CA THR B 139 -5.13 21.66 32.62
C THR B 139 -5.70 22.33 33.86
N ASP B 140 -4.83 22.66 34.80
CA ASP B 140 -5.24 23.32 36.05
C ASP B 140 -5.77 24.75 35.83
N GLU B 141 -5.06 25.56 35.07
CA GLU B 141 -5.52 26.92 34.79
C GLU B 141 -6.91 26.92 34.15
N ALA B 142 -7.15 25.97 33.25
CA ALA B 142 -8.42 25.92 32.52
C ALA B 142 -9.58 25.60 33.47
N ARG B 143 -9.41 24.51 34.22
CA ARG B 143 -10.46 24.03 35.14
C ARG B 143 -10.74 25.06 36.25
N ALA B 144 -9.73 25.84 36.60
CA ALA B 144 -9.92 26.98 37.50
C ALA B 144 -10.89 27.99 36.90
N PHE B 145 -10.58 28.47 35.69
CA PHE B 145 -11.49 29.36 34.97
C PHE B 145 -12.87 28.72 34.76
N ALA B 146 -12.90 27.39 34.62
CA ALA B 146 -14.17 26.71 34.32
C ALA B 146 -15.22 26.93 35.40
N GLU B 147 -14.85 26.71 36.66
CA GLU B 147 -15.86 26.81 37.71
C GLU B 147 -16.00 28.19 38.36
N LYS B 148 -14.99 29.05 38.16
CA LYS B 148 -15.15 30.48 38.44
C LYS B 148 -16.30 31.05 37.59
N ASN B 149 -16.53 30.47 36.42
CA ASN B 149 -17.62 30.93 35.54
C ASN B 149 -18.75 29.90 35.43
N GLY B 150 -18.75 28.93 36.34
CA GLY B 150 -19.86 27.95 36.41
C GLY B 150 -20.01 27.05 35.20
N LEU B 151 -18.88 26.61 34.65
CA LEU B 151 -18.86 25.76 33.47
C LEU B 151 -18.31 24.39 33.87
N SER B 152 -18.82 23.33 33.25
CA SER B 152 -18.17 22.02 33.38
C SER B 152 -17.01 21.89 32.38
N PHE B 153 -16.04 21.04 32.71
CA PHE B 153 -14.73 21.01 32.05
C PHE B 153 -14.24 19.59 31.80
N ILE B 154 -13.58 19.40 30.67
CA ILE B 154 -13.01 18.11 30.32
C ILE B 154 -12.00 18.36 29.20
N GLU B 155 -11.03 17.45 29.05
CA GLU B 155 -10.11 17.52 27.93
C GLU B 155 -10.31 16.31 27.05
N THR B 156 -10.35 16.54 25.74
CA THR B 156 -10.55 15.45 24.80
C THR B 156 -9.46 15.33 23.75
N SER B 157 -9.40 14.16 23.13
CA SER B 157 -8.70 14.02 21.89
C SER B 157 -9.67 13.36 20.97
N ALA B 158 -10.16 14.13 20.00
CA ALA B 158 -10.93 13.54 18.91
C ALA B 158 -10.13 12.51 18.12
N LEU B 159 -8.81 12.73 18.03
CA LEU B 159 -7.93 11.87 17.25
C LEU B 159 -7.83 10.47 17.83
N ASP B 160 -7.44 10.38 19.11
CA ASP B 160 -7.33 9.07 19.75
C ASP B 160 -8.64 8.66 20.40
N SER B 161 -9.58 9.60 20.46
CA SER B 161 -10.96 9.39 20.97
C SER B 161 -11.12 9.48 22.50
N THR B 162 -10.06 9.69 23.24
CA THR B 162 -10.16 9.98 24.68
C THR B 162 -11.25 11.01 25.05
N ASN B 163 -12.17 10.61 25.93
CA ASN B 163 -13.17 11.50 26.57
C ASN B 163 -14.23 12.11 25.67
N VAL B 164 -14.28 11.70 24.40
CA VAL B 164 -15.23 12.32 23.49
C VAL B 164 -16.62 11.86 23.88
N GLU B 165 -16.80 10.55 24.05
CA GLU B 165 -18.06 10.04 24.56
C GLU B 165 -18.41 10.63 25.91
N ALA B 166 -17.47 10.58 26.82
CA ALA B 166 -17.67 11.11 28.15
C ALA B 166 -18.16 12.55 28.08
N ALA B 167 -17.53 13.35 27.25
CA ALA B 167 -17.81 14.78 27.21
C ALA B 167 -19.29 15.03 26.90
N PHE B 168 -19.72 14.46 25.77
CA PHE B 168 -21.11 14.52 25.35
C PHE B 168 -22.01 13.93 26.44
N GLN B 169 -21.69 12.73 26.90
CA GLN B 169 -22.57 12.05 27.86
C GLN B 169 -22.73 12.78 29.17
N THR B 170 -21.67 13.45 29.59
CA THR B 170 -21.72 14.33 30.76
C THR B 170 -22.69 15.49 30.55
N ILE B 171 -22.50 16.24 29.47
CA ILE B 171 -23.31 17.45 29.26
C ILE B 171 -24.78 17.10 29.07
N LEU B 172 -25.05 15.97 28.43
CA LEU B 172 -26.43 15.56 28.19
C LEU B 172 -27.12 15.16 29.49
N THR B 173 -26.39 14.47 30.34
CA THR B 173 -26.87 14.10 31.67
C THR B 173 -27.10 15.33 32.53
N GLU B 174 -26.10 16.19 32.59
CA GLU B 174 -26.21 17.45 33.32
C GLU B 174 -27.49 18.19 32.92
N ILE B 175 -27.71 18.29 31.60
CA ILE B 175 -28.93 18.89 31.04
C ILE B 175 -30.16 18.12 31.52
N TYR B 176 -30.18 16.83 31.28
CA TYR B 176 -31.36 16.04 31.64
C TYR B 176 -31.83 16.15 33.09
N ARG B 177 -30.98 16.56 34.01
CA ARG B 177 -31.50 16.74 35.34
C ARG B 177 -31.49 18.18 35.81
N ILE B 178 -31.35 19.14 34.90
CA ILE B 178 -31.76 20.49 35.24
C ILE B 178 -33.24 20.56 35.00
N VAL B 179 -33.68 19.95 33.91
CA VAL B 179 -35.08 20.02 33.52
C VAL B 179 -36.02 19.55 34.63
N SER B 180 -35.68 18.47 35.33
CA SER B 180 -36.63 17.88 36.28
C SER B 180 -36.90 18.85 37.44
N GLN B 181 -38.20 19.09 37.72
CA GLN B 181 -38.64 20.12 38.67
C GLN B 181 -37.77 21.36 38.62
N SER C 10 22.26 -13.12 10.92
CA SER C 10 22.04 -14.20 11.94
C SER C 10 20.88 -13.95 12.88
N TRP C 11 20.45 -12.70 13.06
CA TRP C 11 19.51 -12.39 14.14
C TRP C 11 18.21 -13.16 14.00
N LEU C 12 17.79 -13.38 12.77
CA LEU C 12 16.51 -14.05 12.52
C LEU C 12 16.63 -15.53 12.84
N LEU C 13 17.66 -16.15 12.29
CA LEU C 13 17.97 -17.53 12.58
C LEU C 13 18.20 -17.73 14.07
N ARG C 14 18.68 -16.69 14.76
CA ARG C 14 18.90 -16.77 16.20
C ARG C 14 17.57 -17.00 16.87
N LEU C 15 16.59 -16.16 16.52
CA LEU C 15 15.24 -16.26 17.04
C LEU C 15 14.62 -17.64 16.76
N PHE C 16 14.66 -18.07 15.50
CA PHE C 16 14.12 -19.37 15.11
C PHE C 16 14.73 -20.54 15.87
N GLU C 17 15.96 -20.39 16.32
CA GLU C 17 16.63 -21.42 17.10
C GLU C 17 16.48 -21.20 18.59
N SER C 18 15.81 -20.11 19.00
CA SER C 18 15.59 -19.83 20.42
C SER C 18 14.35 -20.54 20.94
N LYS C 19 14.16 -20.44 22.25
CA LYS C 19 13.01 -21.06 22.92
C LYS C 19 11.69 -20.44 22.47
N LEU C 20 11.73 -19.16 22.12
CA LEU C 20 10.56 -18.42 21.63
C LEU C 20 9.90 -18.98 20.36
N PHE C 21 10.56 -19.92 19.71
CA PHE C 21 10.03 -20.49 18.47
C PHE C 21 9.01 -21.64 18.61
N ASP C 22 7.73 -21.28 18.55
CA ASP C 22 6.67 -22.27 18.63
C ASP C 22 5.91 -22.29 17.32
N ILE C 23 5.08 -23.30 17.15
CA ILE C 23 4.29 -23.46 15.93
C ILE C 23 3.58 -22.16 15.51
N SER C 24 3.15 -21.39 16.50
CA SER C 24 2.51 -20.11 16.25
C SER C 24 3.44 -19.16 15.47
N MET C 25 4.59 -18.88 16.06
CA MET C 25 5.61 -18.05 15.43
C MET C 25 5.91 -18.60 14.05
N ALA C 26 6.08 -19.91 13.96
CA ALA C 26 6.39 -20.55 12.69
C ALA C 26 5.38 -20.15 11.64
N ILE C 27 4.12 -20.32 11.97
CA ILE C 27 3.05 -20.07 11.02
C ILE C 27 3.05 -18.62 10.60
N SER C 28 3.31 -17.75 11.58
CA SER C 28 3.26 -16.30 11.36
C SER C 28 4.27 -15.89 10.32
N TYR C 29 5.50 -16.39 10.50
CA TYR C 29 6.59 -16.08 9.57
C TYR C 29 6.33 -16.69 8.22
N LEU C 30 5.86 -17.92 8.22
CA LEU C 30 5.46 -18.60 7.01
C LEU C 30 4.44 -17.77 6.23
N TYR C 31 3.51 -17.17 6.97
CA TYR C 31 2.43 -16.40 6.39
C TYR C 31 2.90 -15.07 5.86
N ASN C 32 3.85 -14.45 6.55
CA ASN C 32 4.25 -13.06 6.25
C ASN C 32 5.48 -12.90 5.40
N SER C 33 6.53 -13.64 5.74
CA SER C 33 7.80 -13.55 5.06
C SER C 33 7.63 -13.76 3.56
N LYS C 34 8.28 -12.89 2.78
CA LYS C 34 8.33 -13.03 1.33
C LYS C 34 9.63 -13.68 0.85
N GLU C 35 10.47 -14.08 1.82
CA GLU C 35 11.73 -14.74 1.56
C GLU C 35 11.55 -16.24 1.37
N PRO C 36 11.86 -16.74 0.17
CA PRO C 36 11.73 -18.18 -0.04
C PRO C 36 12.67 -19.04 0.83
N GLY C 37 13.77 -18.47 1.30
CA GLY C 37 14.69 -19.22 2.16
C GLY C 37 14.07 -19.53 3.51
N VAL C 38 13.21 -18.60 3.93
CA VAL C 38 12.60 -18.67 5.25
C VAL C 38 11.47 -19.67 5.18
N GLN C 39 10.69 -19.52 4.12
CA GLN C 39 9.60 -20.44 3.84
C GLN C 39 10.09 -21.89 3.90
N ALA C 40 11.17 -22.19 3.17
CA ALA C 40 11.77 -23.52 3.18
C ALA C 40 12.28 -23.92 4.55
N TYR C 41 12.96 -23.00 5.23
CA TYR C 41 13.48 -23.29 6.56
C TYR C 41 12.37 -23.69 7.52
N ILE C 42 11.22 -23.02 7.38
CA ILE C 42 10.12 -23.31 8.31
C ILE C 42 9.39 -24.56 7.88
N GLY C 43 9.17 -24.70 6.58
CA GLY C 43 8.70 -25.96 6.04
C GLY C 43 9.41 -27.17 6.66
N ASN C 44 10.73 -27.06 6.80
CA ASN C 44 11.49 -28.15 7.41
C ASN C 44 11.29 -28.21 8.91
N ARG C 45 11.15 -27.07 9.58
CA ARG C 45 11.04 -27.07 11.05
C ARG C 45 9.73 -27.65 11.57
N LEU C 46 8.71 -27.70 10.72
CA LEU C 46 7.43 -28.26 11.13
C LEU C 46 7.60 -29.68 11.66
N PHE C 47 8.49 -30.43 11.03
CA PHE C 47 8.71 -31.79 11.44
C PHE C 47 9.17 -31.85 12.90
N CYS C 48 9.89 -30.83 13.34
CA CYS C 48 10.41 -30.83 14.72
C CYS C 48 9.30 -30.64 15.79
N PHE C 49 8.15 -30.07 15.44
CA PHE C 49 7.07 -29.81 16.41
C PHE C 49 6.21 -31.02 16.75
N ARG C 50 5.54 -30.97 17.89
CA ARG C 50 4.61 -32.06 18.25
C ARG C 50 3.38 -32.05 17.37
N ASN C 51 2.98 -33.23 16.90
CA ASN C 51 1.79 -33.38 16.06
C ASN C 51 0.53 -32.67 16.55
N GLU C 52 0.28 -32.73 17.84
CA GLU C 52 -0.92 -32.17 18.42
C GLU C 52 -0.91 -30.67 18.25
N ASP C 53 0.26 -30.07 18.40
CA ASP C 53 0.37 -28.61 18.40
C ASP C 53 0.12 -28.11 17.00
N VAL C 54 0.65 -28.82 16.02
CA VAL C 54 0.52 -28.44 14.62
C VAL C 54 -0.87 -28.74 14.12
N ASP C 55 -1.42 -29.86 14.59
CA ASP C 55 -2.79 -30.31 14.23
C ASP C 55 -3.83 -29.21 14.37
N PHE C 56 -3.74 -28.48 15.48
CA PHE C 56 -4.65 -27.38 15.74
C PHE C 56 -4.70 -26.38 14.60
N TYR C 57 -3.59 -26.28 13.87
CA TYR C 57 -3.47 -25.27 12.80
C TYR C 57 -3.65 -25.81 11.40
N LEU C 58 -4.10 -27.06 11.28
CA LEU C 58 -4.24 -27.68 9.96
C LEU C 58 -5.09 -26.86 9.01
N PRO C 59 -6.17 -26.23 9.49
CA PRO C 59 -6.94 -25.42 8.55
C PRO C 59 -6.12 -24.26 7.98
N GLN C 60 -5.25 -23.70 8.81
CA GLN C 60 -4.51 -22.51 8.43
C GLN C 60 -3.52 -22.95 7.39
N LEU C 61 -2.73 -23.96 7.75
CA LEU C 61 -1.76 -24.47 6.83
C LEU C 61 -2.38 -24.75 5.46
N LEU C 62 -3.45 -25.51 5.44
CA LEU C 62 -4.09 -25.88 4.19
C LEU C 62 -4.70 -24.69 3.45
N ASN C 63 -5.17 -23.69 4.19
CA ASN C 63 -5.73 -22.53 3.53
C ASN C 63 -4.61 -21.81 2.80
N MET C 64 -3.50 -21.59 3.51
CA MET C 64 -2.29 -21.00 2.92
C MET C 64 -1.86 -21.76 1.66
N TYR C 65 -1.72 -23.07 1.78
CA TYR C 65 -1.39 -23.95 0.65
C TYR C 65 -2.22 -23.66 -0.57
N ILE C 66 -3.54 -23.57 -0.37
CA ILE C 66 -4.45 -23.34 -1.48
C ILE C 66 -4.31 -21.94 -2.07
N HIS C 67 -4.35 -20.92 -1.23
CA HIS C 67 -4.59 -19.55 -1.69
C HIS C 67 -3.37 -18.67 -1.76
N MET C 68 -2.23 -19.22 -1.34
CA MET C 68 -0.99 -18.47 -1.30
C MET C 68 -0.05 -18.90 -2.42
N ASP C 69 1.01 -18.13 -2.57
CA ASP C 69 2.02 -18.37 -3.59
C ASP C 69 2.57 -19.77 -3.53
N GLU C 70 2.92 -20.28 -4.70
CA GLU C 70 3.37 -21.64 -4.86
C GLU C 70 4.54 -21.94 -3.92
N ASP C 71 5.46 -21.00 -3.80
CA ASP C 71 6.57 -21.13 -2.85
C ASP C 71 6.10 -21.56 -1.45
N VAL C 72 5.00 -20.95 -0.99
CA VAL C 72 4.49 -21.19 0.36
C VAL C 72 3.88 -22.60 0.46
N GLY C 73 3.02 -22.92 -0.48
CA GLY C 73 2.55 -24.28 -0.65
C GLY C 73 3.65 -25.35 -0.68
N ASP C 74 4.67 -25.15 -1.52
CA ASP C 74 5.72 -26.18 -1.66
C ASP C 74 6.53 -26.45 -0.38
N ALA C 75 6.57 -25.43 0.50
CA ALA C 75 7.27 -25.54 1.77
C ALA C 75 6.48 -26.36 2.79
N ILE C 76 5.16 -26.24 2.69
CA ILE C 76 4.21 -26.92 3.57
C ILE C 76 3.97 -28.40 3.18
N LYS C 77 3.95 -28.68 1.88
CA LYS C 77 3.53 -29.99 1.35
C LYS C 77 4.25 -31.21 1.95
N PRO C 78 5.60 -31.21 1.94
CA PRO C 78 6.34 -32.37 2.44
C PRO C 78 5.89 -32.86 3.81
N TYR C 79 5.70 -31.90 4.73
CA TYR C 79 5.24 -32.20 6.09
C TYR C 79 3.86 -32.81 6.08
N ILE C 80 3.00 -32.24 5.25
CA ILE C 80 1.63 -32.69 5.15
C ILE C 80 1.61 -34.12 4.67
N VAL C 81 2.29 -34.35 3.55
CA VAL C 81 2.39 -35.69 2.97
C VAL C 81 2.95 -36.67 4.02
N HIS C 82 3.99 -36.26 4.72
CA HIS C 82 4.52 -37.09 5.82
C HIS C 82 3.46 -37.45 6.86
N ARG C 83 2.67 -36.48 7.33
CA ARG C 83 1.64 -36.79 8.31
C ARG C 83 0.57 -37.71 7.73
N CYS C 84 0.16 -37.39 6.50
CA CYS C 84 -0.83 -38.18 5.76
C CYS C 84 -0.44 -39.63 5.65
N ARG C 85 0.85 -39.91 5.55
CA ARG C 85 1.34 -41.27 5.42
C ARG C 85 1.34 -42.05 6.72
N GLN C 86 1.25 -41.36 7.86
CA GLN C 86 1.35 -42.05 9.13
C GLN C 86 0.01 -42.11 9.87
N SER C 87 -1.02 -41.49 9.29
CA SER C 87 -2.32 -41.47 9.92
C SER C 87 -3.37 -41.27 8.86
N ILE C 88 -4.26 -42.24 8.76
CA ILE C 88 -5.32 -42.16 7.79
C ILE C 88 -6.35 -41.12 8.20
N ASN C 89 -6.53 -40.98 9.51
CA ASN C 89 -7.36 -39.91 10.04
C ASN C 89 -6.88 -38.58 9.47
N PHE C 90 -5.58 -38.32 9.66
CA PHE C 90 -4.97 -37.11 9.16
C PHE C 90 -5.25 -36.95 7.66
N SER C 91 -5.04 -38.02 6.92
CA SER C 91 -5.28 -38.00 5.47
C SER C 91 -6.69 -37.51 5.18
N LEU C 92 -7.63 -38.11 5.89
CA LEU C 92 -9.03 -37.80 5.68
C LEU C 92 -9.30 -36.30 5.84
N GLN C 93 -8.84 -35.73 6.95
CA GLN C 93 -9.13 -34.33 7.26
C GLN C 93 -8.51 -33.41 6.25
N CYS C 94 -7.30 -33.76 5.83
CA CYS C 94 -6.65 -33.04 4.75
C CYS C 94 -7.53 -33.07 3.54
N ALA C 95 -7.92 -34.29 3.12
CA ALA C 95 -8.70 -34.39 1.87
C ALA C 95 -10.01 -33.58 1.99
N LEU C 96 -10.68 -33.73 3.11
CA LEU C 96 -11.91 -33.01 3.31
C LEU C 96 -11.73 -31.48 3.31
N LEU C 97 -10.73 -31.00 4.04
CA LEU C 97 -10.44 -29.57 4.13
C LEU C 97 -9.99 -28.97 2.78
N LEU C 98 -9.10 -29.68 2.10
CA LEU C 98 -8.63 -29.25 0.80
C LEU C 98 -9.80 -28.98 -0.13
N GLY C 99 -10.76 -29.89 -0.13
CA GLY C 99 -11.93 -29.76 -1.01
C GLY C 99 -12.81 -28.59 -0.58
N ALA C 100 -13.11 -28.55 0.71
CA ALA C 100 -13.98 -27.53 1.26
C ALA C 100 -13.50 -26.11 1.03
N TYR C 101 -12.19 -25.92 1.13
CA TYR C 101 -11.61 -24.58 1.08
C TYR C 101 -11.14 -24.20 -0.32
N SER C 102 -11.47 -25.05 -1.30
CA SER C 102 -11.31 -24.75 -2.73
C SER C 102 -12.58 -24.18 -3.36
N SER C 103 -12.88 -22.91 -3.02
CA SER C 103 -14.06 -22.17 -3.50
C SER C 103 -13.68 -21.35 -4.74
N SER C 113 -7.62 -25.97 -8.09
CA SER C 113 -6.63 -26.66 -8.92
C SER C 113 -5.30 -26.97 -8.20
N ARG C 114 -4.99 -26.17 -7.18
CA ARG C 114 -3.83 -26.43 -6.35
C ARG C 114 -4.22 -27.33 -5.21
N GLY C 115 -5.44 -27.16 -4.72
CA GLY C 115 -5.95 -28.08 -3.73
C GLY C 115 -6.08 -29.44 -4.37
N THR C 116 -6.73 -29.46 -5.54
CA THR C 116 -7.18 -30.67 -6.20
C THR C 116 -6.13 -31.73 -6.48
N LYS C 117 -5.02 -31.28 -7.04
CA LYS C 117 -3.83 -32.11 -7.26
C LYS C 117 -3.57 -33.08 -6.12
N LEU C 118 -3.49 -32.51 -4.93
CA LEU C 118 -2.99 -33.22 -3.76
C LEU C 118 -4.09 -34.04 -3.09
N ARG C 119 -5.29 -33.49 -3.09
CA ARG C 119 -6.44 -34.18 -2.58
C ARG C 119 -6.59 -35.53 -3.26
N LYS C 120 -6.57 -35.51 -4.60
CA LYS C 120 -6.64 -36.73 -5.42
C LYS C 120 -5.52 -37.72 -5.06
N LEU C 121 -4.34 -37.17 -4.82
CA LEU C 121 -3.19 -37.98 -4.43
C LEU C 121 -3.39 -38.60 -3.04
N ILE C 122 -4.04 -37.88 -2.13
CA ILE C 122 -4.29 -38.37 -0.77
C ILE C 122 -5.39 -39.43 -0.78
N LEU C 123 -6.46 -39.14 -1.51
CA LEU C 123 -7.54 -40.09 -1.65
C LEU C 123 -7.12 -41.39 -2.37
N SER C 124 -6.18 -41.30 -3.30
CA SER C 124 -5.64 -42.51 -3.97
C SER C 124 -4.87 -43.45 -3.02
N ASP C 125 -4.03 -42.89 -2.15
CA ASP C 125 -3.32 -43.70 -1.13
C ASP C 125 -2.65 -44.96 -1.68
N ARG C 188 -7.00 -47.29 0.67
CA ARG C 188 -8.44 -47.49 0.76
C ARG C 188 -9.04 -46.75 1.96
N LEU C 189 -9.69 -45.66 1.60
CA LEU C 189 -10.50 -44.86 2.48
C LEU C 189 -11.97 -45.05 2.12
N ALA C 190 -12.24 -45.94 1.15
CA ALA C 190 -13.59 -46.10 0.60
C ALA C 190 -14.65 -46.41 1.68
N PRO C 191 -14.32 -47.33 2.61
CA PRO C 191 -15.28 -47.60 3.68
C PRO C 191 -15.78 -46.36 4.41
N GLU C 192 -14.83 -45.52 4.83
CA GLU C 192 -15.15 -44.30 5.56
C GLU C 192 -15.92 -43.32 4.69
N ARG C 193 -15.41 -43.10 3.49
CA ARG C 193 -16.03 -42.13 2.60
C ARG C 193 -17.43 -42.54 2.20
N GLU C 194 -17.68 -43.85 2.12
CA GLU C 194 -19.00 -44.37 1.77
C GLU C 194 -19.91 -44.31 2.99
N PHE C 195 -19.34 -44.62 4.16
CA PHE C 195 -20.04 -44.40 5.44
C PHE C 195 -20.53 -42.98 5.55
N ILE C 196 -19.67 -42.01 5.24
CA ILE C 196 -20.05 -40.60 5.37
C ILE C 196 -21.05 -40.17 4.31
N LYS C 197 -20.81 -40.64 3.09
CA LYS C 197 -21.71 -40.37 1.99
C LYS C 197 -23.11 -40.86 2.36
N SER C 198 -23.20 -42.07 2.89
CA SER C 198 -24.50 -42.63 3.24
C SER C 198 -25.17 -41.80 4.33
N LEU C 199 -24.42 -41.43 5.38
CA LEU C 199 -24.97 -40.53 6.41
C LEU C 199 -25.48 -39.20 5.81
N MET C 200 -24.67 -38.62 4.92
CA MET C 200 -25.09 -37.41 4.23
C MET C 200 -26.34 -37.67 3.39
N ALA C 201 -26.31 -38.77 2.65
CA ALA C 201 -27.40 -39.15 1.76
C ALA C 201 -28.73 -39.29 2.51
N ILE C 202 -28.68 -40.03 3.61
CA ILE C 202 -29.83 -40.17 4.50
C ILE C 202 -30.45 -38.80 4.79
N GLY C 203 -29.64 -37.88 5.32
CA GLY C 203 -30.13 -36.58 5.72
C GLY C 203 -30.86 -35.84 4.61
N LYS C 204 -30.36 -35.94 3.39
CA LYS C 204 -30.94 -35.22 2.24
C LYS C 204 -32.33 -35.75 1.92
N ARG C 205 -32.54 -37.03 2.20
CA ARG C 205 -33.81 -37.68 1.90
C ARG C 205 -34.96 -37.22 2.80
N LEU C 206 -34.64 -36.94 4.06
CA LEU C 206 -35.65 -36.48 5.02
C LEU C 206 -36.35 -35.18 4.63
N ALA C 207 -35.85 -34.48 3.61
CA ALA C 207 -36.45 -33.20 3.16
C ALA C 207 -37.92 -33.31 2.75
N THR C 208 -38.30 -34.47 2.22
CA THR C 208 -39.68 -34.73 1.79
C THR C 208 -40.62 -34.97 2.96
N LEU C 209 -40.11 -35.15 4.17
CA LEU C 209 -40.99 -35.33 5.34
C LEU C 209 -41.10 -34.04 6.17
N PRO C 210 -42.24 -33.36 6.09
CA PRO C 210 -42.42 -32.06 6.68
C PRO C 210 -42.51 -31.99 8.21
N THR C 211 -42.58 -33.10 8.92
CA THR C 211 -42.56 -33.00 10.40
C THR C 211 -41.35 -33.65 10.99
N LYS C 212 -40.93 -33.08 12.11
CA LYS C 212 -39.83 -33.60 12.90
C LYS C 212 -40.00 -35.11 13.15
N GLU C 213 -41.14 -35.46 13.73
CA GLU C 213 -41.45 -36.84 14.11
C GLU C 213 -41.46 -37.83 12.91
N GLN C 214 -41.97 -37.39 11.74
CA GLN C 214 -41.97 -38.22 10.54
C GLN C 214 -40.53 -38.47 10.07
N LYS C 215 -39.74 -37.40 10.11
CA LYS C 215 -38.32 -37.45 9.75
C LYS C 215 -37.58 -38.42 10.64
N THR C 216 -37.78 -38.25 11.95
CA THR C 216 -37.19 -39.17 12.93
C THR C 216 -37.52 -40.65 12.61
N GLN C 217 -38.78 -40.95 12.29
CA GLN C 217 -39.17 -42.31 11.91
C GLN C 217 -38.33 -42.85 10.75
N ARG C 218 -38.20 -42.05 9.68
CA ARG C 218 -37.47 -42.49 8.51
C ARG C 218 -35.98 -42.59 8.81
N LEU C 219 -35.48 -41.70 9.65
CA LEU C 219 -34.07 -41.72 10.04
C LEU C 219 -33.70 -43.04 10.72
N ILE C 220 -34.47 -43.36 11.75
CA ILE C 220 -34.30 -44.57 12.54
C ILE C 220 -34.30 -45.79 11.67
N SER C 221 -35.29 -45.88 10.77
CA SER C 221 -35.37 -47.01 9.87
C SER C 221 -34.08 -47.10 9.05
N GLU C 222 -33.72 -45.98 8.44
CA GLU C 222 -32.60 -45.94 7.50
C GLU C 222 -31.22 -46.13 8.15
N LEU C 223 -31.05 -45.67 9.38
CA LEU C 223 -29.84 -45.94 10.16
C LEU C 223 -29.59 -47.43 10.46
N SER C 224 -30.66 -48.22 10.64
CA SER C 224 -30.50 -49.64 10.93
C SER C 224 -29.78 -50.39 9.85
N LEU C 225 -29.94 -49.90 8.62
CA LEU C 225 -29.33 -50.58 7.47
C LEU C 225 -27.82 -50.44 7.48
N LEU C 226 -27.33 -49.41 8.13
CA LEU C 226 -25.89 -49.19 8.24
C LEU C 226 -25.20 -50.28 9.05
N ASN C 227 -25.92 -50.88 10.00
CA ASN C 227 -25.37 -51.96 10.84
C ASN C 227 -25.07 -53.21 10.03
N HIS C 228 -25.74 -53.35 8.89
CA HIS C 228 -25.45 -54.44 7.96
C HIS C 228 -24.05 -54.40 7.41
N LYS C 229 -23.43 -53.22 7.45
CA LYS C 229 -22.05 -53.05 6.94
C LYS C 229 -21.00 -52.89 8.05
N LEU C 230 -21.38 -53.13 9.30
CA LEU C 230 -20.48 -52.95 10.42
C LEU C 230 -20.13 -54.31 11.05
N PRO C 231 -18.98 -54.41 11.77
CA PRO C 231 -18.01 -53.30 11.90
C PRO C 231 -17.13 -53.20 10.66
N ALA C 232 -16.51 -52.05 10.45
CA ALA C 232 -15.67 -51.80 9.25
C ALA C 232 -14.49 -50.87 9.54
N ARG C 233 -13.65 -50.63 8.52
CA ARG C 233 -12.54 -49.69 8.63
C ARG C 233 -13.09 -48.24 8.56
N VAL C 234 -13.80 -47.89 9.63
CA VAL C 234 -14.59 -46.69 9.71
C VAL C 234 -14.51 -46.08 11.12
N TRP C 235 -14.45 -44.75 11.19
CA TRP C 235 -14.31 -44.05 12.45
C TRP C 235 -14.96 -42.66 12.40
N LEU C 236 -15.11 -42.08 13.57
CA LEU C 236 -15.56 -40.73 13.75
C LEU C 236 -14.39 -39.81 14.09
N PRO C 237 -13.96 -38.95 13.14
CA PRO C 237 -12.85 -38.03 13.36
C PRO C 237 -13.03 -37.13 14.57
N THR C 238 -14.27 -36.88 14.99
CA THR C 238 -14.56 -36.03 16.15
C THR C 238 -14.23 -36.66 17.48
N ALA C 239 -13.79 -37.92 17.45
CA ALA C 239 -13.52 -38.64 18.71
C ALA C 239 -12.15 -38.34 19.28
N GLY C 240 -12.10 -38.18 20.59
CA GLY C 240 -10.81 -37.94 21.25
C GLY C 240 -9.71 -38.98 21.00
N PHE C 241 -10.07 -40.16 20.51
CA PHE C 241 -9.19 -41.32 20.53
C PHE C 241 -9.28 -42.12 19.25
N ASP C 242 -8.43 -43.12 19.12
CA ASP C 242 -8.47 -43.99 17.96
C ASP C 242 -9.49 -45.06 18.24
N HIS C 243 -10.18 -45.51 17.20
CA HIS C 243 -11.24 -46.48 17.38
C HIS C 243 -11.74 -47.09 16.10
N HIS C 244 -12.57 -48.11 16.27
CA HIS C 244 -13.39 -48.67 15.21
C HIS C 244 -14.85 -48.53 15.59
N VAL C 245 -15.67 -48.15 14.62
CA VAL C 245 -17.13 -48.14 14.76
C VAL C 245 -17.68 -49.54 14.55
N VAL C 246 -18.50 -49.97 15.51
CA VAL C 246 -19.05 -51.34 15.49
C VAL C 246 -20.56 -51.39 15.27
N ARG C 247 -21.29 -50.41 15.83
CA ARG C 247 -22.75 -50.46 15.87
C ARG C 247 -23.44 -49.10 15.99
N VAL C 248 -24.59 -48.96 15.35
CA VAL C 248 -25.42 -47.76 15.48
C VAL C 248 -26.75 -48.11 16.16
N PRO C 249 -26.95 -47.63 17.41
CA PRO C 249 -28.24 -47.81 18.10
C PRO C 249 -29.32 -46.91 17.52
N HIS C 250 -29.75 -47.30 16.33
CA HIS C 250 -30.68 -46.51 15.50
C HIS C 250 -31.96 -46.03 16.21
N THR C 251 -32.51 -46.85 17.09
CA THR C 251 -33.73 -46.44 17.80
C THR C 251 -33.48 -45.16 18.61
N GLN C 252 -32.21 -44.87 18.91
CA GLN C 252 -31.88 -43.72 19.77
C GLN C 252 -31.65 -42.40 19.03
N ALA C 253 -31.47 -42.48 17.71
CA ALA C 253 -31.28 -41.28 16.90
C ALA C 253 -32.55 -40.41 16.83
N VAL C 254 -32.35 -39.10 16.75
CA VAL C 254 -33.48 -38.12 16.66
C VAL C 254 -33.12 -37.01 15.68
N VAL C 255 -34.16 -36.45 15.05
CA VAL C 255 -34.01 -35.31 14.15
C VAL C 255 -34.39 -34.06 14.93
N LEU C 256 -33.65 -32.98 14.69
CA LEU C 256 -33.62 -31.82 15.61
C LEU C 256 -34.56 -30.69 15.27
N ASN C 257 -34.97 -30.58 14.00
CA ASN C 257 -36.01 -29.62 13.61
C ASN C 257 -36.80 -30.08 12.40
N SER C 258 -37.79 -29.27 12.03
CA SER C 258 -38.68 -29.60 10.92
C SER C 258 -38.20 -29.02 9.62
N LYS C 259 -37.00 -28.44 9.61
CA LYS C 259 -36.48 -27.74 8.44
C LYS C 259 -36.13 -28.64 7.27
N ASP C 260 -35.97 -28.02 6.11
CA ASP C 260 -35.78 -28.74 4.86
C ASP C 260 -34.51 -29.56 4.85
N LYS C 261 -33.46 -28.97 5.38
CA LYS C 261 -32.15 -29.61 5.47
C LYS C 261 -31.85 -29.80 6.95
N ALA C 262 -32.77 -30.48 7.64
CA ALA C 262 -32.71 -30.60 9.10
C ALA C 262 -31.50 -31.38 9.47
N PRO C 263 -30.80 -30.93 10.50
CA PRO C 263 -29.74 -31.72 11.07
C PRO C 263 -30.29 -32.83 11.96
N TYR C 264 -29.52 -33.88 12.17
CA TYR C 264 -29.98 -34.97 13.00
C TYR C 264 -28.89 -35.50 13.87
N LEU C 265 -29.28 -35.90 15.06
CA LEU C 265 -28.34 -36.34 16.07
C LEU C 265 -28.32 -37.86 16.09
N ILE C 266 -27.14 -38.47 16.14
CA ILE C 266 -27.05 -39.92 16.30
C ILE C 266 -26.05 -40.36 17.35
N TYR C 267 -26.30 -41.55 17.91
CA TYR C 267 -25.35 -42.18 18.82
C TYR C 267 -24.65 -43.32 18.09
N VAL C 268 -23.35 -43.44 18.34
CA VAL C 268 -22.49 -44.43 17.69
C VAL C 268 -21.68 -45.23 18.70
N GLU C 269 -21.61 -46.53 18.48
CA GLU C 269 -20.82 -47.42 19.32
C GLU C 269 -19.46 -47.69 18.68
N VAL C 270 -18.44 -47.73 19.52
CA VAL C 270 -17.06 -47.92 19.08
C VAL C 270 -16.27 -48.78 20.05
N LEU C 271 -15.24 -49.41 19.49
CA LEU C 271 -14.23 -50.06 20.29
C LEU C 271 -12.86 -49.37 20.18
N GLU C 272 -12.38 -48.88 21.32
CA GLU C 272 -11.15 -48.09 21.36
C GLU C 272 -9.92 -48.86 20.81
N CYS C 273 -9.03 -48.11 20.17
CA CYS C 273 -7.75 -48.63 19.73
C CYS C 273 -6.66 -47.99 20.54
N GLU C 274 -5.48 -48.59 20.51
CA GLU C 274 -4.24 -47.91 20.94
C GLU C 274 -3.67 -47.21 19.71
N ASN C 275 -3.73 -47.88 18.57
CA ASN C 275 -3.39 -47.27 17.30
C ASN C 275 -4.23 -47.85 16.16
N PHE C 276 -4.96 -46.99 15.45
CA PHE C 276 -5.71 -47.39 14.24
C PHE C 276 -4.59 -47.73 13.27
N ASP C 277 -4.81 -47.83 11.97
CA ASP C 277 -3.66 -47.90 11.00
C ASP C 277 -2.87 -49.23 11.13
N THR C 278 -2.95 -49.88 12.28
CA THR C 278 -2.21 -51.12 12.57
C THR C 278 -3.05 -52.17 13.29
N THR C 279 -4.34 -51.94 13.39
CA THR C 279 -5.24 -52.86 14.09
C THR C 279 -6.17 -53.46 13.06
N SER C 280 -6.74 -54.61 13.36
CA SER C 280 -7.76 -55.13 12.46
C SER C 280 -9.14 -54.75 12.96
N VAL C 281 -10.05 -54.66 12.01
CA VAL C 281 -11.43 -54.34 12.29
C VAL C 281 -11.95 -55.47 13.15
N PRO C 282 -12.59 -55.14 14.29
CA PRO C 282 -13.13 -56.22 15.13
C PRO C 282 -14.14 -57.07 14.39
N ALA C 283 -14.52 -58.21 14.98
CA ALA C 283 -15.40 -59.14 14.32
C ALA C 283 -16.85 -58.86 14.72
N ARG C 284 -17.76 -59.12 13.79
CA ARG C 284 -19.19 -58.91 14.03
C ARG C 284 -19.63 -59.83 15.18
N ILE C 285 -20.57 -59.38 16.02
CA ILE C 285 -21.21 -60.28 17.01
C ILE C 285 -22.71 -59.98 17.01
N PRO C 286 -23.53 -60.97 16.57
CA PRO C 286 -24.77 -60.62 15.84
C PRO C 286 -26.03 -60.04 16.55
N GLU C 287 -26.15 -60.11 17.88
CA GLU C 287 -27.27 -59.45 18.61
C GLU C 287 -28.35 -60.44 19.04
N ASN C 288 -29.21 -60.04 19.97
CA ASN C 288 -30.47 -60.76 20.24
C ASN C 288 -31.56 -60.29 19.27
N PRO C 292 -35.99 -58.84 23.96
CA PRO C 292 -36.80 -58.40 22.83
C PRO C 292 -38.18 -57.91 23.29
N GLU C 293 -38.95 -57.34 22.37
CA GLU C 293 -40.20 -56.70 22.72
C GLU C 293 -39.99 -55.43 23.50
N ASP C 294 -39.36 -55.53 24.66
CA ASP C 294 -39.11 -54.35 25.47
C ASP C 294 -37.71 -54.35 26.08
N PRO C 295 -36.65 -54.13 25.27
CA PRO C 295 -35.35 -54.13 25.91
C PRO C 295 -34.78 -52.70 26.00
N SER C 296 -33.87 -52.33 25.10
CA SER C 296 -33.11 -51.07 25.13
C SER C 296 -33.55 -50.11 24.02
N ALA C 297 -34.56 -50.52 23.26
CA ALA C 297 -34.95 -49.79 22.06
C ALA C 297 -35.69 -48.48 22.37
N VAL C 298 -36.25 -48.36 23.57
CA VAL C 298 -37.08 -47.20 23.94
C VAL C 298 -36.21 -45.93 24.07
N ALA C 299 -36.68 -44.81 23.51
CA ALA C 299 -35.90 -43.57 23.51
C ALA C 299 -36.62 -42.49 24.30
N LEU C 300 -35.99 -41.99 25.37
CA LEU C 300 -36.62 -40.99 26.25
C LEU C 300 -35.67 -39.89 26.67
N LYS C 301 -36.24 -38.74 27.00
CA LYS C 301 -35.48 -37.66 27.59
C LYS C 301 -34.90 -38.17 28.93
N GLU C 302 -33.58 -38.38 28.95
CA GLU C 302 -32.85 -38.90 30.11
C GLU C 302 -31.40 -38.40 30.08
N PRO C 303 -30.77 -38.22 31.25
CA PRO C 303 -29.34 -37.87 31.31
C PRO C 303 -28.43 -38.74 30.45
N TRP C 304 -27.21 -38.26 30.24
CA TRP C 304 -26.26 -38.91 29.35
C TRP C 304 -25.82 -40.28 29.88
N GLN C 305 -25.53 -40.36 31.18
CA GLN C 305 -25.07 -41.64 31.76
C GLN C 305 -26.16 -42.71 31.84
N GLU C 306 -27.40 -42.30 32.01
CA GLU C 306 -28.51 -43.25 31.92
C GLU C 306 -28.66 -43.78 30.51
N LYS C 307 -28.36 -42.94 29.52
CA LYS C 307 -28.52 -43.34 28.13
C LYS C 307 -27.40 -44.28 27.68
N VAL C 308 -26.21 -44.06 28.22
CA VAL C 308 -25.11 -44.98 27.95
C VAL C 308 -25.41 -46.35 28.55
N ARG C 309 -25.88 -46.36 29.80
CA ARG C 309 -26.27 -47.60 30.49
C ARG C 309 -27.21 -48.44 29.65
N ARG C 310 -28.32 -47.82 29.27
CA ARG C 310 -29.36 -48.46 28.47
C ARG C 310 -28.85 -49.03 27.14
N ILE C 311 -28.06 -48.25 26.41
CA ILE C 311 -27.57 -48.67 25.11
C ILE C 311 -26.54 -49.78 25.26
N ARG C 312 -25.67 -49.62 26.25
CA ARG C 312 -24.58 -50.57 26.50
C ARG C 312 -25.18 -51.92 26.81
N GLU C 313 -26.07 -51.92 27.80
CA GLU C 313 -26.75 -53.13 28.29
C GLU C 313 -27.47 -53.88 27.15
N GLY C 314 -28.07 -53.15 26.21
CA GLY C 314 -28.71 -53.78 25.07
C GLY C 314 -27.74 -54.21 23.98
N SER C 315 -26.50 -53.73 24.01
CA SER C 315 -25.60 -53.94 22.86
C SER C 315 -24.84 -55.24 22.91
N PRO C 316 -24.70 -55.90 21.75
CA PRO C 316 -23.80 -57.06 21.62
C PRO C 316 -22.41 -56.81 22.21
N TYR C 317 -21.86 -55.65 21.90
CA TYR C 317 -20.48 -55.31 22.25
C TYR C 317 -20.33 -54.67 23.64
N GLY C 318 -21.45 -54.43 24.32
CA GLY C 318 -21.45 -53.64 25.55
C GLY C 318 -20.61 -54.15 26.71
N HIS C 319 -20.46 -55.47 26.77
CA HIS C 319 -19.67 -56.13 27.82
C HIS C 319 -18.17 -55.82 27.79
N LEU C 320 -17.64 -55.55 26.59
CA LEU C 320 -16.21 -55.32 26.42
C LEU C 320 -15.76 -54.05 27.15
N PRO C 321 -14.52 -54.07 27.70
CA PRO C 321 -13.98 -52.90 28.43
C PRO C 321 -13.53 -51.84 27.45
N ASN C 322 -13.32 -52.32 26.23
CA ASN C 322 -12.89 -51.60 25.08
C ASN C 322 -13.96 -50.62 24.52
N TRP C 323 -15.18 -50.69 25.06
CA TRP C 323 -16.39 -50.14 24.43
C TRP C 323 -16.68 -48.76 24.94
N ARG C 324 -16.97 -47.86 24.00
CA ARG C 324 -17.35 -46.49 24.33
C ARG C 324 -18.43 -45.95 23.37
N LEU C 325 -19.19 -44.97 23.88
CA LEU C 325 -20.28 -44.36 23.13
C LEU C 325 -19.98 -42.93 22.67
N LEU C 326 -20.16 -42.68 21.38
CA LEU C 326 -19.99 -41.34 20.81
C LEU C 326 -21.30 -40.75 20.29
N SER C 327 -21.23 -39.49 19.86
CA SER C 327 -22.40 -38.77 19.35
C SER C 327 -21.95 -37.73 18.32
N VAL C 328 -22.70 -37.56 17.24
CA VAL C 328 -22.45 -36.47 16.30
C VAL C 328 -23.75 -35.97 15.74
N ILE C 329 -23.80 -34.69 15.46
CA ILE C 329 -24.89 -34.09 14.72
C ILE C 329 -24.48 -34.07 13.28
N VAL C 330 -25.37 -34.48 12.41
CA VAL C 330 -25.04 -34.54 11.02
C VAL C 330 -25.74 -33.41 10.29
N LYS C 331 -24.97 -32.52 9.71
CA LYS C 331 -25.53 -31.44 8.93
C LYS C 331 -25.26 -31.70 7.46
N CYS C 332 -26.29 -32.12 6.73
CA CYS C 332 -26.11 -32.51 5.35
C CYS C 332 -26.06 -31.27 4.42
N GLY C 333 -26.75 -30.21 4.79
CA GLY C 333 -26.85 -29.04 3.91
C GLY C 333 -26.37 -27.73 4.48
N ASP C 334 -25.54 -27.75 5.51
CA ASP C 334 -25.07 -26.50 6.13
C ASP C 334 -23.58 -26.36 6.02
N ASP C 335 -23.09 -25.14 5.79
CA ASP C 335 -21.64 -24.83 5.79
C ASP C 335 -21.18 -24.78 7.23
N LEU C 336 -20.02 -25.35 7.55
CA LEU C 336 -19.52 -25.36 8.92
C LEU C 336 -18.17 -24.68 9.05
N ARG C 337 -17.81 -23.89 8.06
CA ARG C 337 -16.48 -23.32 8.04
C ARG C 337 -16.36 -22.16 9.02
N GLN C 338 -17.37 -21.32 9.13
CA GLN C 338 -17.35 -20.31 10.18
C GLN C 338 -17.41 -21.00 11.53
N GLU C 339 -18.16 -22.10 11.57
CA GLU C 339 -18.34 -22.82 12.81
C GLU C 339 -16.96 -23.35 13.28
N LEU C 340 -16.20 -23.85 12.31
CA LEU C 340 -14.81 -24.26 12.59
C LEU C 340 -13.92 -23.10 13.03
N LEU C 341 -14.02 -21.98 12.35
CA LEU C 341 -13.25 -20.80 12.74
C LEU C 341 -13.56 -20.38 14.16
N ALA C 342 -14.85 -20.33 14.51
CA ALA C 342 -15.25 -19.94 15.85
C ALA C 342 -14.71 -20.89 16.92
N PHE C 343 -14.62 -22.16 16.55
CA PHE C 343 -14.13 -23.18 17.45
C PHE C 343 -12.71 -22.90 17.89
N GLN C 344 -11.86 -22.61 16.91
CA GLN C 344 -10.46 -22.27 17.13
C GLN C 344 -10.33 -21.04 18.03
N VAL C 345 -11.14 -20.04 17.74
CA VAL C 345 -11.13 -18.83 18.53
C VAL C 345 -11.56 -19.13 19.97
N LEU C 346 -12.59 -19.96 20.13
CA LEU C 346 -13.05 -20.31 21.46
C LEU C 346 -11.97 -21.09 22.21
N LYS C 347 -11.30 -21.96 21.47
CA LYS C 347 -10.30 -22.82 22.04
C LYS C 347 -9.12 -22.00 22.49
N GLN C 348 -8.72 -21.04 21.67
CA GLN C 348 -7.66 -20.13 22.09
C GLN C 348 -8.02 -19.32 23.31
N LEU C 349 -9.18 -18.68 23.29
CA LEU C 349 -9.56 -17.85 24.44
C LEU C 349 -9.60 -18.69 25.71
N GLN C 350 -9.97 -19.93 25.56
CA GLN C 350 -10.06 -20.83 26.67
C GLN C 350 -8.69 -21.03 27.25
N SER C 351 -7.70 -21.28 26.40
CA SER C 351 -6.33 -21.47 26.90
C SER C 351 -5.81 -20.21 27.52
N ILE C 352 -6.11 -19.10 26.84
CA ILE C 352 -5.68 -17.82 27.35
C ILE C 352 -6.23 -17.67 28.76
N TRP C 353 -7.51 -17.97 28.95
CA TRP C 353 -8.08 -17.77 30.28
C TRP C 353 -7.60 -18.80 31.31
N GLU C 354 -7.20 -19.99 30.88
CA GLU C 354 -6.59 -20.96 31.82
C GLU C 354 -5.20 -20.51 32.22
N GLN C 355 -4.41 -20.06 31.26
CA GLN C 355 -3.04 -19.63 31.52
C GLN C 355 -2.95 -18.43 32.47
N GLU C 356 -3.63 -17.33 32.14
CA GLU C 356 -3.92 -16.29 33.14
C GLU C 356 -4.83 -17.03 34.06
N ARG C 357 -5.29 -16.49 35.17
CA ARG C 357 -6.05 -17.43 36.00
C ARG C 357 -7.46 -16.95 36.27
N VAL C 358 -8.23 -16.90 35.19
CA VAL C 358 -9.55 -16.36 35.19
C VAL C 358 -10.55 -17.49 35.02
N PRO C 359 -11.43 -17.71 36.00
CA PRO C 359 -12.31 -18.83 35.94
C PRO C 359 -13.61 -18.57 35.14
N LEU C 360 -13.50 -17.88 34.01
CA LEU C 360 -14.56 -17.89 33.00
C LEU C 360 -14.78 -19.31 32.52
N TRP C 361 -15.96 -19.60 31.96
CA TRP C 361 -16.26 -20.93 31.43
C TRP C 361 -16.90 -20.87 30.07
N ILE C 362 -16.35 -21.64 29.13
CA ILE C 362 -16.94 -21.81 27.80
C ILE C 362 -16.72 -23.22 27.30
N LYS C 363 -17.44 -23.58 26.23
CA LYS C 363 -17.39 -24.94 25.71
C LYS C 363 -17.29 -24.89 24.21
N PRO C 364 -16.06 -25.03 23.70
CA PRO C 364 -15.86 -25.30 22.29
C PRO C 364 -16.38 -26.67 21.99
N TYR C 365 -17.17 -26.78 20.95
CA TYR C 365 -17.61 -28.09 20.52
C TYR C 365 -16.96 -28.40 19.19
N LYS C 366 -16.44 -29.61 19.08
CA LYS C 366 -15.74 -30.03 17.86
C LYS C 366 -16.56 -29.94 16.55
N ILE C 367 -15.85 -29.63 15.45
CA ILE C 367 -16.43 -29.43 14.14
C ILE C 367 -15.73 -30.33 13.17
N LEU C 368 -16.45 -30.91 12.25
CA LEU C 368 -15.79 -31.64 11.16
C LEU C 368 -16.36 -31.13 9.87
N VAL C 369 -15.54 -30.38 9.13
CA VAL C 369 -15.93 -29.91 7.81
C VAL C 369 -15.82 -31.06 6.83
N ILE C 370 -16.88 -31.30 6.07
CA ILE C 370 -16.85 -32.39 5.10
C ILE C 370 -16.89 -31.86 3.68
N SER C 371 -17.68 -30.82 3.47
CA SER C 371 -17.70 -30.11 2.21
C SER C 371 -17.99 -28.65 2.51
N ALA C 372 -18.03 -27.80 1.48
CA ALA C 372 -18.43 -26.40 1.70
C ALA C 372 -19.87 -26.30 2.20
N ASP C 373 -20.65 -27.37 2.00
CA ASP C 373 -22.08 -27.35 2.36
C ASP C 373 -22.50 -28.45 3.34
N SER C 374 -21.54 -29.21 3.88
CA SER C 374 -21.85 -30.26 4.85
C SER C 374 -20.72 -30.56 5.84
N GLY C 375 -21.12 -31.08 6.99
CA GLY C 375 -20.19 -31.41 8.04
C GLY C 375 -20.86 -32.05 9.23
N MET C 376 -20.10 -32.21 10.32
CA MET C 376 -20.63 -32.73 11.57
C MET C 376 -20.21 -31.89 12.77
N ILE C 377 -21.00 -31.98 13.83
CA ILE C 377 -20.73 -31.33 15.08
C ILE C 377 -20.82 -32.33 16.20
N GLU C 378 -19.84 -32.36 17.09
CA GLU C 378 -19.97 -33.13 18.34
C GLU C 378 -20.78 -32.36 19.40
N PRO C 379 -21.93 -32.88 19.80
CA PRO C 379 -22.80 -32.09 20.65
C PRO C 379 -22.42 -32.18 22.08
N VAL C 380 -22.78 -31.14 22.82
CA VAL C 380 -22.74 -31.12 24.25
C VAL C 380 -23.97 -31.87 24.69
N VAL C 381 -23.78 -32.91 25.47
CA VAL C 381 -24.90 -33.63 26.06
C VAL C 381 -25.36 -33.02 27.39
N ASN C 382 -26.54 -33.43 27.85
CA ASN C 382 -27.13 -32.90 29.10
C ASN C 382 -27.31 -31.41 28.98
N ALA C 383 -27.84 -31.00 27.83
CA ALA C 383 -28.08 -29.61 27.56
C ALA C 383 -29.26 -29.50 26.64
N VAL C 384 -30.04 -28.46 26.88
CA VAL C 384 -31.26 -28.22 26.15
C VAL C 384 -31.34 -26.74 25.92
N SER C 385 -31.94 -26.36 24.80
CA SER C 385 -32.11 -24.97 24.47
C SER C 385 -32.81 -24.23 25.60
N ILE C 386 -32.44 -22.97 25.83
CA ILE C 386 -33.20 -22.17 26.81
C ILE C 386 -34.66 -22.08 26.42
N HIS C 387 -34.91 -21.85 25.14
CA HIS C 387 -36.26 -21.65 24.65
C HIS C 387 -37.13 -22.84 24.94
N GLN C 388 -36.60 -24.03 24.69
CA GLN C 388 -37.43 -25.23 24.86
C GLN C 388 -37.52 -25.56 26.35
N VAL C 389 -36.50 -25.23 27.13
CA VAL C 389 -36.58 -25.34 28.59
C VAL C 389 -37.78 -24.57 29.15
N LYS C 390 -38.10 -23.44 28.53
CA LYS C 390 -39.22 -22.62 28.96
C LYS C 390 -40.54 -23.13 28.39
N LYS C 391 -40.51 -23.87 27.27
CA LYS C 391 -41.72 -24.40 26.66
C LYS C 391 -42.13 -25.78 27.18
N GLN C 392 -41.20 -26.67 27.49
CA GLN C 392 -41.59 -27.94 28.12
C GLN C 392 -41.63 -27.83 29.64
N SER C 393 -41.49 -26.62 30.16
CA SER C 393 -41.87 -26.30 31.52
C SER C 393 -42.70 -25.07 31.21
N GLN C 394 -43.26 -24.39 32.18
CA GLN C 394 -43.75 -23.07 31.84
C GLN C 394 -43.18 -22.11 32.81
N LEU C 395 -41.90 -22.31 33.10
CA LEU C 395 -41.28 -21.60 34.18
C LEU C 395 -40.41 -20.44 33.68
N SER C 396 -40.22 -19.43 34.53
CA SER C 396 -39.20 -18.43 34.33
C SER C 396 -37.88 -19.12 34.63
N LEU C 397 -36.83 -18.70 33.96
CA LEU C 397 -35.53 -19.36 34.03
C LEU C 397 -35.11 -19.64 35.47
N LEU C 398 -35.30 -18.64 36.32
CA LEU C 398 -35.03 -18.79 37.74
C LEU C 398 -35.90 -19.87 38.37
N ASP C 399 -37.20 -19.81 38.12
CA ASP C 399 -38.12 -20.84 38.63
C ASP C 399 -37.69 -22.21 38.20
N TYR C 400 -37.24 -22.33 36.95
CA TYR C 400 -36.73 -23.59 36.45
C TYR C 400 -35.48 -24.00 37.22
N PHE C 401 -34.55 -23.05 37.43
CA PHE C 401 -33.37 -23.32 38.27
C PHE C 401 -33.79 -23.88 39.64
N LEU C 402 -34.73 -23.19 40.28
CA LEU C 402 -35.21 -23.58 41.59
C LEU C 402 -35.89 -24.95 41.57
N GLN C 403 -36.71 -25.20 40.56
CA GLN C 403 -37.33 -26.50 40.42
C GLN C 403 -36.30 -27.59 40.24
N GLU C 404 -35.34 -27.34 39.35
CA GLU C 404 -34.45 -28.38 38.85
C GLU C 404 -33.26 -28.64 39.73
N HIS C 405 -32.88 -27.64 40.52
CA HIS C 405 -31.66 -27.74 41.33
C HIS C 405 -31.96 -27.68 42.81
N GLY C 406 -32.84 -26.76 43.19
CA GLY C 406 -33.26 -26.62 44.58
C GLY C 406 -33.44 -25.18 44.97
N SER C 407 -33.76 -24.95 46.24
CA SER C 407 -33.96 -23.59 46.74
C SER C 407 -32.62 -22.86 46.78
N TYR C 408 -32.70 -21.54 46.86
CA TYR C 408 -31.57 -20.64 47.06
C TYR C 408 -30.53 -21.12 48.07
N THR C 409 -30.97 -21.89 49.05
CA THR C 409 -30.09 -22.32 50.12
C THR C 409 -29.40 -23.68 49.83
N THR C 410 -29.68 -24.29 48.67
CA THR C 410 -29.12 -25.60 48.32
C THR C 410 -27.73 -25.52 47.66
N GLU C 411 -26.93 -26.56 47.82
CA GLU C 411 -25.63 -26.62 47.18
C GLU C 411 -25.84 -26.63 45.66
N ALA C 412 -26.66 -27.55 45.21
CA ALA C 412 -26.93 -27.71 43.80
C ALA C 412 -27.32 -26.39 43.16
N PHE C 413 -28.04 -25.54 43.87
CA PHE C 413 -28.45 -24.25 43.30
C PHE C 413 -27.23 -23.32 43.21
N LEU C 414 -26.52 -23.20 44.32
CA LEU C 414 -25.42 -22.26 44.37
C LEU C 414 -24.34 -22.61 43.36
N SER C 415 -24.09 -23.92 43.22
CA SER C 415 -23.15 -24.38 42.21
C SER C 415 -23.62 -24.03 40.81
N ALA C 416 -24.90 -24.26 40.53
CA ALA C 416 -25.45 -23.95 39.21
C ALA C 416 -25.40 -22.47 38.89
N GLN C 417 -25.70 -21.66 39.90
CA GLN C 417 -25.68 -20.21 39.73
C GLN C 417 -24.29 -19.76 39.35
N ARG C 418 -23.30 -20.30 40.05
CA ARG C 418 -21.92 -19.93 39.82
C ARG C 418 -21.53 -20.28 38.38
N ASN C 419 -21.86 -21.49 37.97
CA ASN C 419 -21.63 -21.91 36.59
C ASN C 419 -22.37 -21.01 35.59
N PHE C 420 -23.58 -20.59 35.95
CA PHE C 420 -24.29 -19.66 35.12
C PHE C 420 -23.47 -18.38 34.99
N VAL C 421 -23.07 -17.80 36.13
CA VAL C 421 -22.39 -16.51 36.10
C VAL C 421 -21.09 -16.60 35.35
N GLN C 422 -20.34 -17.65 35.61
CA GLN C 422 -19.07 -17.84 34.91
C GLN C 422 -19.24 -18.16 33.43
N SER C 423 -20.28 -18.91 33.05
CA SER C 423 -20.48 -19.19 31.62
C SER C 423 -21.05 -17.98 30.87
N CYS C 424 -21.80 -17.14 31.56
CA CYS C 424 -22.31 -15.91 30.95
C CYS C 424 -21.21 -14.93 30.62
N ALA C 425 -20.33 -14.70 31.58
CA ALA C 425 -19.25 -13.74 31.41
C ALA C 425 -18.35 -14.21 30.27
N GLY C 426 -18.01 -15.49 30.30
CA GLY C 426 -17.25 -16.10 29.24
C GLY C 426 -17.86 -15.77 27.91
N TYR C 427 -19.14 -16.12 27.75
CA TYR C 427 -19.77 -16.03 26.44
C TYR C 427 -20.04 -14.57 26.03
N CYS C 428 -20.22 -13.68 27.02
CA CYS C 428 -20.37 -12.28 26.73
C CYS C 428 -19.12 -11.82 26.00
N LEU C 429 -17.98 -12.21 26.56
CA LEU C 429 -16.68 -11.79 26.00
C LEU C 429 -16.48 -12.35 24.60
N VAL C 430 -16.83 -13.61 24.41
CA VAL C 430 -16.72 -14.19 23.11
C VAL C 430 -17.61 -13.44 22.15
N CYS C 431 -18.83 -13.15 22.58
CA CYS C 431 -19.78 -12.47 21.70
C CYS C 431 -19.28 -11.08 21.31
N TYR C 432 -18.73 -10.36 22.27
CA TYR C 432 -18.20 -9.03 21.98
C TYR C 432 -17.00 -9.09 21.04
N LEU C 433 -15.96 -9.80 21.43
CA LEU C 433 -14.76 -9.91 20.59
C LEU C 433 -15.03 -10.43 19.16
N LEU C 434 -15.83 -11.49 19.00
CA LEU C 434 -16.18 -11.99 17.68
C LEU C 434 -17.38 -11.28 17.05
N GLN C 435 -17.97 -10.32 17.74
CA GLN C 435 -19.21 -9.70 17.29
C GLN C 435 -20.18 -10.77 16.82
N VAL C 436 -20.52 -11.64 17.74
CA VAL C 436 -21.51 -12.66 17.47
C VAL C 436 -22.90 -12.00 17.46
N LYS C 437 -23.68 -12.30 16.43
CA LYS C 437 -25.04 -11.76 16.28
C LYS C 437 -26.04 -12.89 16.24
N ASP C 438 -27.30 -12.56 15.94
CA ASP C 438 -28.39 -13.55 15.88
C ASP C 438 -28.49 -14.29 17.21
N ARG C 439 -28.44 -13.54 18.29
CA ARG C 439 -28.43 -14.13 19.61
C ARG C 439 -29.84 -14.21 20.15
N HIS C 440 -30.32 -15.44 20.33
CA HIS C 440 -31.64 -15.71 20.94
C HIS C 440 -31.65 -17.07 21.66
N ASN C 441 -32.74 -17.39 22.34
CA ASN C 441 -32.73 -18.56 23.22
C ASN C 441 -32.78 -19.90 22.52
N GLY C 442 -33.05 -19.89 21.22
CA GLY C 442 -32.80 -21.06 20.36
C GLY C 442 -31.32 -21.38 20.19
N ASN C 443 -30.48 -20.35 20.38
CA ASN C 443 -29.03 -20.44 20.20
C ASN C 443 -28.23 -20.54 21.48
N ILE C 444 -28.92 -20.60 22.62
CA ILE C 444 -28.25 -20.74 23.89
C ILE C 444 -28.73 -21.99 24.61
N LEU C 445 -27.78 -22.86 24.89
CA LEU C 445 -28.08 -24.12 25.54
C LEU C 445 -27.87 -23.95 27.01
N LEU C 446 -28.62 -24.71 27.81
CA LEU C 446 -28.39 -24.78 29.24
C LEU C 446 -28.05 -26.22 29.60
N ASP C 447 -26.87 -26.41 30.21
CA ASP C 447 -26.43 -27.75 30.59
C ASP C 447 -26.92 -28.08 31.96
N ALA C 448 -26.81 -29.34 32.34
CA ALA C 448 -27.44 -29.82 33.57
C ALA C 448 -26.79 -29.25 34.83
N GLU C 449 -25.61 -28.63 34.69
CA GLU C 449 -24.92 -28.07 35.84
C GLU C 449 -25.12 -26.56 35.95
N GLY C 450 -25.74 -25.95 34.94
CA GLY C 450 -26.07 -24.51 34.96
C GLY C 450 -25.25 -23.62 34.05
N HIS C 451 -24.26 -24.19 33.37
CA HIS C 451 -23.57 -23.41 32.35
C HIS C 451 -24.51 -23.19 31.18
N ILE C 452 -24.40 -22.02 30.58
CA ILE C 452 -24.96 -21.83 29.27
C ILE C 452 -23.92 -22.12 28.21
N ILE C 453 -24.38 -22.38 26.99
CA ILE C 453 -23.49 -22.65 25.84
C ILE C 453 -24.05 -22.04 24.56
N HIS C 454 -23.37 -21.05 23.98
CA HIS C 454 -23.88 -20.44 22.77
C HIS C 454 -23.61 -21.36 21.58
N ILE C 455 -24.45 -21.32 20.53
CA ILE C 455 -24.24 -22.27 19.42
C ILE C 455 -24.32 -21.87 17.93
N ASP C 456 -25.14 -20.94 17.47
CA ASP C 456 -25.17 -20.84 15.99
C ASP C 456 -24.25 -19.73 15.48
N PHE C 457 -23.03 -20.08 15.12
CA PHE C 457 -22.03 -19.05 14.73
C PHE C 457 -22.00 -18.66 13.24
N GLY C 458 -23.14 -18.73 12.55
CA GLY C 458 -23.38 -17.89 11.36
C GLY C 458 -23.49 -16.53 11.96
N PHE C 459 -23.25 -15.48 11.19
CA PHE C 459 -23.30 -14.11 11.75
C PHE C 459 -22.27 -13.79 12.86
N ILE C 460 -21.01 -13.68 12.45
CA ILE C 460 -19.91 -13.27 13.32
C ILE C 460 -19.02 -12.32 12.56
N LEU C 461 -18.27 -11.52 13.30
CA LEU C 461 -17.36 -10.54 12.72
C LEU C 461 -18.06 -9.56 11.79
N SER C 462 -17.61 -9.46 10.55
CA SER C 462 -18.11 -8.47 9.62
C SER C 462 -19.56 -8.79 9.18
N SER C 463 -20.00 -10.02 9.33
CA SER C 463 -21.33 -10.42 8.86
C SER C 463 -22.45 -9.72 9.62
N SER C 464 -23.38 -9.14 8.86
CA SER C 464 -24.56 -8.44 9.39
C SER C 464 -25.84 -8.82 8.64
N PRO C 465 -25.90 -8.59 7.31
CA PRO C 465 -27.16 -8.80 6.60
C PRO C 465 -27.74 -10.20 6.78
N SER C 473 -29.39 -9.07 16.37
CA SER C 473 -29.48 -9.46 17.78
C SER C 473 -28.12 -9.72 18.40
N ALA C 474 -27.52 -8.69 18.98
CA ALA C 474 -26.27 -8.87 19.73
C ALA C 474 -26.56 -9.51 21.09
N PHE C 475 -25.49 -9.94 21.78
CA PHE C 475 -25.62 -10.58 23.09
C PHE C 475 -26.39 -9.69 24.06
N LYS C 476 -27.41 -10.27 24.68
CA LYS C 476 -28.32 -9.50 25.53
C LYS C 476 -28.42 -10.06 26.93
N LEU C 477 -28.44 -9.16 27.91
CA LEU C 477 -28.58 -9.55 29.28
C LEU C 477 -30.00 -9.21 29.73
N THR C 478 -30.89 -10.17 29.52
CA THR C 478 -32.28 -9.99 29.86
C THR C 478 -32.45 -10.04 31.37
N THR C 479 -33.54 -9.46 31.89
CA THR C 479 -33.71 -9.43 33.35
C THR C 479 -33.90 -10.86 33.88
N GLU C 480 -34.39 -11.75 33.04
CA GLU C 480 -34.50 -13.16 33.38
C GLU C 480 -33.12 -13.77 33.75
N PHE C 481 -32.09 -13.37 33.03
CA PHE C 481 -30.71 -13.80 33.32
C PHE C 481 -30.19 -13.12 34.57
N VAL C 482 -30.49 -11.85 34.70
CA VAL C 482 -30.03 -11.07 35.84
C VAL C 482 -30.69 -11.57 37.14
N ASP C 483 -31.91 -12.08 37.00
CA ASP C 483 -32.66 -12.66 38.13
C ASP C 483 -31.98 -13.90 38.66
N VAL C 484 -31.59 -14.79 37.74
CA VAL C 484 -30.87 -16.02 38.06
C VAL C 484 -29.57 -15.69 38.77
N MET C 485 -28.94 -14.58 38.40
CA MET C 485 -27.71 -14.14 39.04
C MET C 485 -27.93 -13.46 40.40
N GLY C 486 -29.19 -13.30 40.81
CA GLY C 486 -29.51 -12.66 42.07
C GLY C 486 -29.73 -11.16 42.04
N GLY C 487 -29.79 -10.54 40.84
CA GLY C 487 -30.16 -9.13 40.71
C GLY C 487 -29.02 -8.13 40.59
N LEU C 488 -29.36 -6.92 40.16
CA LEU C 488 -28.37 -5.90 39.83
C LEU C 488 -27.51 -5.48 41.01
N ASP C 489 -28.09 -5.47 42.19
CA ASP C 489 -27.32 -5.06 43.35
C ASP C 489 -26.45 -6.27 43.77
N GLY C 490 -26.77 -7.47 43.30
CA GLY C 490 -26.20 -8.73 43.80
C GLY C 490 -24.69 -8.84 43.73
N ASP C 491 -24.13 -9.63 44.65
CA ASP C 491 -22.71 -9.91 44.68
C ASP C 491 -22.27 -10.76 43.50
N MET C 492 -23.07 -11.76 43.16
CA MET C 492 -22.72 -12.64 42.04
C MET C 492 -22.78 -11.87 40.74
N PHE C 493 -23.63 -10.84 40.69
CA PHE C 493 -23.73 -10.01 39.50
C PHE C 493 -22.51 -9.08 39.38
N ASN C 494 -22.15 -8.43 40.48
CA ASN C 494 -20.91 -7.71 40.51
C ASN C 494 -19.76 -8.61 40.10
N TYR C 495 -19.80 -9.87 40.53
CA TYR C 495 -18.73 -10.82 40.20
C TYR C 495 -18.67 -11.08 38.71
N TYR C 496 -19.84 -11.14 38.08
CA TYR C 496 -19.95 -11.27 36.61
C TYR C 496 -19.20 -10.14 35.90
N LYS C 497 -19.34 -8.93 36.40
CA LYS C 497 -18.62 -7.80 35.82
C LYS C 497 -17.13 -7.93 36.06
N MET C 498 -16.77 -8.42 37.23
CA MET C 498 -15.36 -8.55 37.60
C MET C 498 -14.70 -9.56 36.71
N LEU C 499 -15.46 -10.61 36.39
CA LEU C 499 -14.93 -11.65 35.52
C LEU C 499 -14.69 -11.11 34.14
N MET C 500 -15.63 -10.30 33.67
CA MET C 500 -15.54 -9.75 32.32
C MET C 500 -14.29 -8.90 32.16
N LEU C 501 -14.06 -8.01 33.11
CA LEU C 501 -12.86 -7.20 33.14
C LEU C 501 -11.63 -8.11 33.15
N GLN C 502 -11.60 -9.04 34.09
CA GLN C 502 -10.47 -9.97 34.22
C GLN C 502 -10.17 -10.67 32.91
N GLY C 503 -11.20 -11.17 32.26
CA GLY C 503 -11.03 -11.95 31.02
C GLY C 503 -10.64 -11.10 29.83
N LEU C 504 -10.98 -9.82 29.91
CA LEU C 504 -10.59 -8.88 28.88
C LEU C 504 -9.12 -8.56 29.04
N ILE C 505 -8.71 -8.29 30.27
CA ILE C 505 -7.33 -7.95 30.53
C ILE C 505 -6.45 -9.10 30.12
N ALA C 506 -6.94 -10.30 30.34
CA ALA C 506 -6.24 -11.52 29.95
C ALA C 506 -6.12 -11.62 28.45
N ALA C 507 -7.24 -11.40 27.77
CA ALA C 507 -7.29 -11.47 26.32
C ALA C 507 -6.29 -10.54 25.61
N ARG C 508 -6.26 -9.28 26.08
CA ARG C 508 -5.40 -8.29 25.45
C ARG C 508 -3.94 -8.74 25.58
N LYS C 509 -3.59 -9.46 26.64
CA LYS C 509 -2.21 -9.95 26.80
C LYS C 509 -1.80 -11.03 25.81
N HIS C 510 -2.75 -11.55 25.03
CA HIS C 510 -2.46 -12.65 24.12
C HIS C 510 -3.17 -12.46 22.81
N MET C 511 -3.51 -11.21 22.56
CA MET C 511 -4.27 -10.82 21.42
C MET C 511 -3.79 -11.40 20.08
N ASP C 512 -2.49 -11.46 19.86
CA ASP C 512 -1.96 -11.83 18.53
C ASP C 512 -2.30 -13.27 18.16
N LYS C 513 -2.33 -14.14 19.16
CA LYS C 513 -2.71 -15.53 19.00
C LYS C 513 -4.13 -15.67 18.49
N VAL C 514 -4.99 -14.75 18.92
CA VAL C 514 -6.38 -14.81 18.51
C VAL C 514 -6.49 -14.31 17.09
N VAL C 515 -5.99 -13.10 16.88
CA VAL C 515 -6.06 -12.45 15.58
C VAL C 515 -5.42 -13.31 14.47
N GLN C 516 -4.29 -13.95 14.81
CA GLN C 516 -3.63 -14.86 13.85
C GLN C 516 -4.60 -15.85 13.19
N ILE C 517 -5.39 -16.50 14.01
CA ILE C 517 -6.34 -17.53 13.58
C ILE C 517 -7.33 -17.02 12.55
N VAL C 518 -7.86 -15.82 12.80
CA VAL C 518 -8.87 -15.26 11.91
C VAL C 518 -8.19 -14.74 10.68
N GLU C 519 -7.09 -14.06 10.87
CA GLU C 519 -6.53 -13.35 9.75
C GLU C 519 -6.05 -14.27 8.63
N ILE C 520 -5.46 -15.41 9.00
CA ILE C 520 -4.99 -16.36 7.99
C ILE C 520 -6.15 -16.99 7.24
N MET C 521 -7.25 -17.24 7.95
CA MET C 521 -8.43 -17.82 7.34
C MET C 521 -9.14 -16.88 6.36
N GLN C 522 -8.88 -15.58 6.49
CA GLN C 522 -9.54 -14.59 5.68
C GLN C 522 -9.09 -14.62 4.23
N GLN C 523 -7.95 -15.26 4.00
CA GLN C 523 -7.25 -15.20 2.74
C GLN C 523 -8.00 -15.28 1.40
N GLY C 524 -8.47 -16.45 1.03
CA GLY C 524 -9.10 -16.55 -0.27
C GLY C 524 -10.56 -16.74 -0.03
N SER C 525 -11.07 -16.05 0.97
CA SER C 525 -12.29 -16.50 1.59
C SER C 525 -13.44 -15.69 1.07
N GLN C 526 -14.52 -16.38 0.73
CA GLN C 526 -15.75 -15.74 0.30
C GLN C 526 -16.76 -15.74 1.44
N LEU C 527 -16.34 -16.18 2.63
CA LEU C 527 -17.23 -16.35 3.74
C LEU C 527 -17.80 -15.01 4.19
N PRO C 528 -19.10 -14.99 4.48
CA PRO C 528 -19.79 -13.78 4.88
C PRO C 528 -19.16 -13.05 6.04
N CYS C 529 -18.44 -13.75 6.91
CA CYS C 529 -17.80 -13.10 8.05
C CYS C 529 -16.67 -12.20 7.64
N PHE C 530 -16.20 -12.37 6.41
CA PHE C 530 -15.18 -11.45 5.91
C PHE C 530 -15.72 -10.43 4.90
N HIS C 531 -17.04 -10.25 4.87
CA HIS C 531 -17.70 -9.42 3.87
C HIS C 531 -17.12 -8.01 3.89
N GLY C 532 -16.76 -7.53 5.06
CA GLY C 532 -16.30 -6.18 5.17
C GLY C 532 -14.88 -6.02 4.67
N SER C 533 -14.49 -4.76 4.59
CA SER C 533 -13.11 -4.39 4.75
C SER C 533 -12.95 -4.22 6.27
N SER C 534 -11.72 -4.05 6.74
CA SER C 534 -11.43 -3.73 8.14
C SER C 534 -11.93 -4.77 9.13
N THR C 535 -12.17 -6.01 8.70
CA THR C 535 -12.58 -7.10 9.60
C THR C 535 -11.53 -7.32 10.67
N ILE C 536 -10.28 -7.45 10.25
CA ILE C 536 -9.19 -7.67 11.20
C ILE C 536 -8.87 -6.39 11.98
N ARG C 537 -9.00 -5.25 11.33
CA ARG C 537 -8.71 -3.98 11.99
C ARG C 537 -9.71 -3.72 13.10
N ASN C 538 -10.98 -4.01 12.82
CA ASN C 538 -12.01 -3.84 13.81
C ASN C 538 -11.82 -4.82 14.95
N LEU C 539 -11.43 -6.04 14.61
CA LEU C 539 -11.19 -7.08 15.60
C LEU C 539 -10.14 -6.61 16.63
N LYS C 540 -9.06 -6.03 16.14
CA LYS C 540 -8.00 -5.53 16.99
C LYS C 540 -8.41 -4.34 17.86
N GLU C 541 -9.22 -3.46 17.28
CA GLU C 541 -9.71 -2.29 17.99
C GLU C 541 -10.53 -2.73 19.20
N ARG C 542 -11.18 -3.87 19.06
CA ARG C 542 -12.04 -4.38 20.11
C ARG C 542 -11.27 -4.90 21.31
N PHE C 543 -9.99 -5.15 21.13
CA PHE C 543 -9.16 -5.45 22.27
C PHE C 543 -8.74 -4.21 23.07
N HIS C 544 -8.91 -3.03 22.49
CA HIS C 544 -8.57 -1.77 23.15
C HIS C 544 -7.18 -1.75 23.79
N MET C 545 -6.15 -2.15 23.03
CA MET C 545 -4.78 -2.26 23.54
C MET C 545 -4.19 -0.96 24.10
N SER C 546 -4.66 0.19 23.64
CA SER C 546 -4.19 1.49 24.14
C SER C 546 -4.69 1.78 25.56
N MET C 547 -5.82 1.19 25.94
CA MET C 547 -6.54 1.62 27.15
C MET C 547 -5.81 1.28 28.43
N THR C 548 -5.98 2.15 29.43
CA THR C 548 -5.57 1.89 30.80
C THR C 548 -6.66 1.03 31.43
N GLU C 549 -6.32 0.34 32.51
CA GLU C 549 -7.30 -0.54 33.15
C GLU C 549 -8.54 0.16 33.65
N GLU C 550 -8.31 1.32 34.26
CA GLU C 550 -9.39 2.18 34.72
C GLU C 550 -10.34 2.48 33.55
N GLN C 551 -9.77 2.66 32.36
CA GLN C 551 -10.55 2.81 31.13
C GLN C 551 -11.33 1.59 30.72
N LEU C 552 -10.76 0.41 30.98
CA LEU C 552 -11.41 -0.85 30.59
C LEU C 552 -12.55 -1.15 31.49
N GLN C 553 -12.34 -0.83 32.76
CA GLN C 553 -13.39 -0.99 33.73
C GLN C 553 -14.65 -0.21 33.32
N LEU C 554 -14.44 0.98 32.78
CA LEU C 554 -15.55 1.79 32.32
C LEU C 554 -16.16 1.23 31.04
N LEU C 555 -15.32 0.65 30.19
CA LEU C 555 -15.81 0.01 28.97
C LEU C 555 -16.69 -1.20 29.31
N VAL C 556 -16.28 -1.95 30.34
CA VAL C 556 -17.08 -3.11 30.77
C VAL C 556 -18.46 -2.68 31.28
N GLU C 557 -18.49 -1.62 32.07
CA GLU C 557 -19.78 -1.12 32.57
C GLU C 557 -20.68 -0.67 31.43
N GLN C 558 -20.10 0.05 30.48
CA GLN C 558 -20.85 0.52 29.32
C GLN C 558 -21.41 -0.65 28.56
N MET C 559 -20.54 -1.64 28.35
CA MET C 559 -20.92 -2.89 27.70
C MET C 559 -22.12 -3.54 28.37
N VAL C 560 -22.07 -3.67 29.69
CA VAL C 560 -23.13 -4.41 30.37
C VAL C 560 -24.42 -3.55 30.41
N ASP C 561 -24.27 -2.26 30.71
CA ASP C 561 -25.40 -1.33 30.63
C ASP C 561 -26.05 -1.40 29.25
N GLY C 562 -25.23 -1.49 28.22
CA GLY C 562 -25.70 -1.71 26.86
C GLY C 562 -26.37 -3.05 26.63
N SER C 563 -25.94 -4.08 27.34
CA SER C 563 -26.49 -5.41 27.15
C SER C 563 -27.91 -5.53 27.69
N MET C 564 -28.27 -4.62 28.58
CA MET C 564 -29.59 -4.65 29.22
C MET C 564 -30.67 -3.88 28.48
N ARG C 565 -30.25 -2.86 27.74
CA ARG C 565 -31.18 -2.01 27.00
C ARG C 565 -31.91 -2.77 25.89
N SER C 566 -31.19 -3.67 25.24
CA SER C 566 -31.73 -4.53 24.19
C SER C 566 -31.64 -3.85 22.81
N ASP D 9 51.47 -12.64 3.43
CA ASP D 9 52.66 -12.13 2.68
C ASP D 9 52.47 -12.48 1.18
N GLU D 10 53.34 -13.35 0.65
CA GLU D 10 53.31 -13.76 -0.75
C GLU D 10 52.45 -15.01 -0.95
N TYR D 11 51.75 -15.13 -2.06
CA TYR D 11 51.16 -16.44 -2.43
C TYR D 11 52.02 -17.10 -3.47
N ASP D 12 51.93 -18.42 -3.54
CA ASP D 12 52.57 -19.21 -4.57
C ASP D 12 51.67 -19.38 -5.77
N TYR D 13 50.38 -19.23 -5.56
CA TYR D 13 49.42 -19.41 -6.64
C TYR D 13 48.17 -18.55 -6.46
N LEU D 14 47.58 -18.17 -7.58
CA LEU D 14 46.35 -17.43 -7.60
C LEU D 14 45.36 -18.21 -8.44
N PHE D 15 44.40 -18.84 -7.77
CA PHE D 15 43.42 -19.67 -8.45
C PHE D 15 42.08 -18.96 -8.62
N LYS D 16 41.64 -18.81 -9.86
CA LYS D 16 40.36 -18.18 -10.13
C LYS D 16 39.30 -19.25 -10.19
N VAL D 17 38.30 -19.11 -9.33
CA VAL D 17 37.20 -20.06 -9.25
C VAL D 17 35.86 -19.37 -9.38
N VAL D 18 34.93 -20.03 -10.06
CA VAL D 18 33.58 -19.50 -10.22
C VAL D 18 32.58 -20.34 -9.50
N LEU D 19 31.53 -19.71 -8.96
CA LEU D 19 30.37 -20.45 -8.40
C LEU D 19 29.19 -20.28 -9.33
N ILE D 20 28.66 -21.38 -9.83
CA ILE D 20 27.52 -21.31 -10.75
C ILE D 20 26.43 -22.22 -10.26
N GLY D 21 25.21 -21.95 -10.74
CA GLY D 21 24.05 -22.77 -10.38
C GLY D 21 22.74 -22.01 -10.54
N ASP D 22 21.62 -22.72 -10.40
CA ASP D 22 20.33 -22.04 -10.48
C ASP D 22 20.20 -20.98 -9.40
N SER D 23 19.35 -20.03 -9.65
CA SER D 23 19.09 -18.98 -8.69
C SER D 23 18.40 -19.54 -7.47
N GLY D 24 18.90 -19.24 -6.30
CA GLY D 24 18.27 -19.66 -5.05
C GLY D 24 18.99 -20.78 -4.33
N VAL D 25 19.97 -21.40 -4.97
CA VAL D 25 20.58 -22.59 -4.39
C VAL D 25 21.53 -22.34 -3.22
N GLY D 26 22.05 -21.12 -3.09
CA GLY D 26 22.89 -20.75 -1.93
C GLY D 26 24.33 -20.35 -2.20
N LYS D 27 24.62 -20.03 -3.45
CA LYS D 27 25.97 -19.68 -3.86
C LYS D 27 26.50 -18.56 -3.00
N SER D 28 25.71 -17.53 -2.81
CA SER D 28 26.19 -16.32 -2.17
C SER D 28 26.45 -16.58 -0.69
N ASN D 29 25.71 -17.53 -0.11
CA ASN D 29 25.98 -17.94 1.27
C ASN D 29 27.10 -18.95 1.47
N LEU D 30 27.29 -19.85 0.50
CA LEU D 30 28.51 -20.65 0.48
C LEU D 30 29.72 -19.71 0.57
N LEU D 31 29.70 -18.71 -0.29
CA LEU D 31 30.78 -17.76 -0.35
C LEU D 31 30.92 -16.95 0.94
N SER D 32 29.80 -16.54 1.53
CA SER D 32 29.88 -15.68 2.71
C SER D 32 30.25 -16.52 3.90
N ARG D 33 29.82 -17.78 3.88
CA ARG D 33 30.20 -18.72 4.92
C ARG D 33 31.70 -18.93 4.85
N PHE D 34 32.17 -19.29 3.66
CA PHE D 34 33.57 -19.63 3.46
C PHE D 34 34.52 -18.47 3.67
N THR D 35 34.14 -17.25 3.30
CA THR D 35 35.08 -16.14 3.40
C THR D 35 34.89 -15.25 4.61
N ARG D 36 33.70 -15.15 5.19
CA ARG D 36 33.52 -14.33 6.41
C ARG D 36 32.84 -15.08 7.53
N ASN D 37 32.62 -16.36 7.34
CA ASN D 37 31.86 -17.16 8.30
C ASN D 37 30.54 -16.49 8.68
N GLU D 38 29.76 -16.15 7.67
CA GLU D 38 28.49 -15.52 7.87
C GLU D 38 27.47 -16.20 6.97
N PHE D 39 26.22 -16.19 7.43
CA PHE D 39 25.13 -16.77 6.70
C PHE D 39 23.91 -15.89 6.87
N ASN D 40 23.01 -15.95 5.90
CA ASN D 40 21.75 -15.25 6.06
C ASN D 40 20.55 -15.86 5.31
N LEU D 41 19.44 -15.94 6.03
CA LEU D 41 18.18 -16.42 5.49
C LEU D 41 17.57 -15.45 4.52
N GLU D 42 17.66 -14.17 4.83
CA GLU D 42 17.21 -13.12 3.94
C GLU D 42 18.26 -12.96 2.89
N SER D 43 17.83 -12.72 1.67
CA SER D 43 18.74 -12.76 0.54
C SER D 43 18.51 -11.61 -0.42
N LYS D 44 19.57 -11.21 -1.09
CA LYS D 44 19.43 -10.26 -2.16
C LYS D 44 19.86 -11.03 -3.37
N SER D 45 19.04 -11.09 -4.42
CA SER D 45 19.50 -11.68 -5.66
C SER D 45 20.83 -11.04 -6.07
N THR D 46 21.75 -11.88 -6.53
CA THR D 46 23.07 -11.47 -6.93
C THR D 46 22.90 -10.83 -8.30
N ILE D 47 23.30 -9.57 -8.41
CA ILE D 47 23.16 -8.85 -9.68
C ILE D 47 24.46 -8.96 -10.45
N GLY D 48 24.48 -9.86 -11.42
CA GLY D 48 25.63 -10.04 -12.29
C GLY D 48 26.69 -10.91 -11.64
N VAL D 49 27.53 -10.31 -10.80
CA VAL D 49 28.67 -11.00 -10.21
C VAL D 49 29.06 -10.40 -8.86
N GLU D 50 29.58 -11.22 -7.96
CA GLU D 50 30.19 -10.71 -6.72
C GLU D 50 31.54 -11.38 -6.42
N PHE D 51 32.43 -10.63 -5.78
CA PHE D 51 33.81 -11.05 -5.64
C PHE D 51 34.17 -11.28 -4.19
N ALA D 52 34.83 -12.39 -3.92
CA ALA D 52 35.44 -12.57 -2.63
C ALA D 52 36.67 -13.46 -2.73
N THR D 53 37.54 -13.32 -1.73
CA THR D 53 38.85 -13.92 -1.78
C THR D 53 39.22 -14.54 -0.45
N ARG D 54 39.96 -15.63 -0.53
CA ARG D 54 40.50 -16.26 0.66
C ARG D 54 41.73 -17.10 0.31
N SER D 55 42.73 -17.06 1.20
CA SER D 55 43.99 -17.84 1.05
C SER D 55 43.96 -19.10 1.92
N ILE D 56 44.41 -20.21 1.37
CA ILE D 56 44.59 -21.41 2.15
C ILE D 56 45.94 -22.01 1.83
N GLN D 57 46.31 -23.05 2.60
CA GLN D 57 47.55 -23.80 2.39
C GLN D 57 47.28 -25.19 1.93
N VAL D 58 47.88 -25.58 0.81
CA VAL D 58 47.90 -26.97 0.37
C VAL D 58 49.34 -27.40 0.12
N ASP D 59 49.73 -28.52 0.73
CA ASP D 59 51.10 -29.08 0.61
C ASP D 59 52.12 -27.99 0.88
N GLY D 60 51.84 -27.14 1.88
CA GLY D 60 52.78 -26.11 2.34
C GLY D 60 52.92 -24.90 1.41
N LYS D 61 51.96 -24.69 0.52
CA LYS D 61 52.01 -23.55 -0.41
C LYS D 61 50.78 -22.71 -0.27
N THR D 62 51.01 -21.41 -0.14
CA THR D 62 49.94 -20.49 0.04
C THR D 62 49.26 -20.30 -1.29
N ILE D 63 48.01 -20.71 -1.37
CA ILE D 63 47.17 -20.46 -2.55
C ILE D 63 46.07 -19.46 -2.26
N LYS D 64 46.10 -18.31 -2.94
CA LYS D 64 45.03 -17.34 -2.82
C LYS D 64 43.97 -17.65 -3.85
N ALA D 65 42.75 -17.85 -3.37
CA ALA D 65 41.66 -18.19 -4.26
C ALA D 65 40.86 -16.95 -4.51
N GLN D 66 40.53 -16.71 -5.77
CA GLN D 66 39.67 -15.58 -6.16
C GLN D 66 38.37 -16.14 -6.67
N ILE D 67 37.32 -15.95 -5.86
CA ILE D 67 36.03 -16.57 -6.14
C ILE D 67 35.04 -15.58 -6.72
N TRP D 68 34.41 -15.98 -7.80
CA TRP D 68 33.42 -15.17 -8.43
C TRP D 68 32.08 -15.84 -8.27
N ASP D 69 31.22 -15.16 -7.52
CA ASP D 69 29.86 -15.57 -7.25
C ASP D 69 29.01 -15.03 -8.39
N THR D 70 28.66 -15.91 -9.32
CA THR D 70 27.91 -15.52 -10.52
C THR D 70 26.43 -15.57 -10.13
N ALA D 71 25.57 -15.02 -10.98
CA ALA D 71 24.14 -14.98 -10.69
C ALA D 71 23.38 -16.04 -11.48
N GLY D 72 22.49 -16.76 -10.80
CA GLY D 72 21.72 -17.85 -11.42
C GLY D 72 20.56 -17.37 -12.28
N LEU D 73 20.06 -16.17 -11.97
CA LEU D 73 18.99 -15.53 -12.76
C LEU D 73 19.47 -15.29 -14.18
N GLU D 74 18.53 -15.43 -15.12
CA GLU D 74 18.85 -15.46 -16.55
C GLU D 74 19.11 -14.08 -17.13
N ARG D 75 18.41 -13.09 -16.58
CA ARG D 75 18.68 -11.66 -16.87
C ARG D 75 20.18 -11.36 -17.01
N TYR D 76 20.99 -12.03 -16.18
CA TYR D 76 22.43 -11.75 -16.09
C TYR D 76 23.35 -12.82 -16.70
N ARG D 77 22.81 -13.81 -17.40
CA ARG D 77 23.67 -14.95 -17.81
C ARG D 77 24.62 -14.61 -18.96
N ALA D 78 24.33 -13.57 -19.70
CA ALA D 78 25.25 -13.05 -20.72
C ALA D 78 26.55 -12.56 -20.07
N ILE D 79 26.43 -11.96 -18.88
CA ILE D 79 27.57 -11.27 -18.24
C ILE D 79 28.32 -12.10 -17.21
N THR D 80 27.67 -13.14 -16.69
CA THR D 80 28.36 -14.10 -15.84
C THR D 80 29.37 -14.89 -16.68
N SER D 81 28.92 -15.33 -17.85
CA SER D 81 29.77 -16.11 -18.75
C SER D 81 31.06 -15.42 -19.15
N ALA D 82 31.03 -14.09 -19.15
CA ALA D 82 32.25 -13.32 -19.33
C ALA D 82 33.36 -13.78 -18.35
N TYR D 83 32.97 -14.02 -17.10
CA TYR D 83 33.91 -14.35 -16.01
C TYR D 83 34.36 -15.79 -15.96
N TYR D 84 33.75 -16.66 -16.78
CA TYR D 84 34.21 -18.06 -16.86
C TYR D 84 35.62 -18.14 -17.44
N ARG D 85 36.00 -17.10 -18.18
CA ARG D 85 37.30 -16.97 -18.85
C ARG D 85 38.50 -17.24 -17.93
N GLY D 86 39.28 -18.27 -18.27
CA GLY D 86 40.52 -18.59 -17.56
C GLY D 86 40.37 -18.98 -16.10
N ALA D 87 39.19 -19.44 -15.70
CA ALA D 87 38.99 -19.92 -14.34
C ALA D 87 39.45 -21.35 -14.28
N VAL D 88 40.18 -21.67 -13.23
CA VAL D 88 40.76 -22.99 -13.08
C VAL D 88 39.81 -23.99 -12.41
N GLY D 89 38.85 -23.47 -11.64
CA GLY D 89 37.88 -24.29 -10.91
C GLY D 89 36.48 -23.72 -10.85
N ALA D 90 35.49 -24.60 -10.77
CA ALA D 90 34.07 -24.22 -10.70
C ALA D 90 33.30 -25.10 -9.73
N LEU D 91 32.64 -24.46 -8.77
CA LEU D 91 31.64 -25.13 -7.96
C LEU D 91 30.28 -24.99 -8.59
N LEU D 92 29.73 -26.12 -9.02
CA LEU D 92 28.45 -26.17 -9.68
C LEU D 92 27.45 -26.55 -8.62
N VAL D 93 26.52 -25.66 -8.27
CA VAL D 93 25.72 -25.88 -7.10
C VAL D 93 24.25 -26.05 -7.39
N TYR D 94 23.65 -26.99 -6.67
CA TYR D 94 22.21 -27.21 -6.70
C TYR D 94 21.66 -27.31 -5.27
N ASP D 95 20.35 -27.06 -5.13
CA ASP D 95 19.65 -27.16 -3.85
C ASP D 95 19.10 -28.58 -3.68
N ILE D 96 19.62 -29.32 -2.71
CA ILE D 96 19.14 -30.70 -2.44
C ILE D 96 17.64 -30.82 -2.22
N ALA D 97 17.02 -29.74 -1.74
CA ALA D 97 15.59 -29.72 -1.41
C ALA D 97 14.70 -29.24 -2.57
N LYS D 98 15.29 -28.89 -3.71
CA LYS D 98 14.50 -28.44 -4.84
C LYS D 98 14.95 -29.16 -6.11
N HIS D 99 14.25 -30.22 -6.46
CA HIS D 99 14.69 -31.15 -7.52
C HIS D 99 15.05 -30.46 -8.85
N LEU D 100 14.24 -29.48 -9.27
CA LEU D 100 14.48 -28.83 -10.56
C LEU D 100 15.89 -28.29 -10.71
N THR D 101 16.44 -27.78 -9.62
CA THR D 101 17.80 -27.22 -9.59
C THR D 101 18.84 -28.29 -9.93
N TYR D 102 18.56 -29.53 -9.52
CA TYR D 102 19.41 -30.67 -9.86
C TYR D 102 19.23 -31.05 -11.32
N GLU D 103 18.02 -30.92 -11.82
CA GLU D 103 17.73 -31.30 -13.19
C GLU D 103 18.54 -30.43 -14.15
N ASN D 104 18.70 -29.15 -13.79
CA ASN D 104 19.43 -28.19 -14.63
C ASN D 104 20.96 -28.25 -14.57
N VAL D 105 21.51 -29.18 -13.79
CA VAL D 105 22.94 -29.32 -13.67
C VAL D 105 23.57 -29.66 -15.04
N GLU D 106 22.82 -30.31 -15.92
CA GLU D 106 23.32 -30.64 -17.25
C GLU D 106 23.42 -29.38 -18.09
N ARG D 107 22.44 -28.48 -17.96
CA ARG D 107 22.39 -27.25 -18.77
C ARG D 107 23.46 -26.32 -18.26
N TRP D 108 23.81 -26.49 -16.99
CA TRP D 108 24.87 -25.69 -16.40
C TRP D 108 26.25 -26.19 -16.80
N LEU D 109 26.34 -27.40 -17.34
CA LEU D 109 27.62 -27.88 -17.83
C LEU D 109 27.83 -27.55 -19.29
N LYS D 110 26.74 -27.46 -20.05
CA LYS D 110 26.84 -27.01 -21.43
C LYS D 110 27.30 -25.55 -21.42
N GLU D 111 26.71 -24.75 -20.55
CA GLU D 111 27.09 -23.35 -20.37
C GLU D 111 28.55 -23.25 -19.98
N LEU D 112 29.11 -24.33 -19.49
CA LEU D 112 30.46 -24.30 -19.00
C LEU D 112 31.46 -24.80 -20.04
N ARG D 113 30.97 -25.47 -21.08
CA ARG D 113 31.84 -25.89 -22.18
C ARG D 113 31.56 -25.11 -23.46
N ASP D 114 30.82 -24.01 -23.37
CA ASP D 114 30.73 -23.05 -24.46
C ASP D 114 31.57 -21.81 -24.15
N HIS D 115 31.66 -21.43 -22.87
CA HIS D 115 32.27 -20.15 -22.50
C HIS D 115 33.46 -20.28 -21.56
N ALA D 116 34.00 -21.49 -21.35
CA ALA D 116 35.06 -21.67 -20.34
C ALA D 116 36.07 -22.71 -20.71
N ASP D 117 37.23 -22.64 -20.04
CA ASP D 117 38.37 -23.51 -20.34
C ASP D 117 37.89 -24.94 -20.39
N SER D 118 38.33 -25.63 -21.44
CA SER D 118 37.94 -27.00 -21.75
C SER D 118 38.62 -28.02 -20.83
N ASN D 119 39.52 -27.53 -19.99
CA ASN D 119 40.24 -28.36 -19.08
C ASN D 119 40.10 -27.87 -17.65
N ILE D 120 38.86 -27.65 -17.20
CA ILE D 120 38.60 -27.06 -15.88
C ILE D 120 38.16 -28.10 -14.86
N VAL D 121 38.57 -27.89 -13.61
CA VAL D 121 38.18 -28.75 -12.48
C VAL D 121 36.80 -28.39 -11.91
N ILE D 122 35.89 -29.38 -11.83
CA ILE D 122 34.53 -29.14 -11.35
C ILE D 122 34.12 -29.98 -10.14
N MET D 123 33.52 -29.31 -9.16
CA MET D 123 32.87 -29.96 -8.04
C MET D 123 31.38 -29.66 -8.06
N LEU D 124 30.60 -30.73 -8.00
CA LEU D 124 29.16 -30.64 -7.86
C LEU D 124 28.84 -30.47 -6.40
N VAL D 125 27.94 -29.56 -6.10
CA VAL D 125 27.59 -29.29 -4.72
C VAL D 125 26.10 -29.35 -4.50
N GLY D 126 25.68 -30.27 -3.64
CA GLY D 126 24.33 -30.31 -3.11
C GLY D 126 24.30 -29.48 -1.84
N ASN D 127 23.63 -28.34 -1.92
CA ASN D 127 23.55 -27.44 -0.80
C ASN D 127 22.21 -27.56 -0.08
N LYS D 128 22.19 -27.05 1.15
CA LYS D 128 21.04 -27.08 2.04
C LYS D 128 20.80 -28.49 2.58
N SER D 129 21.86 -29.14 3.05
CA SER D 129 21.74 -30.47 3.61
C SER D 129 21.04 -30.44 4.97
N ASP D 130 20.98 -29.27 5.58
CA ASP D 130 20.23 -29.06 6.82
C ASP D 130 18.72 -29.27 6.66
N LEU D 131 18.15 -29.01 5.48
CA LEU D 131 16.74 -29.32 5.20
C LEU D 131 16.51 -30.82 4.91
N ARG D 132 16.80 -31.66 5.91
CA ARG D 132 16.71 -33.12 5.81
C ARG D 132 15.36 -33.57 5.30
N HIS D 133 14.31 -33.08 5.94
CA HIS D 133 12.95 -33.52 5.67
C HIS D 133 12.38 -33.00 4.36
N LEU D 134 13.03 -32.03 3.73
CA LEU D 134 12.55 -31.54 2.43
C LEU D 134 13.37 -32.12 1.26
N ARG D 135 14.28 -33.04 1.55
CA ARG D 135 15.18 -33.57 0.53
C ARG D 135 14.46 -34.11 -0.71
N ALA D 136 14.83 -33.61 -1.87
CA ALA D 136 14.22 -34.00 -3.15
C ALA D 136 15.23 -34.64 -4.12
N VAL D 137 16.49 -34.75 -3.69
CA VAL D 137 17.55 -35.35 -4.49
C VAL D 137 18.36 -36.27 -3.60
N PRO D 138 18.25 -37.58 -3.83
CA PRO D 138 18.98 -38.51 -2.96
C PRO D 138 20.48 -38.43 -3.17
N THR D 139 21.26 -38.52 -2.08
CA THR D 139 22.72 -38.38 -2.14
C THR D 139 23.38 -39.35 -3.12
N ASP D 140 22.86 -40.57 -3.17
CA ASP D 140 23.39 -41.60 -4.07
C ASP D 140 23.18 -41.30 -5.55
N GLU D 141 21.97 -40.88 -5.93
CA GLU D 141 21.71 -40.52 -7.34
C GLU D 141 22.65 -39.43 -7.82
N ALA D 142 22.92 -38.46 -6.96
CA ALA D 142 23.76 -37.32 -7.34
C ALA D 142 25.21 -37.75 -7.56
N ARG D 143 25.77 -38.43 -6.57
CA ARG D 143 27.16 -38.91 -6.63
C ARG D 143 27.40 -39.90 -7.80
N ALA D 144 26.35 -40.64 -8.17
CA ALA D 144 26.39 -41.49 -9.36
C ALA D 144 26.60 -40.64 -10.61
N PHE D 145 25.74 -39.66 -10.83
CA PHE D 145 25.87 -38.71 -11.93
C PHE D 145 27.22 -37.99 -11.86
N ALA D 146 27.72 -37.77 -10.64
CA ALA D 146 28.96 -37.00 -10.48
C ALA D 146 30.15 -37.63 -11.18
N GLU D 147 30.37 -38.92 -10.96
CA GLU D 147 31.56 -39.57 -11.54
C GLU D 147 31.32 -40.20 -12.92
N LYS D 148 30.07 -40.42 -13.28
CA LYS D 148 29.74 -40.71 -14.66
C LYS D 148 30.14 -39.53 -15.55
N ASN D 149 30.16 -38.33 -14.99
CA ASN D 149 30.57 -37.13 -15.72
C ASN D 149 31.93 -36.58 -15.27
N GLY D 150 32.66 -37.35 -14.47
CA GLY D 150 34.00 -36.97 -14.05
C GLY D 150 34.05 -35.72 -13.17
N LEU D 151 33.08 -35.60 -12.26
CA LEU D 151 33.00 -34.45 -11.36
C LEU D 151 33.22 -34.93 -9.92
N SER D 152 33.84 -34.10 -9.08
CA SER D 152 33.85 -34.37 -7.65
C SER D 152 32.54 -33.86 -6.99
N PHE D 153 32.20 -34.46 -5.85
CA PHE D 153 30.88 -34.30 -5.26
C PHE D 153 30.96 -34.14 -3.75
N ILE D 154 30.09 -33.32 -3.21
CA ILE D 154 29.98 -33.13 -1.77
C ILE D 154 28.63 -32.48 -1.50
N GLU D 155 28.14 -32.64 -0.28
CA GLU D 155 26.90 -31.95 0.12
C GLU D 155 27.23 -30.99 1.24
N THR D 156 26.71 -29.77 1.14
CA THR D 156 26.98 -28.76 2.14
C THR D 156 25.73 -28.20 2.80
N SER D 157 25.92 -27.58 3.94
CA SER D 157 24.94 -26.66 4.45
C SER D 157 25.69 -25.39 4.76
N ALA D 158 25.47 -24.36 3.95
CA ALA D 158 25.97 -23.04 4.28
C ALA D 158 25.41 -22.57 5.63
N LEU D 159 24.18 -22.96 5.95
CA LEU D 159 23.48 -22.48 7.15
C LEU D 159 24.15 -22.99 8.42
N ASP D 160 24.30 -24.30 8.54
CA ASP D 160 24.98 -24.87 9.70
C ASP D 160 26.49 -24.96 9.50
N SER D 161 26.95 -24.73 8.27
CA SER D 161 28.37 -24.69 7.87
C SER D 161 29.02 -26.05 7.56
N THR D 162 28.29 -27.14 7.72
CA THR D 162 28.77 -28.46 7.28
C THR D 162 29.42 -28.48 5.88
N ASN D 163 30.66 -28.94 5.82
CA ASN D 163 31.38 -29.22 4.57
C ASN D 163 31.72 -28.04 3.68
N VAL D 164 31.48 -26.82 4.14
CA VAL D 164 31.73 -25.66 3.28
C VAL D 164 33.23 -25.50 3.14
N GLU D 165 33.96 -25.51 4.25
CA GLU D 165 35.42 -25.49 4.16
C GLU D 165 35.95 -26.65 3.36
N ALA D 166 35.48 -27.83 3.69
CA ALA D 166 35.91 -29.04 2.99
C ALA D 166 35.73 -28.89 1.50
N ALA D 167 34.58 -28.37 1.10
CA ALA D 167 34.23 -28.31 -0.33
C ALA D 167 35.25 -27.51 -1.11
N PHE D 168 35.46 -26.28 -0.65
CA PHE D 168 36.47 -25.40 -1.22
C PHE D 168 37.85 -26.04 -1.15
N GLN D 169 38.23 -26.51 0.06
CA GLN D 169 39.60 -27.03 0.27
C GLN D 169 39.90 -28.21 -0.59
N THR D 170 38.88 -29.02 -0.82
CA THR D 170 38.99 -30.13 -1.74
C THR D 170 39.28 -29.66 -3.16
N ILE D 171 38.43 -28.78 -3.70
CA ILE D 171 38.56 -28.40 -5.12
C ILE D 171 39.87 -27.68 -5.36
N LEU D 172 40.32 -26.91 -4.38
CA LEU D 172 41.54 -26.16 -4.53
C LEU D 172 42.73 -27.13 -4.56
N THR D 173 42.69 -28.14 -3.71
CA THR D 173 43.72 -29.16 -3.65
C THR D 173 43.76 -29.96 -4.93
N GLU D 174 42.60 -30.42 -5.35
CA GLU D 174 42.50 -31.14 -6.60
C GLU D 174 43.18 -30.34 -7.73
N ILE D 175 42.82 -29.06 -7.81
CA ILE D 175 43.39 -28.15 -8.79
C ILE D 175 44.89 -28.08 -8.61
N TYR D 176 45.33 -27.79 -7.40
CA TYR D 176 46.77 -27.67 -7.14
C TYR D 176 47.61 -28.89 -7.54
N ARG D 177 46.98 -30.06 -7.71
CA ARG D 177 47.68 -31.27 -8.15
C ARG D 177 47.71 -31.40 -9.65
N ILE D 178 46.66 -30.98 -10.34
CA ILE D 178 46.67 -31.09 -11.78
C ILE D 178 47.85 -30.22 -12.21
N VAL D 179 47.98 -29.08 -11.54
CA VAL D 179 49.00 -28.07 -11.82
C VAL D 179 50.43 -28.53 -11.43
N SER D 180 50.60 -29.15 -10.27
CA SER D 180 51.91 -29.66 -9.83
C SER D 180 52.38 -30.82 -10.70
N GLN D 181 51.45 -31.68 -11.10
CA GLN D 181 51.77 -32.76 -12.03
C GLN D 181 52.15 -32.22 -13.40
N LYS D 182 51.47 -31.17 -13.83
CA LYS D 182 51.77 -30.58 -15.12
C LYS D 182 53.17 -29.93 -15.13
N GLN D 183 53.51 -29.34 -13.98
CA GLN D 183 54.87 -28.82 -13.73
C GLN D 183 55.91 -29.94 -13.86
N MET D 184 55.61 -31.10 -13.28
CA MET D 184 56.53 -32.27 -13.47
C MET D 184 56.75 -32.65 -14.93
N SER D 185 55.66 -32.67 -15.69
CA SER D 185 55.70 -32.83 -17.15
C SER D 185 55.97 -34.27 -17.55
N SER E 10 9.50 24.87 -19.74
CA SER E 10 9.61 23.86 -18.64
C SER E 10 8.37 23.65 -17.78
N TRP E 11 7.48 24.64 -17.72
CA TRP E 11 6.41 24.65 -16.73
C TRP E 11 5.36 23.59 -16.98
N LEU E 12 5.16 23.24 -18.25
CA LEU E 12 4.02 22.42 -18.62
C LEU E 12 4.26 20.95 -18.31
N LEU E 13 5.41 20.45 -18.76
CA LEU E 13 5.84 19.11 -18.42
C LEU E 13 5.96 18.88 -16.93
N ARG E 14 6.28 19.95 -16.20
CA ARG E 14 6.36 19.88 -14.75
C ARG E 14 4.98 19.55 -14.17
N LEU E 15 3.96 20.29 -14.60
CA LEU E 15 2.57 20.02 -14.24
C LEU E 15 2.14 18.58 -14.60
N PHE E 16 2.35 18.19 -15.85
CA PHE E 16 1.98 16.83 -16.31
C PHE E 16 2.62 15.71 -15.50
N GLU E 17 3.77 15.99 -14.92
CA GLU E 17 4.45 15.01 -14.08
C GLU E 17 4.15 15.19 -12.61
N SER E 18 3.36 16.20 -12.27
CA SER E 18 2.96 16.45 -10.86
C SER E 18 1.74 15.62 -10.45
N LYS E 19 1.42 15.71 -9.16
CA LYS E 19 0.28 14.99 -8.57
C LYS E 19 -1.05 15.44 -9.17
N LEU E 20 -1.09 16.72 -9.54
CA LEU E 20 -2.28 17.31 -10.17
C LEU E 20 -2.73 16.70 -11.52
N PHE E 21 -1.91 15.85 -12.12
CA PHE E 21 -2.27 15.25 -13.41
C PHE E 21 -3.15 14.00 -13.38
N ASP E 22 -4.45 14.21 -13.53
CA ASP E 22 -5.40 13.11 -13.57
C ASP E 22 -6.05 13.07 -14.93
N ILE E 23 -6.77 11.99 -15.20
CA ILE E 23 -7.39 11.77 -16.51
C ILE E 23 -8.19 13.00 -16.95
N SER E 24 -8.75 13.71 -15.98
CA SER E 24 -9.49 14.94 -16.27
C SER E 24 -8.61 15.99 -16.96
N MET E 25 -7.53 16.36 -16.27
CA MET E 25 -6.58 17.30 -16.80
C MET E 25 -6.09 16.80 -18.14
N ALA E 26 -5.80 15.51 -18.23
CA ALA E 26 -5.34 14.92 -19.50
C ALA E 26 -6.28 15.24 -20.64
N ILE E 27 -7.54 14.98 -20.40
CA ILE E 27 -8.53 15.16 -21.44
C ILE E 27 -8.64 16.63 -21.85
N SER E 28 -8.59 17.49 -20.85
CA SER E 28 -8.72 18.93 -21.04
C SER E 28 -7.66 19.44 -21.98
N TYR E 29 -6.42 19.02 -21.72
CA TYR E 29 -5.28 19.46 -22.52
C TYR E 29 -5.36 18.90 -23.91
N LEU E 30 -5.73 17.64 -23.98
CA LEU E 30 -5.92 16.96 -25.24
C LEU E 30 -6.92 17.73 -26.09
N TYR E 31 -7.95 18.21 -25.42
CA TYR E 31 -9.02 18.90 -26.13
C TYR E 31 -8.61 20.27 -26.59
N ASN E 32 -7.81 20.95 -25.78
CA ASN E 32 -7.56 22.38 -25.97
C ASN E 32 -6.25 22.69 -26.67
N SER E 33 -5.18 22.03 -26.25
CA SER E 33 -3.86 22.27 -26.79
C SER E 33 -3.82 22.12 -28.30
N LYS E 34 -3.16 23.08 -28.97
CA LYS E 34 -2.95 23.01 -30.42
C LYS E 34 -1.53 22.53 -30.75
N GLU E 35 -0.78 22.16 -29.71
CA GLU E 35 0.55 21.62 -29.85
C GLU E 35 0.50 20.11 -30.13
N PRO E 36 0.99 19.69 -31.30
CA PRO E 36 0.98 18.25 -31.58
C PRO E 36 1.87 17.42 -30.64
N GLY E 37 2.86 18.06 -30.01
CA GLY E 37 3.77 17.34 -29.10
C GLY E 37 3.07 16.97 -27.81
N VAL E 38 2.11 17.79 -27.45
CA VAL E 38 1.35 17.59 -26.25
C VAL E 38 0.30 16.49 -26.49
N GLN E 39 -0.38 16.63 -27.62
CA GLN E 39 -1.35 15.63 -28.03
C GLN E 39 -0.74 14.23 -27.97
N ALA E 40 0.43 14.06 -28.58
CA ALA E 40 1.13 12.79 -28.57
C ALA E 40 1.55 12.38 -27.16
N TYR E 41 2.07 13.34 -26.39
CA TYR E 41 2.48 13.05 -25.02
C TYR E 41 1.33 12.52 -24.17
N ILE E 42 0.14 13.09 -24.40
CA ILE E 42 -1.00 12.67 -23.61
C ILE E 42 -1.59 11.37 -24.15
N GLY E 43 -1.70 11.25 -25.48
CA GLY E 43 -2.00 9.96 -26.11
C GLY E 43 -1.23 8.80 -25.47
N ASN E 44 0.06 9.01 -25.18
CA ASN E 44 0.87 8.00 -24.52
C ASN E 44 0.52 7.86 -23.06
N ARG E 45 0.24 8.97 -22.36
CA ARG E 45 0.02 8.92 -20.90
C ARG E 45 -1.26 8.22 -20.52
N LEU E 46 -2.20 8.10 -21.47
CA LEU E 46 -3.45 7.39 -21.19
C LEU E 46 -3.20 5.98 -20.69
N PHE E 47 -2.21 5.33 -21.27
CA PHE E 47 -1.92 3.97 -20.89
C PHE E 47 -1.57 3.90 -19.41
N CYS E 48 -0.97 4.96 -18.88
CA CYS E 48 -0.53 4.94 -17.48
C CYS E 48 -1.73 4.98 -16.50
N PHE E 49 -2.89 5.48 -16.92
CA PHE E 49 -4.06 5.63 -16.02
C PHE E 49 -4.83 4.34 -15.80
N ARG E 50 -5.59 4.27 -14.71
CA ARG E 50 -6.42 3.10 -14.45
C ARG E 50 -7.57 3.06 -15.44
N ASN E 51 -7.82 1.87 -15.98
CA ASN E 51 -8.94 1.63 -16.90
C ASN E 51 -10.29 2.21 -16.49
N GLU E 52 -10.63 2.08 -15.22
CA GLU E 52 -11.92 2.55 -14.75
C GLU E 52 -12.02 4.05 -14.88
N ASP E 53 -10.92 4.74 -14.59
CA ASP E 53 -10.94 6.19 -14.53
C ASP E 53 -11.11 6.74 -15.94
N VAL E 54 -10.45 6.10 -16.90
CA VAL E 54 -10.49 6.53 -18.30
C VAL E 54 -11.81 6.13 -18.95
N ASP E 55 -12.29 4.95 -18.55
CA ASP E 55 -13.58 4.42 -19.01
C ASP E 55 -14.70 5.47 -18.94
N PHE E 56 -14.75 6.18 -17.81
CA PHE E 56 -15.74 7.19 -17.59
C PHE E 56 -15.79 8.21 -18.70
N TYR E 57 -14.67 8.39 -19.38
CA TYR E 57 -14.54 9.44 -20.40
C TYR E 57 -14.62 8.91 -21.82
N LEU E 58 -14.96 7.64 -21.99
CA LEU E 58 -14.98 7.05 -23.32
C LEU E 58 -15.84 7.82 -24.31
N PRO E 59 -16.99 8.33 -23.88
CA PRO E 59 -17.76 9.11 -24.84
C PRO E 59 -17.04 10.38 -25.34
N GLN E 60 -16.25 10.99 -24.46
CA GLN E 60 -15.56 12.22 -24.81
C GLN E 60 -14.44 11.91 -25.76
N LEU E 61 -13.61 10.96 -25.35
CA LEU E 61 -12.54 10.53 -26.21
C LEU E 61 -13.05 10.23 -27.62
N LEU E 62 -14.06 9.38 -27.73
CA LEU E 62 -14.60 8.99 -29.04
C LEU E 62 -15.24 10.14 -29.80
N ASN E 63 -15.83 11.08 -29.08
CA ASN E 63 -16.42 12.20 -29.76
C ASN E 63 -15.31 13.03 -30.38
N MET E 64 -14.27 13.31 -29.59
CA MET E 64 -13.09 14.05 -30.06
C MET E 64 -12.52 13.37 -31.29
N TYR E 65 -12.28 12.07 -31.18
CA TYR E 65 -11.79 11.28 -32.30
C TYR E 65 -12.56 11.52 -33.58
N ILE E 66 -13.88 11.49 -33.49
CA ILE E 66 -14.75 11.66 -34.65
C ILE E 66 -14.65 13.07 -35.21
N HIS E 67 -14.84 14.07 -34.35
CA HIS E 67 -15.15 15.39 -34.82
C HIS E 67 -13.97 16.37 -34.81
N MET E 68 -12.82 15.92 -34.30
CA MET E 68 -11.66 16.79 -34.14
C MET E 68 -10.57 16.49 -35.16
N ASP E 69 -9.55 17.35 -35.18
CA ASP E 69 -8.41 17.25 -36.10
C ASP E 69 -7.74 15.90 -36.02
N GLU E 70 -7.23 15.48 -37.17
CA GLU E 70 -6.66 14.16 -37.33
C GLU E 70 -5.57 13.92 -36.30
N ASP E 71 -4.75 14.93 -36.05
CA ASP E 71 -3.71 14.86 -34.99
C ASP E 71 -4.27 14.36 -33.66
N VAL E 72 -5.45 14.87 -33.30
CA VAL E 72 -6.08 14.52 -32.01
C VAL E 72 -6.58 13.07 -32.00
N GLY E 73 -7.36 12.73 -33.02
CA GLY E 73 -7.70 11.33 -33.26
C GLY E 73 -6.51 10.37 -33.20
N ASP E 74 -5.45 10.66 -33.95
CA ASP E 74 -4.32 9.70 -34.05
C ASP E 74 -3.62 9.48 -32.71
N ALA E 75 -3.70 10.46 -31.81
CA ALA E 75 -3.08 10.37 -30.47
C ALA E 75 -3.91 9.47 -29.55
N ILE E 76 -5.22 9.49 -29.76
CA ILE E 76 -6.16 8.70 -28.99
C ILE E 76 -6.24 7.23 -29.44
N LYS E 77 -6.14 6.99 -30.75
CA LYS E 77 -6.45 5.68 -31.34
C LYS E 77 -5.70 4.50 -30.70
N PRO E 78 -4.37 4.63 -30.57
CA PRO E 78 -3.59 3.50 -30.08
C PRO E 78 -4.07 2.95 -28.76
N TYR E 79 -4.40 3.84 -27.85
CA TYR E 79 -4.93 3.45 -26.54
C TYR E 79 -6.26 2.73 -26.69
N ILE E 80 -7.10 3.25 -27.57
CA ILE E 80 -8.42 2.69 -27.76
C ILE E 80 -8.29 1.28 -28.28
N VAL E 81 -7.54 1.15 -29.35
CA VAL E 81 -7.31 -0.16 -29.95
C VAL E 81 -6.74 -1.12 -28.89
N HIS E 82 -5.77 -0.66 -28.11
CA HIS E 82 -5.26 -1.48 -27.01
C HIS E 82 -6.35 -1.98 -26.06
N ARG E 83 -7.25 -1.10 -25.64
CA ARG E 83 -8.33 -1.51 -24.73
C ARG E 83 -9.29 -2.48 -25.43
N CYS E 84 -9.64 -2.15 -26.68
CA CYS E 84 -10.51 -2.98 -27.52
C CYS E 84 -10.00 -4.39 -27.63
N ARG E 85 -8.68 -4.55 -27.63
CA ARG E 85 -8.04 -5.87 -27.76
C ARG E 85 -8.07 -6.70 -26.49
N GLN E 86 -8.30 -6.07 -25.35
CA GLN E 86 -8.28 -6.80 -24.09
C GLN E 86 -9.68 -7.05 -23.51
N SER E 87 -10.69 -6.48 -24.14
CA SER E 87 -12.05 -6.53 -23.61
C SER E 87 -13.04 -6.38 -24.75
N ILE E 88 -13.86 -7.41 -24.95
CA ILE E 88 -14.87 -7.37 -25.98
C ILE E 88 -16.00 -6.42 -25.59
N ASN E 89 -16.24 -6.35 -24.28
CA ASN E 89 -17.19 -5.39 -23.76
C ASN E 89 -16.76 -4.01 -24.25
N PHE E 90 -15.49 -3.66 -23.98
CA PHE E 90 -14.94 -2.37 -24.39
C PHE E 90 -15.12 -2.17 -25.89
N SER E 91 -14.80 -3.20 -26.67
CA SER E 91 -14.98 -3.16 -28.12
C SER E 91 -16.42 -2.77 -28.49
N LEU E 92 -17.35 -3.45 -27.82
CA LEU E 92 -18.77 -3.22 -28.08
C LEU E 92 -19.17 -1.75 -27.89
N GLN E 93 -18.79 -1.19 -26.74
CA GLN E 93 -19.20 0.17 -26.39
C GLN E 93 -18.59 1.15 -27.37
N CYS E 94 -17.35 0.90 -27.75
CA CYS E 94 -16.69 1.70 -28.77
C CYS E 94 -17.50 1.64 -30.02
N ALA E 95 -17.79 0.42 -30.51
CA ALA E 95 -18.51 0.31 -31.79
C ALA E 95 -19.91 0.97 -31.73
N LEU E 96 -20.64 0.73 -30.67
CA LEU E 96 -21.93 1.38 -30.44
C LEU E 96 -21.84 2.92 -30.40
N LEU E 97 -20.89 3.44 -29.63
CA LEU E 97 -20.72 4.89 -29.47
C LEU E 97 -20.26 5.57 -30.77
N LEU E 98 -19.26 4.96 -31.42
CA LEU E 98 -18.77 5.47 -32.71
C LEU E 98 -19.94 5.66 -33.67
N GLY E 99 -20.81 4.67 -33.75
CA GLY E 99 -21.95 4.75 -34.64
C GLY E 99 -22.96 5.77 -34.21
N ALA E 100 -23.30 5.76 -32.93
CA ALA E 100 -24.28 6.69 -32.37
C ALA E 100 -23.88 8.14 -32.54
N TYR E 101 -22.59 8.43 -32.38
CA TYR E 101 -22.11 9.81 -32.45
C TYR E 101 -21.50 10.16 -33.82
N SER E 102 -21.37 9.16 -34.70
CA SER E 102 -21.01 9.43 -36.10
C SER E 102 -22.30 9.71 -36.82
N SER E 103 -22.37 10.86 -37.47
CA SER E 103 -23.55 11.22 -38.28
C SER E 103 -23.19 11.32 -39.79
N ARG E 114 -14.51 9.06 -40.64
CA ARG E 114 -13.49 8.86 -39.59
C ARG E 114 -13.93 7.90 -38.49
N GLY E 115 -15.19 7.96 -38.06
CA GLY E 115 -15.71 6.99 -37.11
C GLY E 115 -15.77 5.63 -37.76
N THR E 116 -16.37 5.63 -38.94
CA THR E 116 -16.78 4.42 -39.65
C THR E 116 -15.62 3.48 -39.95
N LYS E 117 -14.49 4.01 -40.40
CA LYS E 117 -13.23 3.26 -40.56
C LYS E 117 -12.99 2.26 -39.42
N LEU E 118 -12.98 2.81 -38.21
CA LEU E 118 -12.51 2.11 -37.02
C LEU E 118 -13.60 1.23 -36.44
N ARG E 119 -14.84 1.70 -36.52
CA ARG E 119 -16.00 0.90 -36.09
C ARG E 119 -16.03 -0.45 -36.82
N LYS E 120 -15.92 -0.38 -38.14
CA LYS E 120 -15.88 -1.56 -39.01
C LYS E 120 -14.75 -2.47 -38.63
N LEU E 121 -13.61 -1.87 -38.32
CA LEU E 121 -12.44 -2.63 -37.91
C LEU E 121 -12.65 -3.31 -36.54
N ILE E 122 -13.39 -2.65 -35.64
CA ILE E 122 -13.66 -3.22 -34.32
C ILE E 122 -14.68 -4.35 -34.43
N LEU E 123 -15.74 -4.10 -35.20
CA LEU E 123 -16.74 -5.13 -35.46
C LEU E 123 -16.11 -6.29 -36.28
N SER E 124 -15.18 -5.95 -37.17
CA SER E 124 -14.52 -6.89 -38.10
C SER E 124 -13.51 -7.84 -37.45
N ASP E 125 -12.67 -7.33 -36.55
CA ASP E 125 -11.48 -8.07 -36.07
C ASP E 125 -10.35 -8.05 -37.10
N ARG E 188 -17.82 -12.81 -34.44
CA ARG E 188 -17.66 -13.08 -33.01
C ARG E 188 -18.30 -12.08 -32.03
N LEU E 189 -18.83 -10.96 -32.51
CA LEU E 189 -19.72 -10.17 -31.66
C LEU E 189 -21.16 -10.39 -32.11
N ALA E 190 -21.35 -11.21 -33.14
CA ALA E 190 -22.67 -11.43 -33.73
C ALA E 190 -23.71 -11.86 -32.69
N PRO E 191 -23.35 -12.78 -31.79
CA PRO E 191 -24.35 -13.22 -30.81
C PRO E 191 -24.96 -12.06 -30.03
N GLU E 192 -24.09 -11.19 -29.54
CA GLU E 192 -24.50 -10.04 -28.74
C GLU E 192 -25.31 -9.04 -29.58
N ARG E 193 -24.76 -8.71 -30.75
CA ARG E 193 -25.42 -7.75 -31.64
C ARG E 193 -26.80 -8.23 -32.12
N GLU E 194 -26.95 -9.55 -32.27
CA GLU E 194 -28.23 -10.16 -32.66
C GLU E 194 -29.18 -10.23 -31.44
N PHE E 195 -28.62 -10.58 -30.29
CA PHE E 195 -29.39 -10.49 -29.02
C PHE E 195 -30.00 -9.12 -28.85
N ILE E 196 -29.19 -8.09 -29.08
CA ILE E 196 -29.68 -6.72 -28.86
C ILE E 196 -30.66 -6.32 -29.95
N LYS E 197 -30.35 -6.69 -31.19
CA LYS E 197 -31.25 -6.44 -32.31
C LYS E 197 -32.63 -7.04 -32.04
N SER E 198 -32.64 -8.28 -31.55
CA SER E 198 -33.90 -8.92 -31.26
C SER E 198 -34.68 -8.18 -30.16
N LEU E 199 -33.99 -7.83 -29.07
CA LEU E 199 -34.63 -7.04 -28.01
C LEU E 199 -35.21 -5.75 -28.57
N MET E 200 -34.43 -5.09 -29.42
CA MET E 200 -34.88 -3.87 -30.07
C MET E 200 -36.09 -4.15 -30.95
N ALA E 201 -35.98 -5.22 -31.74
CA ALA E 201 -37.02 -5.62 -32.68
C ALA E 201 -38.35 -5.90 -31.98
N ILE E 202 -38.29 -6.65 -30.89
CA ILE E 202 -39.45 -6.87 -30.03
C ILE E 202 -40.17 -5.58 -29.67
N GLY E 203 -39.44 -4.65 -29.09
CA GLY E 203 -40.01 -3.39 -28.65
C GLY E 203 -40.73 -2.60 -29.72
N LYS E 204 -40.19 -2.61 -30.93
CA LYS E 204 -40.79 -1.90 -32.07
C LYS E 204 -42.15 -2.49 -32.47
N ARG E 205 -42.28 -3.80 -32.27
CA ARG E 205 -43.50 -4.52 -32.63
C ARG E 205 -44.68 -4.19 -31.74
N LEU E 206 -44.44 -3.96 -30.46
CA LEU E 206 -45.51 -3.62 -29.52
C LEU E 206 -46.30 -2.36 -29.86
N ALA E 207 -45.82 -1.59 -30.85
CA ALA E 207 -46.48 -0.34 -31.27
C ALA E 207 -47.92 -0.53 -31.71
N THR E 208 -48.20 -1.69 -32.29
CA THR E 208 -49.53 -2.03 -32.77
C THR E 208 -50.50 -2.35 -31.65
N LEU E 209 -50.02 -2.54 -30.43
CA LEU E 209 -50.92 -2.79 -29.29
C LEU E 209 -51.13 -1.56 -28.39
N PRO E 210 -52.29 -0.93 -28.49
CA PRO E 210 -52.52 0.37 -27.89
C PRO E 210 -52.62 0.40 -26.37
N THR E 211 -52.65 -0.76 -25.71
CA THR E 211 -52.72 -0.75 -24.26
C THR E 211 -51.49 -1.34 -23.62
N LYS E 212 -51.15 -0.81 -22.46
CA LYS E 212 -50.06 -1.31 -21.62
C LYS E 212 -50.15 -2.84 -21.44
N GLU E 213 -51.30 -3.30 -20.91
CA GLU E 213 -51.51 -4.73 -20.64
C GLU E 213 -51.41 -5.62 -21.88
N GLN E 214 -51.94 -5.15 -23.01
CA GLN E 214 -51.89 -5.92 -24.26
C GLN E 214 -50.44 -6.08 -24.70
N LYS E 215 -49.70 -4.97 -24.56
CA LYS E 215 -48.27 -4.93 -24.89
C LYS E 215 -47.50 -5.90 -24.02
N THR E 216 -47.74 -5.81 -22.71
CA THR E 216 -47.11 -6.74 -21.76
C THR E 216 -47.33 -8.19 -22.16
N GLN E 217 -48.56 -8.55 -22.51
CA GLN E 217 -48.86 -9.91 -22.99
C GLN E 217 -47.97 -10.35 -24.16
N ARG E 218 -47.86 -9.50 -25.16
CA ARG E 218 -47.07 -9.84 -26.34
C ARG E 218 -45.60 -9.88 -26.02
N LEU E 219 -45.18 -9.01 -25.11
CA LEU E 219 -43.78 -8.96 -24.70
C LEU E 219 -43.38 -10.29 -24.09
N ILE E 220 -44.17 -10.70 -23.10
CA ILE E 220 -43.91 -11.92 -22.35
C ILE E 220 -43.81 -13.08 -23.31
N SER E 221 -44.75 -13.16 -24.23
CA SER E 221 -44.71 -14.21 -25.25
C SER E 221 -43.39 -14.19 -25.94
N GLU E 222 -43.08 -13.04 -26.49
CA GLU E 222 -41.96 -12.91 -27.42
C GLU E 222 -40.60 -13.06 -26.74
N LEU E 223 -40.52 -12.69 -25.47
CA LEU E 223 -39.30 -12.91 -24.68
C LEU E 223 -39.00 -14.39 -24.44
N SER E 224 -40.04 -15.23 -24.33
CA SER E 224 -39.83 -16.67 -24.10
C SER E 224 -39.05 -17.34 -25.21
N LEU E 225 -39.19 -16.79 -26.42
CA LEU E 225 -38.52 -17.31 -27.60
C LEU E 225 -37.00 -17.11 -27.55
N LEU E 226 -36.56 -16.10 -26.80
CA LEU E 226 -35.13 -15.82 -26.64
C LEU E 226 -34.43 -16.92 -25.86
N ASN E 227 -35.15 -17.58 -24.93
CA ASN E 227 -34.57 -18.67 -24.13
C ASN E 227 -34.18 -19.89 -24.95
N HIS E 228 -34.82 -20.03 -26.12
CA HIS E 228 -34.45 -21.07 -27.10
C HIS E 228 -33.01 -20.94 -27.57
N LYS E 229 -32.39 -19.76 -27.37
CA LYS E 229 -31.00 -19.52 -27.75
C LYS E 229 -29.98 -19.14 -26.66
N LEU E 230 -30.36 -19.20 -25.39
CA LEU E 230 -29.64 -18.36 -24.41
C LEU E 230 -28.70 -18.90 -23.39
N PRO E 231 -28.15 -20.06 -23.62
CA PRO E 231 -26.82 -19.79 -23.10
C PRO E 231 -25.95 -19.46 -24.31
N ALA E 232 -25.49 -18.20 -24.42
CA ALA E 232 -24.67 -17.78 -25.57
C ALA E 232 -23.56 -16.78 -25.17
N ARG E 233 -22.72 -16.41 -26.14
CA ARG E 233 -21.67 -15.37 -25.94
C ARG E 233 -22.31 -14.00 -25.93
N VAL E 234 -23.06 -13.77 -24.86
CA VAL E 234 -23.94 -12.61 -24.73
C VAL E 234 -23.94 -12.08 -23.28
N TRP E 235 -23.97 -10.75 -23.14
CA TRP E 235 -23.92 -10.08 -21.82
C TRP E 235 -24.69 -8.74 -21.84
N LEU E 236 -24.92 -8.22 -20.65
CA LEU E 236 -25.47 -6.90 -20.41
C LEU E 236 -24.38 -5.91 -19.97
N PRO E 237 -23.97 -4.98 -20.86
CA PRO E 237 -22.92 -4.02 -20.57
C PRO E 237 -23.19 -3.20 -19.32
N THR E 238 -24.45 -3.05 -18.94
CA THR E 238 -24.82 -2.27 -17.76
C THR E 238 -24.51 -2.95 -16.44
N ALA E 239 -23.99 -4.17 -16.50
CA ALA E 239 -23.71 -4.94 -15.28
C ALA E 239 -22.38 -4.57 -14.65
N GLY E 240 -22.37 -4.49 -13.33
CA GLY E 240 -21.12 -4.21 -12.62
C GLY E 240 -19.94 -5.18 -12.87
N PHE E 241 -20.20 -6.36 -13.44
CA PHE E 241 -19.22 -7.46 -13.47
C PHE E 241 -19.24 -8.17 -14.80
N ASP E 242 -18.32 -9.11 -14.96
CA ASP E 242 -18.28 -9.94 -16.16
C ASP E 242 -19.24 -11.09 -15.98
N HIS E 243 -19.86 -11.53 -17.07
CA HIS E 243 -20.88 -12.58 -16.95
C HIS E 243 -21.29 -13.15 -18.28
N HIS E 244 -22.07 -14.22 -18.18
CA HIS E 244 -22.83 -14.77 -19.30
C HIS E 244 -24.31 -14.73 -18.97
N VAL E 245 -25.10 -14.34 -19.96
CA VAL E 245 -26.56 -14.44 -19.89
C VAL E 245 -27.04 -15.88 -20.19
N VAL E 246 -27.88 -16.41 -19.29
CA VAL E 246 -28.38 -17.80 -19.38
C VAL E 246 -29.89 -17.92 -19.65
N ARG E 247 -30.68 -17.02 -19.05
CA ARG E 247 -32.12 -17.19 -19.01
C ARG E 247 -32.88 -15.88 -18.83
N VAL E 248 -34.04 -15.78 -19.49
CA VAL E 248 -34.94 -14.65 -19.33
C VAL E 248 -36.25 -15.12 -18.69
N PRO E 249 -36.50 -14.76 -17.42
CA PRO E 249 -37.79 -15.04 -16.78
C PRO E 249 -38.93 -14.19 -17.35
N HIS E 250 -39.33 -14.56 -18.58
CA HIS E 250 -40.27 -13.78 -19.39
C HIS E 250 -41.60 -13.42 -18.73
N THR E 251 -42.12 -14.29 -17.89
CA THR E 251 -43.36 -13.97 -17.21
C THR E 251 -43.21 -12.70 -16.36
N GLN E 252 -42.00 -12.42 -15.90
CA GLN E 252 -41.76 -11.29 -14.98
C GLN E 252 -41.68 -9.93 -15.68
N ALA E 253 -41.37 -9.93 -16.98
CA ALA E 253 -41.20 -8.68 -17.75
C ALA E 253 -42.51 -7.89 -17.83
N VAL E 254 -42.38 -6.56 -17.85
CA VAL E 254 -43.53 -5.67 -17.91
C VAL E 254 -43.24 -4.44 -18.78
N VAL E 255 -44.29 -3.92 -19.41
CA VAL E 255 -44.19 -2.75 -20.27
C VAL E 255 -44.67 -1.58 -19.46
N LEU E 256 -44.00 -0.44 -19.64
CA LEU E 256 -44.09 0.65 -18.68
C LEU E 256 -45.11 1.74 -19.00
N ASN E 257 -45.46 1.90 -20.26
CA ASN E 257 -46.53 2.83 -20.63
C ASN E 257 -47.24 2.41 -21.89
N SER E 258 -48.25 3.18 -22.27
CA SER E 258 -49.10 2.85 -23.41
C SER E 258 -48.60 3.53 -24.66
N LYS E 259 -47.45 4.16 -24.60
CA LYS E 259 -46.95 4.93 -25.73
C LYS E 259 -46.52 4.06 -26.94
N ASP E 260 -46.38 4.73 -28.07
CA ASP E 260 -46.11 4.06 -29.35
C ASP E 260 -44.80 3.31 -29.36
N LYS E 261 -43.80 3.94 -28.78
CA LYS E 261 -42.45 3.39 -28.66
C LYS E 261 -42.18 3.18 -27.18
N ALA E 262 -43.08 2.44 -26.52
CA ALA E 262 -43.06 2.25 -25.07
C ALA E 262 -41.82 1.51 -24.68
N PRO E 263 -41.19 1.96 -23.60
CA PRO E 263 -40.08 1.20 -23.06
C PRO E 263 -40.61 0.02 -22.24
N TYR E 264 -39.77 -0.97 -22.05
CA TYR E 264 -40.19 -2.14 -21.28
C TYR E 264 -39.07 -2.63 -20.41
N LEU E 265 -39.47 -3.10 -19.24
CA LEU E 265 -38.51 -3.50 -18.21
C LEU E 265 -38.40 -5.01 -18.25
N ILE E 266 -37.20 -5.53 -18.19
CA ILE E 266 -37.02 -7.00 -18.11
C ILE E 266 -36.02 -7.41 -17.09
N TYR E 267 -36.22 -8.62 -16.57
CA TYR E 267 -35.25 -9.24 -15.69
C TYR E 267 -34.46 -10.31 -16.46
N VAL E 268 -33.16 -10.37 -16.18
CA VAL E 268 -32.24 -11.24 -16.88
C VAL E 268 -31.40 -12.04 -15.90
N GLU E 269 -31.24 -13.32 -16.19
CA GLU E 269 -30.44 -14.22 -15.37
C GLU E 269 -29.08 -14.41 -15.98
N VAL E 270 -28.10 -14.48 -15.09
CA VAL E 270 -26.73 -14.46 -15.50
C VAL E 270 -25.84 -15.28 -14.57
N LEU E 271 -24.77 -15.82 -15.15
CA LEU E 271 -23.71 -16.48 -14.38
C LEU E 271 -22.40 -15.70 -14.40
N GLU E 272 -21.97 -15.25 -13.22
CA GLU E 272 -20.80 -14.39 -13.10
C GLU E 272 -19.54 -15.04 -13.65
N CYS E 273 -18.69 -14.21 -14.23
CA CYS E 273 -17.40 -14.65 -14.68
C CYS E 273 -16.36 -14.01 -13.81
N GLU E 274 -15.17 -14.58 -13.84
CA GLU E 274 -13.98 -13.90 -13.33
C GLU E 274 -13.40 -13.10 -14.50
N ASN E 275 -13.38 -13.72 -15.67
CA ASN E 275 -12.99 -13.02 -16.88
C ASN E 275 -13.80 -13.47 -18.10
N PHE E 276 -14.45 -12.52 -18.76
CA PHE E 276 -15.04 -12.76 -20.06
C PHE E 276 -13.85 -12.68 -21.07
N ASP E 277 -14.06 -13.07 -22.31
CA ASP E 277 -13.00 -13.12 -23.35
C ASP E 277 -12.17 -14.38 -23.19
N THR E 278 -12.38 -15.13 -22.11
CA THR E 278 -11.60 -16.34 -21.87
C THR E 278 -12.42 -17.48 -21.24
N THR E 279 -13.73 -17.35 -21.20
CA THR E 279 -14.59 -18.35 -20.63
C THR E 279 -15.48 -18.90 -21.73
N SER E 280 -15.98 -20.11 -21.55
CA SER E 280 -16.95 -20.62 -22.51
C SER E 280 -18.36 -20.41 -21.99
N VAL E 281 -19.29 -20.34 -22.94
CA VAL E 281 -20.71 -20.16 -22.63
C VAL E 281 -21.10 -21.38 -21.80
N PRO E 282 -21.74 -21.16 -20.65
CA PRO E 282 -22.21 -22.31 -19.88
C PRO E 282 -23.15 -23.17 -20.72
N ALA E 283 -23.49 -24.36 -20.23
CA ALA E 283 -24.34 -25.28 -20.97
C ALA E 283 -25.82 -25.11 -20.57
N ARG E 284 -26.72 -25.36 -21.52
CA ARG E 284 -28.16 -25.27 -21.27
C ARG E 284 -28.56 -26.26 -20.18
N ILE E 285 -29.51 -25.90 -19.33
CA ILE E 285 -30.12 -26.89 -18.41
C ILE E 285 -31.67 -26.65 -18.39
N PRO E 286 -32.51 -27.59 -18.91
CA PRO E 286 -33.97 -27.32 -19.07
C PRO E 286 -34.84 -27.69 -17.86
N GLU E 293 -45.39 -24.74 -13.37
CA GLU E 293 -46.83 -24.77 -13.60
C GLU E 293 -47.52 -23.96 -12.51
N ASP E 294 -47.64 -22.66 -12.72
CA ASP E 294 -48.21 -21.77 -11.72
C ASP E 294 -47.39 -21.77 -10.41
N PRO E 295 -46.03 -21.81 -10.49
CA PRO E 295 -45.30 -21.63 -9.24
C PRO E 295 -44.61 -20.26 -9.15
N SER E 296 -43.60 -20.07 -10.00
CA SER E 296 -42.70 -18.91 -9.99
C SER E 296 -43.08 -17.88 -11.07
N ALA E 297 -44.07 -18.26 -11.86
CA ALA E 297 -44.51 -17.51 -13.03
C ALA E 297 -45.40 -16.28 -12.71
N VAL E 298 -45.91 -16.22 -11.49
CA VAL E 298 -46.79 -15.14 -11.04
C VAL E 298 -45.98 -13.84 -10.80
N ALA E 299 -46.49 -12.73 -11.32
CA ALA E 299 -45.78 -11.44 -11.27
C ALA E 299 -46.55 -10.45 -10.43
N LEU E 300 -45.95 -9.98 -9.34
CA LEU E 300 -46.64 -9.06 -8.41
C LEU E 300 -45.77 -7.91 -7.93
N LYS E 301 -46.41 -6.79 -7.58
CA LYS E 301 -45.69 -5.61 -7.08
C LYS E 301 -45.03 -6.00 -5.75
N GLU E 302 -43.71 -6.06 -5.76
CA GLU E 302 -42.91 -6.63 -4.68
C GLU E 302 -41.57 -5.95 -4.55
N PRO E 303 -41.03 -5.91 -3.33
CA PRO E 303 -39.63 -5.57 -3.13
C PRO E 303 -38.67 -6.39 -3.98
N TRP E 304 -37.46 -5.85 -4.12
CA TRP E 304 -36.48 -6.41 -5.04
C TRP E 304 -35.99 -7.81 -4.59
N GLN E 305 -35.72 -7.97 -3.30
CA GLN E 305 -35.22 -9.26 -2.80
C GLN E 305 -36.21 -10.38 -2.89
N GLU E 306 -37.47 -10.04 -2.68
CA GLU E 306 -38.51 -11.05 -2.77
C GLU E 306 -38.62 -11.52 -4.20
N LYS E 307 -38.34 -10.62 -5.14
CA LYS E 307 -38.46 -10.97 -6.54
C LYS E 307 -37.30 -11.84 -7.00
N VAL E 308 -36.11 -11.58 -6.46
CA VAL E 308 -34.98 -12.43 -6.80
C VAL E 308 -35.20 -13.84 -6.25
N ARG E 309 -35.66 -13.90 -5.01
CA ARG E 309 -36.00 -15.17 -4.36
C ARG E 309 -36.87 -16.04 -5.26
N ARG E 310 -38.02 -15.47 -5.64
CA ARG E 310 -39.02 -16.17 -6.44
C ARG E 310 -38.48 -16.66 -7.78
N ILE E 311 -37.75 -15.80 -8.47
CA ILE E 311 -37.23 -16.13 -9.79
C ILE E 311 -36.14 -17.19 -9.67
N ARG E 312 -35.28 -17.01 -8.66
CA ARG E 312 -34.15 -17.91 -8.45
C ARG E 312 -34.66 -19.31 -8.21
N GLU E 313 -35.56 -19.39 -7.23
CA GLU E 313 -36.16 -20.66 -6.82
C GLU E 313 -36.82 -21.41 -7.98
N GLY E 314 -37.45 -20.68 -8.89
CA GLY E 314 -38.04 -21.31 -10.06
C GLY E 314 -37.03 -21.65 -11.14
N SER E 315 -35.84 -21.06 -11.09
CA SER E 315 -34.91 -21.15 -12.24
C SER E 315 -34.07 -22.43 -12.26
N PRO E 316 -33.87 -23.02 -13.45
CA PRO E 316 -32.91 -24.11 -13.62
C PRO E 316 -31.55 -23.81 -13.01
N TYR E 317 -31.05 -22.59 -13.25
CA TYR E 317 -29.69 -22.18 -12.85
C TYR E 317 -29.62 -21.61 -11.42
N GLY E 318 -30.76 -21.46 -10.75
CA GLY E 318 -30.84 -20.74 -9.47
C GLY E 318 -30.01 -21.28 -8.34
N HIS E 319 -29.78 -22.59 -8.33
CA HIS E 319 -28.96 -23.27 -7.32
C HIS E 319 -27.48 -22.87 -7.30
N LEU E 320 -26.93 -22.51 -8.47
CA LEU E 320 -25.52 -22.17 -8.59
C LEU E 320 -25.16 -20.93 -7.79
N PRO E 321 -23.93 -20.91 -7.21
CA PRO E 321 -23.47 -19.75 -6.40
C PRO E 321 -23.08 -18.61 -7.32
N ASN E 322 -22.84 -19.02 -8.56
CA ASN E 322 -22.41 -18.23 -9.67
C ASN E 322 -23.52 -17.27 -10.21
N TRP E 323 -24.74 -17.46 -9.71
CA TRP E 323 -25.96 -16.92 -10.33
C TRP E 323 -26.33 -15.57 -9.74
N ARG E 324 -26.67 -14.64 -10.63
CA ARG E 324 -27.16 -13.33 -10.23
C ARG E 324 -28.26 -12.83 -11.16
N LEU E 325 -29.10 -11.94 -10.64
CA LEU E 325 -30.22 -11.34 -11.40
C LEU E 325 -30.03 -9.86 -11.75
N LEU E 326 -30.15 -9.55 -13.03
CA LEU E 326 -30.02 -8.17 -13.50
C LEU E 326 -31.34 -7.61 -14.04
N SER E 327 -31.34 -6.34 -14.42
CA SER E 327 -32.53 -5.66 -14.92
C SER E 327 -32.12 -4.54 -15.87
N VAL E 328 -32.85 -4.38 -16.95
CA VAL E 328 -32.65 -3.23 -17.82
C VAL E 328 -33.97 -2.80 -18.38
N ILE E 329 -34.09 -1.52 -18.62
CA ILE E 329 -35.20 -0.96 -19.37
C ILE E 329 -34.74 -0.88 -20.80
N VAL E 330 -35.59 -1.30 -21.72
CA VAL E 330 -35.21 -1.30 -23.12
C VAL E 330 -35.96 -0.22 -23.84
N LYS E 331 -35.22 0.74 -24.40
CA LYS E 331 -35.86 1.83 -25.14
C LYS E 331 -35.51 1.65 -26.60
N CYS E 332 -36.49 1.21 -27.38
CA CYS E 332 -36.25 0.84 -28.76
C CYS E 332 -36.38 2.01 -29.71
N GLY E 333 -37.02 3.10 -29.26
CA GLY E 333 -37.16 4.26 -30.13
C GLY E 333 -36.79 5.59 -29.55
N ASP E 334 -36.01 5.59 -28.48
CA ASP E 334 -35.67 6.83 -27.79
C ASP E 334 -34.16 7.05 -27.81
N ASP E 335 -33.75 8.29 -28.08
CA ASP E 335 -32.36 8.69 -28.03
C ASP E 335 -31.97 8.80 -26.56
N LEU E 336 -30.78 8.31 -26.22
CA LEU E 336 -30.33 8.30 -24.82
C LEU E 336 -29.02 9.05 -24.63
N ARG E 337 -28.68 9.88 -25.60
CA ARG E 337 -27.40 10.54 -25.59
C ARG E 337 -27.39 11.68 -24.59
N GLN E 338 -28.49 12.42 -24.48
CA GLN E 338 -28.61 13.40 -23.39
C GLN E 338 -28.66 12.69 -22.04
N GLU E 339 -29.32 11.54 -22.03
CA GLU E 339 -29.48 10.80 -20.79
C GLU E 339 -28.07 10.38 -20.33
N LEU E 340 -27.25 9.94 -21.29
CA LEU E 340 -25.83 9.62 -20.99
C LEU E 340 -25.07 10.84 -20.50
N LEU E 341 -25.24 11.97 -21.17
CA LEU E 341 -24.56 13.19 -20.78
C LEU E 341 -24.94 13.59 -19.35
N ALA E 342 -26.22 13.51 -19.02
CA ALA E 342 -26.65 13.86 -17.67
C ALA E 342 -26.04 12.95 -16.62
N PHE E 343 -25.87 11.69 -16.99
CA PHE E 343 -25.34 10.68 -16.08
C PHE E 343 -23.95 11.08 -15.64
N GLN E 344 -23.12 11.45 -16.63
CA GLN E 344 -21.75 11.92 -16.39
C GLN E 344 -21.71 13.16 -15.48
N VAL E 345 -22.58 14.11 -15.78
CA VAL E 345 -22.64 15.30 -14.98
C VAL E 345 -23.05 14.95 -13.56
N LEU E 346 -24.00 14.03 -13.39
CA LEU E 346 -24.43 13.62 -12.05
C LEU E 346 -23.29 12.95 -11.32
N LYS E 347 -22.57 12.13 -12.07
CA LYS E 347 -21.51 11.35 -11.49
C LYS E 347 -20.38 12.26 -11.04
N GLN E 348 -20.07 13.26 -11.86
CA GLN E 348 -19.05 14.22 -11.46
C GLN E 348 -19.44 15.02 -10.21
N LEU E 349 -20.65 15.56 -10.20
CA LEU E 349 -21.10 16.36 -9.06
C LEU E 349 -21.04 15.53 -7.80
N GLN E 350 -21.31 14.24 -7.97
CA GLN E 350 -21.32 13.32 -6.86
C GLN E 350 -19.92 13.20 -6.28
N SER E 351 -18.91 13.03 -7.14
CA SER E 351 -17.51 12.97 -6.68
C SER E 351 -17.07 14.27 -6.08
N ILE E 352 -17.44 15.35 -6.75
CA ILE E 352 -17.13 16.66 -6.24
C ILE E 352 -17.68 16.76 -4.82
N TRP E 353 -18.93 16.39 -4.62
CA TRP E 353 -19.51 16.55 -3.31
C TRP E 353 -18.95 15.58 -2.27
N GLU E 354 -18.50 14.41 -2.69
CA GLU E 354 -17.82 13.50 -1.75
C GLU E 354 -16.45 14.06 -1.36
N GLN E 355 -15.71 14.57 -2.34
CA GLN E 355 -14.35 15.08 -2.10
C GLN E 355 -14.32 16.30 -1.17
N GLU E 356 -15.08 17.33 -1.50
CA GLU E 356 -15.43 18.35 -0.48
C GLU E 356 -16.26 17.54 0.47
N ARG E 357 -16.73 18.05 1.58
CA ARG E 357 -17.47 17.06 2.40
C ARG E 357 -18.88 17.47 2.67
N VAL E 358 -19.66 17.47 1.59
CA VAL E 358 -21.02 17.93 1.60
C VAL E 358 -21.92 16.71 1.43
N PRO E 359 -22.75 16.44 2.43
CA PRO E 359 -23.55 15.24 2.39
C PRO E 359 -24.87 15.39 1.59
N LEU E 360 -24.82 16.10 0.46
CA LEU E 360 -25.89 16.00 -0.53
C LEU E 360 -26.01 14.55 -1.00
N TRP E 361 -27.17 14.16 -1.53
CA TRP E 361 -27.38 12.80 -2.06
C TRP E 361 -28.05 12.79 -3.41
N ILE E 362 -27.50 12.04 -4.35
CA ILE E 362 -28.09 11.82 -5.65
C ILE E 362 -27.77 10.41 -6.15
N LYS E 363 -28.46 9.99 -7.20
CA LYS E 363 -28.33 8.64 -7.71
C LYS E 363 -28.28 8.66 -9.24
N PRO E 364 -27.08 8.61 -9.79
CA PRO E 364 -26.88 8.37 -11.21
C PRO E 364 -27.32 6.95 -11.53
N TYR E 365 -28.05 6.75 -12.62
CA TYR E 365 -28.38 5.41 -13.13
C TYR E 365 -27.75 5.18 -14.49
N LYS E 366 -27.16 3.99 -14.66
CA LYS E 366 -26.41 3.67 -15.85
C LYS E 366 -27.21 3.77 -17.15
N ILE E 367 -26.51 4.14 -18.21
CA ILE E 367 -27.08 4.30 -19.54
C ILE E 367 -26.29 3.45 -20.52
N LEU E 368 -26.96 2.86 -21.50
CA LEU E 368 -26.22 2.25 -22.59
C LEU E 368 -26.81 2.79 -23.88
N VAL E 369 -26.03 3.59 -24.57
CA VAL E 369 -26.37 4.05 -25.89
C VAL E 369 -26.14 2.93 -26.90
N ILE E 370 -27.15 2.65 -27.71
CA ILE E 370 -27.01 1.59 -28.73
C ILE E 370 -27.04 2.14 -30.14
N SER E 371 -27.90 3.11 -30.37
CA SER E 371 -27.92 3.84 -31.62
C SER E 371 -28.33 5.25 -31.31
N ALA E 372 -28.40 6.10 -32.33
CA ALA E 372 -28.89 7.47 -32.11
C ALA E 372 -30.36 7.46 -31.70
N ASP E 373 -31.05 6.35 -31.94
CA ASP E 373 -32.47 6.24 -31.61
C ASP E 373 -32.85 5.13 -30.63
N SER E 374 -31.85 4.44 -30.05
CA SER E 374 -32.14 3.39 -29.08
C SER E 374 -31.05 3.14 -28.06
N GLY E 375 -31.46 2.57 -26.94
CA GLY E 375 -30.53 2.27 -25.86
C GLY E 375 -31.19 1.54 -24.70
N MET E 376 -30.46 1.41 -23.59
CA MET E 376 -30.97 0.82 -22.36
C MET E 376 -30.65 1.65 -21.12
N ILE E 377 -31.45 1.47 -20.09
CA ILE E 377 -31.23 2.08 -18.80
C ILE E 377 -31.29 1.03 -17.71
N GLU E 378 -30.32 1.04 -16.78
CA GLU E 378 -30.41 0.21 -15.59
C GLU E 378 -31.29 0.89 -14.53
N PRO E 379 -32.44 0.29 -14.19
CA PRO E 379 -33.37 0.99 -13.32
C PRO E 379 -32.93 0.89 -11.90
N VAL E 380 -33.28 1.89 -11.10
CA VAL E 380 -33.10 1.72 -9.68
C VAL E 380 -34.36 1.01 -9.18
N VAL E 381 -34.15 -0.05 -8.43
CA VAL E 381 -35.25 -0.81 -7.83
C VAL E 381 -35.67 -0.28 -6.43
N ASN E 382 -36.83 -0.74 -5.94
CA ASN E 382 -37.37 -0.30 -4.63
C ASN E 382 -37.54 1.20 -4.53
N ALA E 383 -38.13 1.72 -5.59
CA ALA E 383 -38.47 3.11 -5.70
C ALA E 383 -39.69 3.21 -6.60
N VAL E 384 -40.57 4.16 -6.32
CA VAL E 384 -41.75 4.33 -7.14
C VAL E 384 -42.03 5.80 -7.24
N SER E 385 -42.69 6.16 -8.34
CA SER E 385 -42.92 7.55 -8.67
C SER E 385 -43.69 8.21 -7.52
N ILE E 386 -43.43 9.50 -7.30
CA ILE E 386 -44.22 10.25 -6.32
C ILE E 386 -45.69 10.20 -6.69
N HIS E 387 -45.98 10.37 -7.98
CA HIS E 387 -47.36 10.41 -8.44
C HIS E 387 -48.08 9.12 -8.11
N GLN E 388 -47.40 8.01 -8.34
CA GLN E 388 -47.97 6.70 -8.17
C GLN E 388 -48.13 6.39 -6.69
N VAL E 389 -47.19 6.85 -5.86
CA VAL E 389 -47.34 6.69 -4.38
C VAL E 389 -48.70 7.22 -3.91
N LYS E 390 -49.09 8.34 -4.47
CA LYS E 390 -50.34 8.96 -4.11
C LYS E 390 -51.55 8.31 -4.82
N LYS E 391 -51.44 7.97 -6.09
CA LYS E 391 -52.63 7.37 -6.71
C LYS E 391 -52.86 6.04 -6.01
N GLN E 392 -51.78 5.29 -5.78
CA GLN E 392 -51.89 4.07 -4.98
C GLN E 392 -52.16 4.39 -3.53
N SER E 393 -51.42 5.33 -2.95
CA SER E 393 -51.52 5.57 -1.49
C SER E 393 -52.76 6.35 -1.09
N GLN E 394 -53.14 7.31 -1.93
CA GLN E 394 -54.23 8.22 -1.65
C GLN E 394 -54.01 8.99 -0.36
N LEU E 395 -52.76 9.36 -0.15
CA LEU E 395 -52.36 10.07 1.05
C LEU E 395 -51.46 11.23 0.69
N SER E 396 -51.29 12.18 1.61
CA SER E 396 -50.33 13.27 1.40
C SER E 396 -48.94 12.68 1.64
N LEU E 397 -47.95 13.27 0.97
CA LEU E 397 -46.57 12.79 1.00
C LEU E 397 -46.07 12.62 2.44
N LEU E 398 -46.33 13.62 3.27
CA LEU E 398 -46.04 13.55 4.70
C LEU E 398 -46.80 12.42 5.41
N ASP E 399 -48.11 12.37 5.20
CA ASP E 399 -48.94 11.31 5.78
C ASP E 399 -48.39 9.96 5.37
N TYR E 400 -47.98 9.82 4.10
CA TYR E 400 -47.34 8.59 3.65
C TYR E 400 -46.04 8.31 4.42
N PHE E 401 -45.20 9.33 4.59
CA PHE E 401 -43.97 9.19 5.37
C PHE E 401 -44.29 8.67 6.76
N LEU E 402 -45.27 9.30 7.38
CA LEU E 402 -45.67 8.95 8.75
C LEU E 402 -46.22 7.53 8.79
N GLN E 403 -47.03 7.16 7.80
CA GLN E 403 -47.54 5.79 7.74
C GLN E 403 -46.41 4.79 7.58
N GLU E 404 -45.50 5.10 6.66
CA GLU E 404 -44.53 4.13 6.15
C GLU E 404 -43.27 4.03 7.01
N HIS E 405 -42.98 5.07 7.79
CA HIS E 405 -41.75 5.13 8.59
C HIS E 405 -42.01 5.27 10.07
N GLY E 406 -42.97 6.11 10.44
CA GLY E 406 -43.39 6.24 11.83
C GLY E 406 -43.69 7.67 12.17
N SER E 407 -44.00 7.92 13.44
CA SER E 407 -44.32 9.27 13.89
C SER E 407 -43.07 10.11 13.89
N TYR E 408 -43.28 11.42 13.92
CA TYR E 408 -42.22 12.44 14.06
C TYR E 408 -41.14 12.09 15.07
N THR E 409 -41.50 11.34 16.08
CA THR E 409 -40.56 11.03 17.15
C THR E 409 -39.72 9.78 16.89
N THR E 410 -39.95 9.09 15.77
CA THR E 410 -39.20 7.85 15.56
C THR E 410 -37.89 8.03 14.78
N GLU E 411 -36.97 7.11 14.97
CA GLU E 411 -35.71 7.14 14.26
C GLU E 411 -35.97 7.01 12.77
N ALA E 412 -36.72 5.98 12.40
CA ALA E 412 -37.01 5.71 11.01
C ALA E 412 -37.54 6.94 10.29
N PHE E 413 -38.33 7.77 10.99
CA PHE E 413 -38.88 8.97 10.36
C PHE E 413 -37.78 10.03 10.18
N LEU E 414 -37.05 10.30 11.25
CA LEU E 414 -36.03 11.33 11.21
C LEU E 414 -34.95 10.99 10.18
N SER E 415 -34.60 9.71 10.09
CA SER E 415 -33.68 9.23 9.05
C SER E 415 -34.24 9.46 7.63
N ALA E 416 -35.51 9.13 7.42
CA ALA E 416 -36.11 9.31 6.09
C ALA E 416 -36.22 10.78 5.71
N GLN E 417 -36.55 11.60 6.69
CA GLN E 417 -36.66 13.04 6.49
C GLN E 417 -35.31 13.58 6.06
N ARG E 418 -34.26 13.13 6.74
CA ARG E 418 -32.91 13.58 6.43
C ARG E 418 -32.55 13.21 4.99
N ASN E 419 -32.82 11.97 4.61
CA ASN E 419 -32.59 11.52 3.25
C ASN E 419 -33.40 12.32 2.25
N PHE E 420 -34.62 12.66 2.63
CA PHE E 420 -35.43 13.52 1.80
C PHE E 420 -34.71 14.87 1.61
N VAL E 421 -34.34 15.50 2.73
CA VAL E 421 -33.76 16.85 2.68
C VAL E 421 -32.46 16.85 1.89
N GLN E 422 -31.62 15.87 2.15
CA GLN E 422 -30.36 15.75 1.44
C GLN E 422 -30.54 15.42 -0.05
N SER E 423 -31.52 14.58 -0.40
CA SER E 423 -31.73 14.24 -1.81
C SER E 423 -32.38 15.40 -2.55
N CYS E 424 -33.19 16.19 -1.85
CA CYS E 424 -33.81 17.35 -2.48
C CYS E 424 -32.79 18.42 -2.82
N ALA E 425 -31.91 18.73 -1.88
CA ALA E 425 -30.92 19.77 -2.10
C ALA E 425 -30.01 19.35 -3.22
N GLY E 426 -29.58 18.09 -3.17
CA GLY E 426 -28.80 17.53 -4.25
C GLY E 426 -29.46 17.77 -5.59
N TYR E 427 -30.70 17.32 -5.72
CA TYR E 427 -31.37 17.37 -7.01
C TYR E 427 -31.79 18.79 -7.46
N CYS E 428 -32.04 19.67 -6.49
CA CYS E 428 -32.27 21.05 -6.78
C CYS E 428 -31.06 21.60 -7.55
N LEU E 429 -29.88 21.33 -6.99
CA LEU E 429 -28.62 21.85 -7.53
C LEU E 429 -28.38 21.30 -8.91
N VAL E 430 -28.63 20.03 -9.08
CA VAL E 430 -28.51 19.43 -10.39
C VAL E 430 -29.47 20.08 -11.37
N CYS E 431 -30.71 20.29 -10.93
CA CYS E 431 -31.68 20.90 -11.80
C CYS E 431 -31.29 22.31 -12.21
N TYR E 432 -30.79 23.09 -11.25
CA TYR E 432 -30.39 24.46 -11.54
C TYR E 432 -29.21 24.48 -12.49
N LEU E 433 -28.11 23.83 -12.11
CA LEU E 433 -26.91 23.83 -12.96
C LEU E 433 -27.14 23.30 -14.38
N LEU E 434 -27.88 22.21 -14.52
CA LEU E 434 -28.20 21.68 -15.85
C LEU E 434 -29.43 22.31 -16.49
N GLN E 435 -30.10 23.21 -15.79
CA GLN E 435 -31.39 23.70 -16.24
C GLN E 435 -32.26 22.54 -16.69
N VAL E 436 -32.53 21.64 -15.75
CA VAL E 436 -33.44 20.53 -16.01
C VAL E 436 -34.88 21.04 -16.01
N LYS E 437 -35.64 20.65 -17.05
CA LYS E 437 -37.03 21.06 -17.21
C LYS E 437 -37.94 19.85 -17.23
N ASP E 438 -39.22 20.07 -17.52
CA ASP E 438 -40.22 19.01 -17.55
C ASP E 438 -40.26 18.29 -16.22
N ARG E 439 -40.28 19.06 -15.14
CA ARG E 439 -40.21 18.47 -13.80
C ARG E 439 -41.58 18.28 -13.20
N HIS E 440 -41.94 17.02 -12.97
CA HIS E 440 -43.23 16.69 -12.34
C HIS E 440 -43.15 15.33 -11.62
N ASN E 441 -44.21 14.93 -10.91
CA ASN E 441 -44.12 13.78 -10.00
C ASN E 441 -44.09 12.42 -10.69
N GLY E 442 -44.38 12.40 -11.98
CA GLY E 442 -44.03 11.25 -12.83
C GLY E 442 -42.52 11.04 -13.03
N ASN E 443 -41.75 12.12 -12.87
CA ASN E 443 -40.30 12.12 -13.09
C ASN E 443 -39.48 12.09 -11.82
N ILE E 444 -40.16 12.00 -10.67
CA ILE E 444 -39.46 11.93 -9.40
C ILE E 444 -39.84 10.66 -8.67
N LEU E 445 -38.82 9.86 -8.39
CA LEU E 445 -39.00 8.60 -7.70
C LEU E 445 -38.76 8.79 -6.21
N LEU E 446 -39.41 7.97 -5.39
CA LEU E 446 -39.18 7.94 -3.96
C LEU E 446 -38.71 6.56 -3.60
N ASP E 447 -37.52 6.46 -3.02
CA ASP E 447 -36.98 5.17 -2.64
C ASP E 447 -37.42 4.83 -1.22
N ALA E 448 -37.15 3.61 -0.82
CA ALA E 448 -37.69 3.09 0.42
C ALA E 448 -37.10 3.70 1.67
N GLU E 449 -36.00 4.45 1.52
CA GLU E 449 -35.36 5.09 2.66
C GLU E 449 -35.70 6.59 2.78
N GLY E 450 -36.38 7.12 1.77
CA GLY E 450 -36.80 8.53 1.79
C GLY E 450 -36.09 9.47 0.83
N HIS E 451 -35.08 8.96 0.12
CA HIS E 451 -34.46 9.76 -0.92
C HIS E 451 -35.44 9.90 -2.09
N ILE E 452 -35.44 11.06 -2.71
CA ILE E 452 -36.03 11.20 -4.01
C ILE E 452 -34.97 10.96 -5.10
N ILE E 453 -35.43 10.65 -6.33
CA ILE E 453 -34.55 10.44 -7.48
C ILE E 453 -35.17 11.00 -8.75
N HIS E 454 -34.56 12.02 -9.37
CA HIS E 454 -35.12 12.57 -10.59
C HIS E 454 -34.81 11.63 -11.78
N ILE E 455 -35.68 11.60 -12.82
CA ILE E 455 -35.42 10.67 -13.94
C ILE E 455 -35.54 11.06 -15.42
N ASP E 456 -36.42 11.93 -15.87
CA ASP E 456 -36.44 12.06 -17.32
C ASP E 456 -35.61 13.25 -17.85
N PHE E 457 -34.36 13.00 -18.26
CA PHE E 457 -33.45 14.09 -18.72
C PHE E 457 -33.44 14.43 -20.23
N GLY E 458 -34.59 14.28 -20.88
CA GLY E 458 -34.86 15.08 -22.07
C GLY E 458 -35.08 16.46 -21.47
N PHE E 459 -34.91 17.51 -22.24
CA PHE E 459 -35.09 18.87 -21.70
C PHE E 459 -34.10 19.31 -20.61
N ILE E 460 -32.86 19.54 -21.04
CA ILE E 460 -31.81 20.07 -20.19
C ILE E 460 -31.01 21.14 -20.96
N LEU E 461 -30.33 22.00 -20.22
CA LEU E 461 -29.50 23.03 -20.81
C LEU E 461 -30.32 23.88 -21.77
N SER E 462 -29.89 23.93 -23.03
CA SER E 462 -30.53 24.75 -24.07
C SER E 462 -32.00 24.42 -24.43
N SER E 463 -32.39 23.17 -24.37
CA SER E 463 -33.75 22.79 -24.76
C SER E 463 -34.75 23.42 -23.80
N SER E 464 -35.76 24.10 -24.36
CA SER E 464 -36.75 24.82 -23.53
C SER E 464 -37.80 23.97 -22.72
N PRO E 465 -38.27 22.81 -23.26
CA PRO E 465 -37.79 22.36 -24.56
C PRO E 465 -38.05 23.37 -25.68
N ARG E 466 -39.25 23.95 -25.69
CA ARG E 466 -39.65 24.90 -26.75
C ARG E 466 -40.20 24.21 -27.97
N ASN E 467 -40.27 22.88 -27.96
CA ASN E 467 -40.66 22.13 -29.14
C ASN E 467 -41.59 20.97 -28.79
N LEU E 468 -42.81 21.34 -28.43
CA LEU E 468 -43.89 20.37 -28.20
C LEU E 468 -45.23 20.90 -28.68
N GLY E 469 -45.73 22.01 -28.13
CA GLY E 469 -45.10 22.80 -27.04
C GLY E 469 -45.74 22.47 -25.70
N PHE E 470 -44.94 22.05 -24.73
CA PHE E 470 -45.44 21.74 -23.39
C PHE E 470 -44.87 22.80 -22.46
N GLU E 471 -45.72 23.43 -21.66
CA GLU E 471 -45.30 24.54 -20.81
C GLU E 471 -43.97 24.19 -20.11
N THR E 472 -43.06 25.15 -20.15
CA THR E 472 -41.72 24.96 -19.57
C THR E 472 -41.90 24.75 -18.06
N SER E 473 -41.34 23.66 -17.55
CA SER E 473 -41.40 23.37 -16.11
C SER E 473 -40.03 23.17 -15.51
N ALA E 474 -39.81 23.81 -14.37
CA ALA E 474 -38.51 23.81 -13.72
C ALA E 474 -38.74 23.19 -12.36
N PHE E 475 -37.65 22.91 -11.67
CA PHE E 475 -37.69 22.27 -10.34
C PHE E 475 -38.54 23.12 -9.42
N LYS E 476 -39.56 22.52 -8.82
CA LYS E 476 -40.48 23.25 -7.96
C LYS E 476 -40.43 22.70 -6.55
N LEU E 477 -40.51 23.59 -5.57
CA LEU E 477 -40.59 23.19 -4.17
C LEU E 477 -42.01 23.41 -3.70
N THR E 478 -42.82 22.35 -3.86
CA THR E 478 -44.23 22.38 -3.51
C THR E 478 -44.36 22.37 -2.02
N THR E 479 -45.51 22.81 -1.49
CA THR E 479 -45.70 22.84 -0.05
C THR E 479 -45.72 21.43 0.53
N GLU E 480 -46.16 20.47 -0.27
CA GLU E 480 -46.14 19.07 0.12
C GLU E 480 -44.72 18.60 0.46
N PHE E 481 -43.74 19.06 -0.31
CA PHE E 481 -42.32 18.81 -0.02
C PHE E 481 -41.85 19.57 1.21
N VAL E 482 -42.26 20.82 1.33
CA VAL E 482 -41.84 21.66 2.43
C VAL E 482 -42.40 21.12 3.74
N ASP E 483 -43.57 20.50 3.64
CA ASP E 483 -44.23 19.92 4.78
C ASP E 483 -43.41 18.74 5.34
N VAL E 484 -42.99 17.87 4.44
CA VAL E 484 -42.18 16.71 4.79
C VAL E 484 -40.91 17.18 5.48
N MET E 485 -40.41 18.35 5.08
CA MET E 485 -39.19 18.89 5.68
C MET E 485 -39.44 19.57 7.01
N GLY E 486 -40.69 19.65 7.45
CA GLY E 486 -41.04 20.27 8.72
C GLY E 486 -41.37 21.76 8.67
N GLY E 487 -41.48 22.33 7.48
CA GLY E 487 -41.96 23.71 7.32
C GLY E 487 -40.90 24.78 7.18
N LEU E 488 -41.32 25.95 6.72
CA LEU E 488 -40.39 27.02 6.33
C LEU E 488 -39.55 27.48 7.48
N ASP E 489 -40.11 27.45 8.66
CA ASP E 489 -39.40 27.95 9.82
C ASP E 489 -38.56 26.82 10.44
N GLY E 490 -38.70 25.62 9.88
CA GLY E 490 -38.00 24.43 10.39
C GLY E 490 -36.50 24.48 10.28
N ASP E 491 -35.85 23.77 11.21
CA ASP E 491 -34.39 23.59 11.20
C ASP E 491 -33.93 22.75 10.01
N MET E 492 -34.66 21.68 9.71
CA MET E 492 -34.28 20.81 8.57
C MET E 492 -34.44 21.54 7.27
N PHE E 493 -35.36 22.50 7.22
CA PHE E 493 -35.53 23.30 6.01
C PHE E 493 -34.39 24.29 5.85
N ASN E 494 -34.05 24.98 6.94
CA ASN E 494 -32.85 25.80 6.96
C ASN E 494 -31.65 25.02 6.56
N TYR E 495 -31.58 23.77 7.00
CA TYR E 495 -30.46 22.91 6.64
C TYR E 495 -30.44 22.64 5.14
N TYR E 496 -31.60 22.47 4.54
CA TYR E 496 -31.73 22.28 3.09
C TYR E 496 -31.07 23.44 2.33
N LYS E 497 -31.29 24.64 2.81
CA LYS E 497 -30.67 25.81 2.20
C LYS E 497 -29.18 25.78 2.42
N MET E 498 -28.79 25.31 3.59
CA MET E 498 -27.41 25.28 4.01
C MET E 498 -26.65 24.34 3.09
N LEU E 499 -27.29 23.24 2.78
CA LEU E 499 -26.70 22.24 1.93
C LEU E 499 -26.53 22.77 0.55
N MET E 500 -27.53 23.50 0.09
CA MET E 500 -27.49 24.06 -1.26
C MET E 500 -26.31 25.00 -1.43
N LEU E 501 -26.14 25.93 -0.50
CA LEU E 501 -24.98 26.82 -0.49
C LEU E 501 -23.70 26.01 -0.47
N GLN E 502 -23.60 25.09 0.49
CA GLN E 502 -22.42 24.24 0.61
C GLN E 502 -22.07 23.54 -0.72
N GLY E 503 -23.07 22.94 -1.35
CA GLY E 503 -22.87 22.18 -2.58
C GLY E 503 -22.53 23.05 -3.78
N LEU E 504 -22.98 24.29 -3.72
CA LEU E 504 -22.68 25.25 -4.76
C LEU E 504 -21.24 25.69 -4.61
N ILE E 505 -20.83 26.00 -3.37
CA ILE E 505 -19.47 26.44 -3.13
C ILE E 505 -18.52 25.34 -3.54
N ALA E 506 -18.92 24.10 -3.31
CA ALA E 506 -18.12 22.95 -3.68
C ALA E 506 -18.01 22.87 -5.20
N ALA E 507 -19.14 23.01 -5.86
CA ALA E 507 -19.21 22.89 -7.32
C ALA E 507 -18.30 23.90 -8.01
N ARG E 508 -18.33 25.14 -7.52
CA ARG E 508 -17.52 26.21 -8.08
C ARG E 508 -16.05 25.88 -8.02
N LYS E 509 -15.63 25.22 -6.96
CA LYS E 509 -14.24 24.81 -6.83
C LYS E 509 -13.78 23.75 -7.84
N HIS E 510 -14.69 23.15 -8.60
CA HIS E 510 -14.35 22.07 -9.51
C HIS E 510 -15.11 22.24 -10.79
N MET E 511 -15.52 23.48 -11.03
CA MET E 511 -16.31 23.81 -12.18
C MET E 511 -15.82 23.27 -13.52
N ASP E 512 -14.52 23.28 -13.75
CA ASP E 512 -13.96 22.92 -15.06
C ASP E 512 -14.22 21.45 -15.40
N LYS E 513 -14.18 20.60 -14.37
CA LYS E 513 -14.48 19.19 -14.49
C LYS E 513 -15.91 18.95 -14.98
N VAL E 514 -16.83 19.81 -14.56
CA VAL E 514 -18.22 19.66 -14.99
C VAL E 514 -18.36 20.16 -16.40
N VAL E 515 -17.97 21.41 -16.63
CA VAL E 515 -18.11 22.07 -17.92
C VAL E 515 -17.45 21.26 -18.99
N GLN E 516 -16.30 20.72 -18.66
CA GLN E 516 -15.55 19.92 -19.57
C GLN E 516 -16.41 18.85 -20.22
N ILE E 517 -17.15 18.10 -19.40
CA ILE E 517 -17.97 16.99 -19.86
C ILE E 517 -18.96 17.42 -20.91
N VAL E 518 -19.59 18.56 -20.68
CA VAL E 518 -20.61 19.05 -21.59
C VAL E 518 -19.96 19.60 -22.82
N GLU E 519 -18.91 20.38 -22.61
CA GLU E 519 -18.40 21.22 -23.68
C GLU E 519 -17.75 20.36 -24.76
N ILE E 520 -17.10 19.27 -24.36
CA ILE E 520 -16.52 18.32 -25.30
C ILE E 520 -17.61 17.58 -26.10
N MET E 521 -18.71 17.24 -25.45
CA MET E 521 -19.84 16.56 -26.09
C MET E 521 -20.59 17.44 -27.07
N GLN E 522 -20.45 18.74 -26.92
CA GLN E 522 -21.12 19.68 -27.81
C GLN E 522 -20.53 19.70 -29.24
N GLN E 523 -19.32 19.18 -29.36
CA GLN E 523 -18.45 19.42 -30.49
C GLN E 523 -19.03 19.25 -31.90
N GLY E 524 -19.53 18.08 -32.25
CA GLY E 524 -20.16 17.93 -33.56
C GLY E 524 -21.61 17.54 -33.45
N SER E 525 -22.33 18.15 -32.51
CA SER E 525 -23.56 17.59 -31.97
C SER E 525 -24.78 18.27 -32.51
N GLN E 526 -25.78 17.47 -32.85
CA GLN E 526 -27.04 17.95 -33.37
C GLN E 526 -28.10 17.88 -32.24
N LEU E 527 -27.68 17.53 -31.02
CA LEU E 527 -28.62 17.32 -29.90
C LEU E 527 -29.32 18.61 -29.47
N PRO E 528 -30.62 18.52 -29.18
CA PRO E 528 -31.44 19.67 -28.78
C PRO E 528 -30.91 20.44 -27.62
N CYS E 529 -30.15 19.80 -26.72
CA CYS E 529 -29.61 20.47 -25.53
C CYS E 529 -28.54 21.48 -25.91
N PHE E 530 -28.01 21.38 -27.13
CA PHE E 530 -27.08 22.37 -27.68
C PHE E 530 -27.79 23.25 -28.72
N HIS E 531 -29.10 23.41 -28.60
CA HIS E 531 -29.93 24.09 -29.61
C HIS E 531 -29.45 25.52 -29.92
N GLY E 532 -28.70 26.12 -28.99
CA GLY E 532 -27.99 27.38 -29.23
C GLY E 532 -26.46 27.43 -29.34
N SER E 533 -25.97 28.63 -29.66
CA SER E 533 -24.65 29.05 -29.18
C SER E 533 -24.87 29.43 -27.72
N SER E 534 -23.79 29.67 -26.98
CA SER E 534 -23.91 30.17 -25.59
C SER E 534 -24.45 29.18 -24.50
N THR E 535 -24.61 27.94 -24.90
CA THR E 535 -24.96 26.86 -23.99
C THR E 535 -23.91 26.77 -22.89
N ILE E 536 -22.65 26.70 -23.30
CA ILE E 536 -21.55 26.58 -22.37
C ILE E 536 -21.37 27.88 -21.59
N ARG E 537 -21.59 29.01 -22.23
CA ARG E 537 -21.40 30.29 -21.59
C ARG E 537 -22.43 30.46 -20.50
N ASN E 538 -23.67 30.06 -20.79
CA ASN E 538 -24.72 30.13 -19.80
C ASN E 538 -24.44 29.16 -18.68
N LEU E 539 -23.93 27.99 -19.03
CA LEU E 539 -23.60 27.00 -18.02
C LEU E 539 -22.61 27.57 -17.00
N LYS E 540 -21.59 28.25 -17.51
CA LYS E 540 -20.54 28.84 -16.66
C LYS E 540 -21.04 29.99 -15.80
N GLU E 541 -21.92 30.80 -16.39
CA GLU E 541 -22.51 31.91 -15.69
C GLU E 541 -23.26 31.39 -14.45
N ARG E 542 -23.81 30.18 -14.58
CA ARG E 542 -24.61 29.59 -13.51
C ARG E 542 -23.77 29.13 -12.32
N PHE E 543 -22.48 29.02 -12.51
CA PHE E 543 -21.59 28.77 -11.39
C PHE E 543 -21.25 30.05 -10.61
N HIS E 544 -21.52 31.21 -11.19
CA HIS E 544 -21.26 32.50 -10.53
C HIS E 544 -19.87 32.60 -9.89
N MET E 545 -18.85 32.29 -10.67
CA MET E 545 -17.43 32.28 -10.20
C MET E 545 -16.95 33.60 -9.63
N SER E 546 -17.51 34.71 -10.10
CA SER E 546 -17.12 36.03 -9.60
C SER E 546 -17.62 36.33 -8.21
N MET E 547 -18.69 35.65 -7.79
CA MET E 547 -19.42 36.07 -6.60
C MET E 547 -18.63 35.79 -5.33
N THR E 548 -18.85 36.68 -4.36
CA THR E 548 -18.39 36.44 -2.99
C THR E 548 -19.39 35.52 -2.34
N GLU E 549 -18.99 34.85 -1.29
CA GLU E 549 -19.86 33.88 -0.63
C GLU E 549 -21.14 34.49 -0.10
N GLU E 550 -20.99 35.69 0.47
CA GLU E 550 -22.13 36.45 0.98
C GLU E 550 -23.13 36.68 -0.16
N GLN E 551 -22.61 36.91 -1.35
CA GLN E 551 -23.43 37.00 -2.57
C GLN E 551 -24.11 35.71 -2.98
N LEU E 552 -23.42 34.61 -2.74
CA LEU E 552 -23.85 33.28 -3.15
C LEU E 552 -24.96 32.80 -2.20
N GLN E 553 -24.84 33.18 -0.94
CA GLN E 553 -25.90 32.97 0.03
C GLN E 553 -27.22 33.63 -0.37
N LEU E 554 -27.13 34.84 -0.89
CA LEU E 554 -28.33 35.56 -1.34
C LEU E 554 -28.89 34.93 -2.60
N LEU E 555 -28.02 34.41 -3.45
CA LEU E 555 -28.48 33.72 -4.68
C LEU E 555 -29.27 32.43 -4.35
N VAL E 556 -28.83 31.72 -3.32
CA VAL E 556 -29.54 30.51 -2.90
C VAL E 556 -30.93 30.86 -2.42
N GLU E 557 -31.03 31.94 -1.66
CA GLU E 557 -32.32 32.38 -1.16
C GLU E 557 -33.28 32.72 -2.30
N GLN E 558 -32.81 33.49 -3.28
CA GLN E 558 -33.70 33.88 -4.40
C GLN E 558 -34.05 32.65 -5.23
N MET E 559 -33.09 31.73 -5.31
CA MET E 559 -33.31 30.41 -5.91
C MET E 559 -34.44 29.62 -5.21
N VAL E 560 -34.40 29.58 -3.88
CA VAL E 560 -35.43 28.85 -3.12
C VAL E 560 -36.77 29.56 -3.20
N ASP E 561 -36.75 30.87 -2.99
CA ASP E 561 -37.94 31.70 -3.13
C ASP E 561 -38.58 31.46 -4.49
N GLY E 562 -37.74 31.41 -5.52
CA GLY E 562 -38.21 31.12 -6.87
C GLY E 562 -38.83 29.75 -7.01
N SER E 563 -38.31 28.77 -6.26
CA SER E 563 -38.77 27.40 -6.41
C SER E 563 -40.17 27.25 -5.85
N MET E 564 -40.56 28.18 -4.99
CA MET E 564 -41.85 28.12 -4.33
C MET E 564 -42.94 28.90 -5.05
N ARG E 565 -42.56 29.99 -5.73
CA ARG E 565 -43.49 30.79 -6.55
C ARG E 565 -44.03 29.98 -7.70
N SER E 566 -43.20 29.13 -8.29
CA SER E 566 -43.63 28.24 -9.33
C SER E 566 -43.96 29.02 -10.59
N ASP F 9 42.17 27.50 -24.16
CA ASP F 9 43.04 28.36 -25.03
C ASP F 9 42.64 28.15 -26.50
N GLU F 10 43.56 27.58 -27.31
CA GLU F 10 43.32 27.29 -28.72
C GLU F 10 42.69 25.93 -28.88
N TYR F 11 41.74 25.79 -29.77
CA TYR F 11 41.20 24.47 -29.99
C TYR F 11 42.10 23.79 -30.97
N ASP F 12 42.10 22.46 -30.95
CA ASP F 12 42.83 21.70 -31.95
C ASP F 12 41.96 21.46 -33.16
N TYR F 13 40.65 21.54 -32.97
CA TYR F 13 39.73 21.29 -34.05
C TYR F 13 38.41 22.05 -33.89
N LEU F 14 37.79 22.36 -35.02
CA LEU F 14 36.46 22.96 -35.07
C LEU F 14 35.60 22.05 -35.91
N PHE F 15 34.67 21.33 -35.27
CA PHE F 15 33.80 20.40 -35.97
C PHE F 15 32.45 21.01 -36.23
N LYS F 16 32.11 21.19 -37.50
CA LYS F 16 30.82 21.71 -37.89
C LYS F 16 29.84 20.55 -38.09
N VAL F 17 28.76 20.56 -37.32
CA VAL F 17 27.75 19.51 -37.35
C VAL F 17 26.38 20.11 -37.60
N VAL F 18 25.59 19.43 -38.40
CA VAL F 18 24.23 19.85 -38.68
C VAL F 18 23.25 18.88 -38.07
N LEU F 19 22.09 19.37 -37.66
CA LEU F 19 20.94 18.53 -37.30
C LEU F 19 19.86 18.66 -38.36
N ILE F 20 19.48 17.55 -38.99
CA ILE F 20 18.47 17.58 -40.03
C ILE F 20 17.40 16.56 -39.73
N GLY F 21 16.23 16.74 -40.35
CA GLY F 21 15.11 15.82 -40.18
C GLY F 21 13.78 16.48 -40.45
N ASP F 22 12.71 15.69 -40.50
CA ASP F 22 11.38 16.25 -40.70
C ASP F 22 11.04 17.21 -39.57
N SER F 23 10.14 18.13 -39.86
CA SER F 23 9.70 19.09 -38.88
C SER F 23 8.95 18.34 -37.79
N GLY F 24 9.28 18.59 -36.54
CA GLY F 24 8.52 18.06 -35.43
C GLY F 24 9.22 16.95 -34.70
N VAL F 25 10.32 16.45 -35.26
CA VAL F 25 10.94 15.24 -34.70
C VAL F 25 11.70 15.49 -33.39
N GLY F 26 12.11 16.73 -33.12
CA GLY F 26 12.79 17.06 -31.85
C GLY F 26 14.23 17.57 -31.90
N LYS F 27 14.64 18.04 -33.08
CA LYS F 27 15.99 18.57 -33.29
C LYS F 27 16.32 19.69 -32.32
N SER F 28 15.41 20.64 -32.19
CA SER F 28 15.70 21.83 -31.40
C SER F 28 15.81 21.46 -29.90
N ASN F 29 15.07 20.42 -29.49
CA ASN F 29 15.14 19.91 -28.10
C ASN F 29 16.31 18.99 -27.84
N LEU F 30 16.71 18.20 -28.82
CA LEU F 30 17.98 17.53 -28.73
C LEU F 30 19.08 18.56 -28.45
N LEU F 31 19.11 19.63 -29.24
CA LEU F 31 20.11 20.69 -29.10
C LEU F 31 19.99 21.40 -27.77
N SER F 32 18.77 21.64 -27.29
CA SER F 32 18.59 22.38 -26.02
C SER F 32 18.88 21.48 -24.85
N ARG F 33 18.58 20.21 -25.02
CA ARG F 33 18.93 19.21 -24.02
C ARG F 33 20.44 19.16 -23.93
N PHE F 34 21.08 18.94 -25.07
CA PHE F 34 22.52 18.77 -25.13
C PHE F 34 23.32 19.99 -24.69
N THR F 35 22.86 21.19 -25.02
CA THR F 35 23.67 22.36 -24.71
C THR F 35 23.25 23.09 -23.45
N ARG F 36 22.00 23.02 -23.03
CA ARG F 36 21.57 23.70 -21.77
C ARG F 36 20.85 22.79 -20.80
N ASN F 37 20.79 21.52 -21.15
CA ASN F 37 20.08 20.54 -20.38
C ASN F 37 18.65 20.97 -20.08
N GLU F 38 17.95 21.35 -21.16
CA GLU F 38 16.56 21.84 -21.07
C GLU F 38 15.73 21.20 -22.15
N PHE F 39 14.46 21.05 -21.86
CA PHE F 39 13.50 20.49 -22.80
C PHE F 39 12.17 21.24 -22.72
N ASN F 40 11.41 21.19 -23.80
CA ASN F 40 10.09 21.78 -23.77
C ASN F 40 9.04 21.14 -24.69
N LEU F 41 7.87 20.89 -24.12
CA LEU F 41 6.72 20.39 -24.86
C LEU F 41 6.14 21.42 -25.83
N GLU F 42 6.06 22.66 -25.39
CA GLU F 42 5.62 23.75 -26.25
C GLU F 42 6.76 24.05 -27.17
N SER F 43 6.44 24.35 -28.42
CA SER F 43 7.47 24.43 -29.45
C SER F 43 7.39 25.67 -30.30
N LYS F 44 8.53 26.10 -30.79
CA LYS F 44 8.59 27.15 -31.76
C LYS F 44 9.20 26.51 -32.99
N SER F 45 8.52 26.56 -34.11
CA SER F 45 9.16 26.15 -35.34
C SER F 45 10.47 26.90 -35.50
N THR F 46 11.49 26.18 -35.94
CA THR F 46 12.80 26.76 -36.15
C THR F 46 12.74 27.49 -37.47
N ILE F 47 13.05 28.77 -37.45
CA ILE F 47 13.02 29.57 -38.67
C ILE F 47 14.39 29.61 -39.31
N GLY F 48 14.57 28.77 -40.34
CA GLY F 48 15.81 28.73 -41.08
C GLY F 48 16.84 27.89 -40.38
N VAL F 49 17.54 28.50 -39.43
CA VAL F 49 18.66 27.87 -38.76
C VAL F 49 18.84 28.43 -37.36
N GLU F 50 19.31 27.59 -36.43
CA GLU F 50 19.74 28.07 -35.11
C GLU F 50 21.11 27.50 -34.71
N PHE F 51 21.86 28.28 -33.94
CA PHE F 51 23.26 27.98 -33.68
C PHE F 51 23.51 27.71 -32.22
N ALA F 52 24.23 26.63 -31.95
CA ALA F 52 24.70 26.41 -30.61
C ALA F 52 26.02 25.66 -30.66
N THR F 53 26.79 25.83 -29.59
CA THR F 53 28.15 25.37 -29.57
C THR F 53 28.52 24.73 -28.25
N ARG F 54 29.38 23.73 -28.33
CA ARG F 54 29.86 23.05 -27.15
C ARG F 54 31.22 22.39 -27.44
N SER F 55 32.12 22.53 -26.47
CA SER F 55 33.48 22.06 -26.60
C SER F 55 33.66 20.80 -25.77
N ILE F 56 34.38 19.83 -26.33
CA ILE F 56 34.71 18.64 -25.58
C ILE F 56 36.17 18.25 -25.80
N GLN F 57 36.63 17.28 -25.03
CA GLN F 57 38.01 16.80 -25.12
C GLN F 57 38.03 15.32 -25.49
N VAL F 58 38.74 15.00 -26.57
CA VAL F 58 38.95 13.63 -26.98
C VAL F 58 40.44 13.34 -27.10
N ASP F 59 40.89 12.25 -26.46
CA ASP F 59 42.30 11.82 -26.47
C ASP F 59 43.24 13.00 -26.15
N GLY F 60 42.80 13.87 -25.25
CA GLY F 60 43.59 15.04 -24.85
C GLY F 60 43.63 16.18 -25.86
N LYS F 61 42.69 16.21 -26.80
CA LYS F 61 42.61 17.33 -27.75
C LYS F 61 41.29 18.08 -27.57
N THR F 62 41.38 19.41 -27.50
CA THR F 62 40.20 20.25 -27.34
C THR F 62 39.50 20.44 -28.72
N ILE F 63 38.28 19.93 -28.84
CA ILE F 63 37.45 20.07 -30.03
C ILE F 63 36.22 20.93 -29.75
N LYS F 64 36.11 22.08 -30.43
CA LYS F 64 34.86 22.86 -30.36
C LYS F 64 33.88 22.44 -31.45
N ALA F 65 32.66 22.07 -31.02
CA ALA F 65 31.65 21.63 -31.94
C ALA F 65 30.75 22.79 -32.22
N GLN F 66 30.48 23.03 -33.49
CA GLN F 66 29.54 24.05 -33.93
C GLN F 66 28.31 23.40 -34.56
N ILE F 67 27.18 23.42 -33.83
CA ILE F 67 25.98 22.70 -34.24
C ILE F 67 25.00 23.66 -34.87
N TRP F 68 24.50 23.24 -36.02
CA TRP F 68 23.51 24.01 -36.71
C TRP F 68 22.22 23.22 -36.72
N ASP F 69 21.22 23.77 -36.02
CA ASP F 69 19.88 23.23 -35.93
C ASP F 69 19.11 23.77 -37.13
N THR F 70 18.94 22.93 -38.15
CA THR F 70 18.32 23.35 -39.40
C THR F 70 16.82 23.19 -39.19
N ALA F 71 16.02 23.73 -40.10
CA ALA F 71 14.57 23.62 -39.99
C ALA F 71 13.99 22.56 -40.94
N GLY F 72 13.10 21.72 -40.41
CA GLY F 72 12.49 20.61 -41.18
C GLY F 72 11.41 21.08 -42.14
N LEU F 73 10.79 22.21 -41.81
CA LEU F 73 9.78 22.82 -42.68
C LEU F 73 10.40 23.20 -44.02
N GLU F 74 9.58 23.07 -45.06
CA GLU F 74 10.05 23.17 -46.44
C GLU F 74 10.27 24.61 -46.89
N ARG F 75 9.45 25.52 -46.37
CA ARG F 75 9.65 26.98 -46.53
C ARG F 75 11.12 27.37 -46.52
N TYR F 76 11.88 26.72 -45.64
CA TYR F 76 13.28 27.10 -45.35
C TYR F 76 14.33 26.14 -45.91
N ARG F 77 13.95 25.16 -46.73
CA ARG F 77 14.91 24.09 -47.11
C ARG F 77 15.96 24.57 -48.11
N ALA F 78 15.67 25.65 -48.80
CA ALA F 78 16.65 26.31 -49.66
C ALA F 78 17.82 26.86 -48.84
N ILE F 79 17.51 27.33 -47.64
CA ILE F 79 18.48 28.04 -46.80
C ILE F 79 19.23 27.14 -45.86
N THR F 80 18.60 26.04 -45.46
CA THR F 80 19.26 25.07 -44.58
C THR F 80 20.39 24.40 -45.34
N SER F 81 20.10 24.00 -46.59
CA SER F 81 21.09 23.32 -47.44
C SER F 81 22.36 24.15 -47.66
N ALA F 82 22.23 25.48 -47.56
CA ALA F 82 23.41 26.35 -47.56
C ALA F 82 24.43 25.91 -46.52
N TYR F 83 23.92 25.56 -45.34
CA TYR F 83 24.74 25.23 -44.16
C TYR F 83 25.30 23.80 -44.14
N TYR F 84 24.87 22.94 -45.06
CA TYR F 84 25.45 21.58 -45.19
C TYR F 84 26.90 21.64 -45.62
N ARG F 85 27.27 22.75 -46.26
CA ARG F 85 28.60 23.03 -46.78
C ARG F 85 29.73 22.82 -45.76
N GLY F 86 30.62 21.87 -46.05
CA GLY F 86 31.78 21.61 -45.23
C GLY F 86 31.54 21.11 -43.81
N ALA F 87 30.38 20.53 -43.56
CA ALA F 87 30.07 20.00 -42.23
C ALA F 87 30.66 18.61 -42.14
N VAL F 88 31.32 18.30 -41.02
CA VAL F 88 31.97 17.00 -40.84
C VAL F 88 31.03 15.94 -40.35
N GLY F 89 29.96 16.37 -39.68
CA GLY F 89 28.98 15.45 -39.09
C GLY F 89 27.53 15.90 -39.18
N ALA F 90 26.62 14.93 -39.24
CA ALA F 90 25.19 15.20 -39.30
C ALA F 90 24.40 14.20 -38.48
N LEU F 91 23.56 14.71 -37.58
CA LEU F 91 22.53 13.92 -36.92
C LEU F 91 21.26 14.00 -37.72
N LEU F 92 20.89 12.86 -38.28
CA LEU F 92 19.69 12.75 -39.12
C LEU F 92 18.61 12.21 -38.19
N VAL F 93 17.59 13.00 -37.93
CA VAL F 93 16.64 12.63 -36.88
C VAL F 93 15.26 12.35 -37.38
N TYR F 94 14.66 11.31 -36.80
CA TYR F 94 13.26 10.98 -37.04
C TYR F 94 12.54 10.73 -35.69
N ASP F 95 11.21 10.85 -35.71
CA ASP F 95 10.36 10.58 -34.54
C ASP F 95 9.91 9.12 -34.53
N ILE F 96 10.37 8.35 -33.54
CA ILE F 96 9.99 6.93 -33.44
C ILE F 96 8.49 6.68 -33.43
N ALA F 97 7.72 7.68 -33.00
CA ALA F 97 6.27 7.54 -32.86
C ALA F 97 5.49 8.02 -34.08
N LYS F 98 6.18 8.50 -35.12
CA LYS F 98 5.48 8.92 -36.33
C LYS F 98 6.16 8.34 -37.55
N HIS F 99 5.62 7.23 -38.06
CA HIS F 99 6.26 6.44 -39.12
C HIS F 99 6.70 7.23 -40.36
N LEU F 100 5.88 8.16 -40.81
CA LEU F 100 6.21 8.98 -41.99
C LEU F 100 7.59 9.66 -41.90
N THR F 101 7.95 10.14 -40.70
CA THR F 101 9.25 10.81 -40.47
C THR F 101 10.41 9.87 -40.73
N TYR F 102 10.21 8.58 -40.44
CA TYR F 102 11.18 7.52 -40.73
C TYR F 102 11.23 7.24 -42.22
N GLU F 103 10.08 7.29 -42.88
CA GLU F 103 10.03 7.00 -44.31
C GLU F 103 10.88 8.00 -45.06
N ASN F 104 10.85 9.25 -44.61
CA ASN F 104 11.58 10.34 -45.29
C ASN F 104 13.08 10.38 -45.02
N VAL F 105 13.60 9.45 -44.23
CA VAL F 105 15.03 9.40 -43.94
C VAL F 105 15.87 9.19 -45.22
N GLU F 106 15.28 8.53 -46.21
CA GLU F 106 15.98 8.32 -47.49
C GLU F 106 16.06 9.62 -48.26
N ARG F 107 14.99 10.41 -48.21
CA ARG F 107 14.85 11.66 -48.95
C ARG F 107 15.82 12.66 -48.31
N TRP F 108 16.03 12.47 -47.01
CA TRP F 108 16.94 13.33 -46.26
C TRP F 108 18.38 12.99 -46.51
N LEU F 109 18.65 11.81 -47.08
CA LEU F 109 20.01 11.44 -47.47
C LEU F 109 20.34 11.77 -48.92
N LYS F 110 19.29 11.83 -49.77
CA LYS F 110 19.45 12.33 -51.13
C LYS F 110 19.70 13.84 -51.08
N GLU F 111 18.87 14.57 -50.33
CA GLU F 111 19.01 16.00 -50.17
C GLU F 111 20.31 16.23 -49.42
N LEU F 112 20.82 15.19 -48.79
CA LEU F 112 22.03 15.26 -48.00
C LEU F 112 23.14 15.70 -48.88
N ARG F 113 23.53 14.86 -49.83
CA ARG F 113 24.64 15.15 -50.75
C ARG F 113 24.33 15.34 -52.21
N ASP F 114 23.30 16.13 -52.39
CA ASP F 114 23.28 17.04 -53.49
C ASP F 114 24.00 18.28 -53.01
N HIS F 115 23.91 18.52 -51.70
CA HIS F 115 24.35 19.79 -51.14
C HIS F 115 25.43 19.67 -50.08
N ALA F 116 26.08 18.52 -49.92
CA ALA F 116 27.02 18.32 -48.80
C ALA F 116 28.18 17.39 -49.09
N ASP F 117 29.24 17.50 -48.28
CA ASP F 117 30.47 16.69 -48.39
C ASP F 117 30.14 15.20 -48.50
N SER F 118 30.77 14.53 -49.47
CA SER F 118 30.46 13.17 -49.89
C SER F 118 31.04 12.05 -49.01
N ASN F 119 31.91 12.40 -48.06
CA ASN F 119 32.33 11.44 -47.01
C ASN F 119 32.21 12.09 -45.62
N ILE F 120 30.96 12.38 -45.29
CA ILE F 120 30.55 12.96 -44.01
C ILE F 120 30.08 11.85 -43.07
N VAL F 121 30.30 12.05 -41.77
CA VAL F 121 29.87 11.11 -40.73
C VAL F 121 28.42 11.33 -40.31
N ILE F 122 27.61 10.28 -40.39
CA ILE F 122 26.18 10.41 -40.09
C ILE F 122 25.74 9.47 -38.99
N MET F 123 24.94 10.02 -38.08
CA MET F 123 24.24 9.28 -37.08
C MET F 123 22.73 9.43 -37.32
N LEU F 124 22.06 8.29 -37.43
CA LEU F 124 20.60 8.24 -37.47
C LEU F 124 20.06 8.28 -36.03
N VAL F 125 19.04 9.08 -35.80
CA VAL F 125 18.49 9.23 -34.46
C VAL F 125 17.01 9.01 -34.46
N GLY F 126 16.59 8.00 -33.72
CA GLY F 126 15.18 7.81 -33.37
C GLY F 126 14.89 8.53 -32.06
N ASN F 127 14.12 9.61 -32.16
CA ASN F 127 13.83 10.43 -31.02
C ASN F 127 12.42 10.16 -30.51
N LYS F 128 12.19 10.57 -29.26
CA LYS F 128 10.94 10.36 -28.51
C LYS F 128 10.77 8.91 -28.10
N SER F 129 11.84 8.32 -27.58
CA SER F 129 11.76 6.93 -27.10
C SER F 129 10.84 6.80 -25.90
N ASP F 130 10.63 7.91 -25.19
CA ASP F 130 9.73 7.93 -24.04
C ASP F 130 8.28 7.61 -24.41
N LEU F 131 7.86 7.89 -25.64
CA LEU F 131 6.51 7.50 -26.12
C LEU F 131 6.44 6.01 -26.52
N ARG F 132 6.66 5.13 -25.54
CA ARG F 132 6.74 3.68 -25.76
C ARG F 132 5.53 3.14 -26.48
N HIS F 133 4.37 3.51 -25.96
CA HIS F 133 3.10 2.98 -26.42
C HIS F 133 2.66 3.51 -27.78
N LEU F 134 3.30 4.57 -28.27
CA LEU F 134 2.93 5.11 -29.57
C LEU F 134 3.90 4.69 -30.66
N ARG F 135 4.84 3.82 -30.30
CA ARG F 135 5.93 3.48 -31.23
C ARG F 135 5.46 2.96 -32.59
N ALA F 136 5.92 3.58 -33.66
CA ALA F 136 5.53 3.24 -35.02
C ALA F 136 6.71 2.76 -35.88
N VAL F 137 7.91 2.74 -35.29
CA VAL F 137 9.13 2.30 -35.98
C VAL F 137 9.92 1.40 -35.04
N PRO F 138 9.97 0.10 -35.37
CA PRO F 138 10.65 -0.82 -34.45
C PRO F 138 12.16 -0.61 -34.45
N THR F 139 12.78 -0.68 -33.28
CA THR F 139 14.23 -0.39 -33.11
C THR F 139 15.08 -1.23 -34.04
N ASP F 140 14.68 -2.48 -34.24
CA ASP F 140 15.42 -3.41 -35.09
C ASP F 140 15.39 -3.02 -36.55
N GLU F 141 14.22 -2.69 -37.08
CA GLU F 141 14.12 -2.27 -38.48
C GLU F 141 15.01 -1.08 -38.77
N ALA F 142 15.07 -0.14 -37.83
CA ALA F 142 15.83 1.09 -38.02
C ALA F 142 17.32 0.80 -38.07
N ARG F 143 17.82 0.11 -37.05
CA ARG F 143 19.25 -0.24 -36.95
C ARG F 143 19.72 -1.13 -38.11
N ALA F 144 18.80 -1.94 -38.65
CA ALA F 144 19.06 -2.68 -39.88
C ALA F 144 19.36 -1.74 -41.04
N PHE F 145 18.44 -0.82 -41.31
CA PHE F 145 18.62 0.21 -42.33
C PHE F 145 19.88 1.04 -42.04
N ALA F 146 20.20 1.23 -40.76
CA ALA F 146 21.32 2.08 -40.38
C ALA F 146 22.65 1.60 -40.94
N GLU F 147 22.97 0.33 -40.75
CA GLU F 147 24.28 -0.17 -41.19
C GLU F 147 24.28 -0.70 -42.63
N LYS F 148 23.11 -1.02 -43.18
CA LYS F 148 22.99 -1.25 -44.62
C LYS F 148 23.40 0.02 -45.37
N ASN F 149 23.23 1.17 -44.74
CA ASN F 149 23.60 2.45 -45.34
C ASN F 149 24.82 3.08 -44.69
N GLY F 150 25.52 2.31 -43.86
CA GLY F 150 26.75 2.80 -43.23
C GLY F 150 26.55 3.99 -42.31
N LEU F 151 25.47 3.96 -41.52
CA LEU F 151 25.16 5.02 -40.57
C LEU F 151 25.24 4.48 -39.16
N SER F 152 25.69 5.30 -38.21
CA SER F 152 25.55 4.94 -36.80
C SER F 152 24.14 5.30 -36.28
N PHE F 153 23.71 4.59 -35.22
CA PHE F 153 22.32 4.57 -34.81
C PHE F 153 22.17 4.60 -33.30
N ILE F 154 21.14 5.29 -32.85
CA ILE F 154 20.84 5.39 -31.43
C ILE F 154 19.41 5.89 -31.30
N GLU F 155 18.75 5.61 -30.18
CA GLU F 155 17.43 6.15 -29.90
C GLU F 155 17.52 7.07 -28.69
N THR F 156 16.93 8.24 -28.81
CA THR F 156 16.98 9.20 -27.74
C THR F 156 15.61 9.59 -27.23
N SER F 157 15.59 10.13 -26.02
CA SER F 157 14.45 10.92 -25.59
C SER F 157 15.01 12.24 -25.11
N ALA F 158 14.79 13.30 -25.87
CA ALA F 158 15.15 14.64 -25.42
C ALA F 158 14.39 15.00 -24.17
N LEU F 159 13.18 14.46 -24.05
CA LEU F 159 12.28 14.73 -22.90
C LEU F 159 12.79 14.21 -21.58
N ASP F 160 13.06 12.91 -21.52
CA ASP F 160 13.66 12.35 -20.30
C ASP F 160 15.19 12.45 -20.30
N SER F 161 15.78 12.79 -21.46
CA SER F 161 17.24 12.95 -21.67
C SER F 161 18.05 11.66 -22.00
N THR F 162 17.42 10.51 -21.98
CA THR F 162 18.08 9.27 -22.41
C THR F 162 18.90 9.41 -23.72
N ASN F 163 20.20 9.09 -23.64
CA ASN F 163 21.09 9.00 -24.79
C ASN F 163 21.42 10.25 -25.56
N VAL F 164 21.01 11.40 -25.08
CA VAL F 164 21.25 12.61 -25.84
C VAL F 164 22.73 12.93 -25.80
N GLU F 165 23.31 12.95 -24.61
CA GLU F 165 24.76 13.15 -24.49
C GLU F 165 25.49 12.08 -25.28
N ALA F 166 25.11 10.84 -25.07
CA ALA F 166 25.74 9.73 -25.75
C ALA F 166 25.73 9.94 -27.27
N ALA F 167 24.59 10.36 -27.79
CA ALA F 167 24.43 10.50 -29.24
C ALA F 167 25.48 11.47 -29.85
N PHE F 168 25.51 12.68 -29.31
CA PHE F 168 26.52 13.70 -29.68
C PHE F 168 27.94 13.23 -29.47
N GLN F 169 28.19 12.74 -28.25
CA GLN F 169 29.56 12.38 -27.87
C GLN F 169 30.11 11.19 -28.68
N THR F 170 29.22 10.31 -29.12
CA THR F 170 29.55 9.28 -30.09
C THR F 170 29.96 9.87 -31.43
N ILE F 171 29.12 10.72 -32.02
CA ILE F 171 29.38 11.18 -33.39
C ILE F 171 30.65 12.03 -33.45
N LEU F 172 30.93 12.77 -32.39
CA LEU F 172 32.12 13.63 -32.35
C LEU F 172 33.40 12.82 -32.24
N THR F 173 33.37 11.78 -31.41
CA THR F 173 34.55 10.89 -31.30
C THR F 173 34.74 10.13 -32.63
N GLU F 174 33.66 9.58 -33.19
CA GLU F 174 33.74 8.90 -34.46
C GLU F 174 34.47 9.80 -35.45
N ILE F 175 34.00 11.04 -35.54
CA ILE F 175 34.56 12.03 -36.44
C ILE F 175 36.01 12.22 -36.12
N TYR F 176 36.32 12.50 -34.88
CA TYR F 176 37.71 12.74 -34.54
C TYR F 176 38.71 11.62 -34.91
N ARG F 177 38.21 10.40 -35.13
CA ARG F 177 39.03 9.25 -35.55
C ARG F 177 38.74 8.76 -36.96
N ILE F 178 38.08 9.58 -37.77
CA ILE F 178 38.19 9.40 -39.20
C ILE F 178 39.26 10.39 -39.63
N VAL F 179 39.32 11.48 -38.87
CA VAL F 179 40.15 12.64 -39.16
C VAL F 179 41.62 12.47 -38.81
N SER F 180 41.93 11.83 -37.68
CA SER F 180 43.33 11.50 -37.37
C SER F 180 43.81 10.18 -38.02
N GLN F 181 42.90 9.34 -38.55
CA GLN F 181 43.30 8.11 -39.28
C GLN F 181 43.86 8.37 -40.67
N LYS F 182 43.07 9.07 -41.50
CA LYS F 182 43.46 9.46 -42.87
C LYS F 182 44.33 10.72 -42.91
N GLN F 183 44.50 11.37 -41.76
CA GLN F 183 45.69 12.18 -41.51
C GLN F 183 46.91 11.27 -41.75
N MET F 184 46.87 10.03 -41.25
CA MET F 184 47.93 9.01 -41.36
C MET F 184 47.67 7.97 -42.45
N SER F 185 46.46 7.94 -43.01
CA SER F 185 45.99 6.89 -43.92
C SER F 185 46.64 5.53 -43.64
#